data_5OEB
#
_entry.id   5OEB
#
_cell.length_a   100.878
_cell.length_b   102.859
_cell.length_c   103.029
_cell.angle_alpha   91.130
_cell.angle_beta   117.160
_cell.angle_gamma   119.170
#
_symmetry.space_group_name_H-M   'P 1'
#
loop_
_entity.id
_entity.type
_entity.pdbx_description
1 polymer 'Large subunit terminase'
2 non-polymer "ADENOSINE-5'-DIPHOSPHATE"
3 non-polymer 'MAGNESIUM ION'
4 water water
#
_entity_poly.entity_id   1
_entity_poly.type   'polypeptide(L)'
_entity_poly.pdbx_seq_one_letter_code
;GPAMKKLKPAPFYFQPFSKKQLKVLTWWRKASPVSDKDGIICDGSIRAGKTIVMSFSYVMWAMDTFNEQNFGMAGKTIGA
LRRNVITPLKRMLKSRGYRVKDHRADNYLTITFKGKTNYFYLFGGKDESSQDLIQGITLAGMFFDEVALMPESFVNQATA
RCSVDGAKLWFNCNPAGPYHWFKVEYLDKLDEKNLLHLHFTMDDNLSLSKQVKERYQRMYKGVFYQRYILGLWVLAEGII
YDMFDQDEHVVPTVPRPYEKYYVSCDYGTQNPTTFGLWGLYNGVWYKVKEYHYDGRKENKQKTDQEYYEDLMKFIEDIEK
HKFKGVIVDPSAASFIALLRQKGIKVIKAKNDVLDGIRNVATALNKKMILYNDCCKETFREYSSYVWDEKAAERGEDKPV
KQNDHQLDADRYFVNTILFG
;
_entity_poly.pdbx_strand_id   A,B,C,D,E,F
#
# COMPACT_ATOMS: atom_id res chain seq x y z
N PRO A 16 -17.23 -17.32 1.63
CA PRO A 16 -18.53 -17.42 0.93
C PRO A 16 -19.77 -16.69 1.48
N PHE A 17 -20.07 -15.52 0.87
CA PHE A 17 -21.41 -14.92 0.92
C PHE A 17 -22.49 -15.88 0.42
N SER A 18 -23.63 -15.90 1.11
CA SER A 18 -24.78 -16.70 0.70
C SER A 18 -25.48 -16.06 -0.50
N LYS A 19 -26.46 -16.76 -1.05
CA LYS A 19 -27.30 -16.24 -2.13
C LYS A 19 -27.97 -14.93 -1.73
N LYS A 20 -28.43 -14.85 -0.48
CA LYS A 20 -29.11 -13.65 0.02
C LYS A 20 -28.16 -12.49 0.30
N GLN A 21 -26.96 -12.80 0.81
CA GLN A 21 -25.93 -11.78 1.03
C GLN A 21 -25.51 -11.11 -0.29
N LEU A 22 -25.34 -11.93 -1.33
CA LEU A 22 -25.02 -11.43 -2.67
C LEU A 22 -26.08 -10.49 -3.25
N LYS A 23 -27.35 -10.77 -2.94
CA LYS A 23 -28.46 -9.89 -3.34
C LYS A 23 -28.30 -8.47 -2.76
N VAL A 24 -27.78 -8.35 -1.53
CA VAL A 24 -27.54 -7.05 -0.88
C VAL A 24 -26.37 -6.32 -1.56
N LEU A 25 -25.35 -7.07 -1.96
CA LEU A 25 -24.20 -6.53 -2.68
C LEU A 25 -24.53 -6.05 -4.11
N THR A 26 -25.54 -6.63 -4.75
CA THR A 26 -25.84 -6.39 -6.17
C THR A 26 -27.18 -5.75 -6.53
N TRP A 27 -28.13 -5.66 -5.60
CA TRP A 27 -29.46 -5.11 -5.91
C TRP A 27 -29.44 -3.75 -6.61
N TRP A 28 -28.49 -2.89 -6.21
CA TRP A 28 -28.37 -1.52 -6.72
C TRP A 28 -27.74 -1.41 -8.12
N ARG A 29 -26.88 -2.36 -8.49
CA ARG A 29 -26.22 -2.37 -9.80
C ARG A 29 -27.25 -2.35 -10.93
N LYS A 30 -26.97 -1.60 -12.00
CA LYS A 30 -27.93 -1.40 -13.11
C LYS A 30 -28.42 -2.71 -13.75
N ALA A 31 -27.52 -3.69 -13.80
CA ALA A 31 -27.81 -5.06 -14.27
C ALA A 31 -28.92 -5.79 -13.49
N SER A 32 -29.15 -5.41 -12.23
CA SER A 32 -30.21 -5.99 -11.40
C SER A 32 -31.61 -5.63 -11.90
N PRO A 33 -32.55 -6.60 -11.84
CA PRO A 33 -33.97 -6.33 -12.05
C PRO A 33 -34.58 -5.33 -11.06
N VAL A 34 -34.11 -5.34 -9.82
CA VAL A 34 -34.69 -4.54 -8.74
C VAL A 34 -33.92 -3.22 -8.45
N SER A 35 -33.05 -2.80 -9.38
CA SER A 35 -32.26 -1.57 -9.21
C SER A 35 -33.08 -0.27 -9.25
N ASP A 36 -34.29 -0.33 -9.80
CA ASP A 36 -35.20 0.82 -9.81
C ASP A 36 -35.70 1.22 -8.41
N LYS A 37 -35.67 0.28 -7.46
CA LYS A 37 -36.17 0.53 -6.10
C LYS A 37 -35.38 1.63 -5.37
N ASP A 38 -36.09 2.43 -4.58
CA ASP A 38 -35.51 3.59 -3.89
C ASP A 38 -34.69 3.26 -2.64
N GLY A 39 -34.59 1.97 -2.29
CA GLY A 39 -33.81 1.57 -1.14
C GLY A 39 -34.03 0.12 -0.75
N ILE A 40 -33.45 -0.27 0.37
CA ILE A 40 -33.47 -1.65 0.84
C ILE A 40 -33.64 -1.71 2.36
N ILE A 41 -34.37 -2.72 2.83
CA ILE A 41 -34.53 -3.02 4.25
C ILE A 41 -34.05 -4.44 4.50
N CYS A 42 -33.04 -4.60 5.36
CA CYS A 42 -32.63 -5.93 5.81
C CYS A 42 -32.94 -6.11 7.29
N ASP A 43 -34.08 -6.74 7.58
CA ASP A 43 -34.43 -7.17 8.93
C ASP A 43 -34.10 -8.66 9.10
N GLY A 44 -34.22 -9.17 10.31
CA GLY A 44 -33.97 -10.58 10.60
C GLY A 44 -33.20 -10.89 11.86
N SER A 45 -32.66 -12.09 11.90
CA SER A 45 -31.97 -12.61 13.09
C SER A 45 -30.62 -11.95 13.29
N ILE A 46 -30.08 -12.13 14.49
CA ILE A 46 -28.69 -11.77 14.78
C ILE A 46 -27.73 -12.76 14.13
N ARG A 47 -26.50 -12.28 13.90
CA ARG A 47 -25.43 -13.07 13.27
C ARG A 47 -25.83 -13.72 11.93
N ALA A 48 -26.60 -13.00 11.14
CA ALA A 48 -26.96 -13.41 9.80
C ALA A 48 -25.96 -12.88 8.77
N GLY A 49 -24.96 -12.12 9.22
CA GLY A 49 -23.96 -11.55 8.31
C GLY A 49 -24.52 -10.44 7.44
N LYS A 50 -25.51 -9.72 7.96
CA LYS A 50 -26.22 -8.70 7.19
C LYS A 50 -25.70 -7.29 7.42
N THR A 51 -25.26 -6.97 8.64
CA THR A 51 -24.71 -5.65 8.94
C THR A 51 -23.46 -5.36 8.11
N ILE A 52 -22.59 -6.36 7.97
CA ILE A 52 -21.30 -6.14 7.32
C ILE A 52 -21.39 -6.06 5.79
N VAL A 53 -22.18 -6.95 5.18
CA VAL A 53 -22.35 -6.92 3.71
C VAL A 53 -23.15 -5.71 3.26
N MET A 54 -24.13 -5.30 4.07
CA MET A 54 -24.95 -4.15 3.73
C MET A 54 -24.20 -2.83 3.91
N SER A 55 -23.33 -2.76 4.92
CA SER A 55 -22.42 -1.63 5.09
C SER A 55 -21.47 -1.50 3.90
N PHE A 56 -20.86 -2.62 3.52
CA PHE A 56 -19.93 -2.68 2.40
C PHE A 56 -20.58 -2.35 1.07
N SER A 57 -21.78 -2.88 0.83
CA SER A 57 -22.54 -2.59 -0.38
C SER A 57 -22.93 -1.11 -0.50
N TYR A 58 -23.24 -0.48 0.64
CA TYR A 58 -23.58 0.96 0.69
C TYR A 58 -22.43 1.82 0.19
N VAL A 59 -21.22 1.53 0.68
CA VAL A 59 -20.03 2.27 0.26
C VAL A 59 -19.75 1.99 -1.21
N MET A 60 -19.77 0.71 -1.60
CA MET A 60 -19.59 0.32 -3.00
C MET A 60 -20.54 1.12 -3.90
N TRP A 61 -21.84 1.01 -3.61
CA TRP A 61 -22.87 1.71 -4.34
C TRP A 61 -22.55 3.20 -4.44
N ALA A 62 -22.34 3.81 -3.28
CA ALA A 62 -22.07 5.26 -3.17
C ALA A 62 -20.86 5.70 -3.99
N MET A 63 -19.76 4.95 -3.89
CA MET A 63 -18.54 5.22 -4.64
C MET A 63 -18.77 5.13 -6.15
N ASP A 64 -19.40 4.03 -6.58
CA ASP A 64 -19.73 3.80 -7.99
C ASP A 64 -20.69 4.85 -8.58
N THR A 65 -21.75 5.18 -7.84
CA THR A 65 -22.85 5.96 -8.38
C THR A 65 -22.63 7.48 -8.33
N PHE A 66 -21.85 7.96 -7.37
CA PHE A 66 -21.62 9.40 -7.23
C PHE A 66 -20.15 9.78 -7.17
N ASN A 67 -19.90 11.09 -7.23
CA ASN A 67 -18.57 11.66 -7.00
C ASN A 67 -18.69 12.99 -6.26
N GLU A 68 -17.77 13.21 -5.30
CA GLU A 68 -17.75 14.40 -4.45
C GLU A 68 -19.11 14.70 -3.82
N GLN A 69 -19.73 13.66 -3.27
CA GLN A 69 -21.08 13.72 -2.70
C GLN A 69 -21.10 13.22 -1.26
N ASN A 70 -22.08 13.70 -0.49
CA ASN A 70 -22.20 13.37 0.93
C ASN A 70 -23.14 12.20 1.19
N PHE A 71 -22.78 11.38 2.17
CA PHE A 71 -23.58 10.23 2.60
C PHE A 71 -23.65 10.16 4.11
N GLY A 72 -24.74 9.59 4.61
CA GLY A 72 -24.98 9.47 6.04
C GLY A 72 -24.99 8.03 6.50
N MET A 73 -24.32 7.76 7.61
CA MET A 73 -24.37 6.45 8.28
C MET A 73 -24.78 6.70 9.72
N ALA A 74 -25.71 5.89 10.23
CA ALA A 74 -26.29 6.10 11.56
C ALA A 74 -26.39 4.83 12.39
N GLY A 75 -26.29 5.00 13.70
CA GLY A 75 -26.51 3.93 14.69
C GLY A 75 -27.32 4.48 15.86
N LYS A 76 -27.57 3.63 16.86
CA LYS A 76 -28.20 4.06 18.12
C LYS A 76 -27.38 5.19 18.76
N THR A 77 -26.06 5.05 18.72
CA THR A 77 -25.09 6.09 19.08
C THR A 77 -23.90 6.03 18.11
N ILE A 78 -23.13 7.11 18.02
CA ILE A 78 -21.97 7.14 17.11
C ILE A 78 -20.92 6.08 17.49
N GLY A 79 -20.77 5.83 18.79
CA GLY A 79 -19.86 4.80 19.29
C GLY A 79 -20.29 3.41 18.86
N ALA A 80 -21.57 3.10 19.10
CA ALA A 80 -22.17 1.83 18.69
C ALA A 80 -21.99 1.58 17.20
N LEU A 81 -22.28 2.61 16.41
CA LEU A 81 -22.11 2.58 14.95
C LEU A 81 -20.67 2.23 14.55
N ARG A 82 -19.70 2.80 15.25
CA ARG A 82 -18.29 2.53 14.97
C ARG A 82 -17.88 1.10 15.29
N ARG A 83 -18.26 0.63 16.47
CA ARG A 83 -17.89 -0.71 16.94
C ARG A 83 -18.58 -1.82 16.14
N ASN A 84 -19.88 -1.63 15.83
CA ASN A 84 -20.64 -2.59 15.01
C ASN A 84 -20.23 -2.56 13.54
N VAL A 85 -20.25 -1.36 12.96
CA VAL A 85 -20.21 -1.19 11.50
C VAL A 85 -18.86 -0.68 10.96
N ILE A 86 -18.42 0.50 11.39
CA ILE A 86 -17.30 1.21 10.73
C ILE A 86 -15.98 0.44 10.82
N THR A 87 -15.62 -0.01 12.02
CA THR A 87 -14.28 -0.58 12.26
C THR A 87 -13.96 -1.85 11.43
N PRO A 88 -14.93 -2.80 11.31
CA PRO A 88 -14.69 -3.89 10.36
C PRO A 88 -14.94 -3.49 8.89
N LEU A 89 -15.84 -2.53 8.65
CA LEU A 89 -16.05 -1.97 7.31
C LEU A 89 -14.76 -1.36 6.75
N LYS A 90 -14.05 -0.60 7.57
CA LYS A 90 -12.77 0.01 7.16
C LYS A 90 -11.69 -1.02 6.83
N ARG A 91 -11.63 -2.12 7.58
CA ARG A 91 -10.68 -3.19 7.26
C ARG A 91 -11.11 -3.88 5.96
N MET A 92 -12.42 -4.11 5.82
CA MET A 92 -12.97 -4.73 4.61
C MET A 92 -12.76 -3.85 3.36
N LEU A 93 -12.98 -2.55 3.50
CA LEU A 93 -12.76 -1.59 2.40
C LEU A 93 -11.29 -1.51 1.97
N LYS A 94 -10.38 -1.43 2.96
CA LYS A 94 -8.93 -1.40 2.70
C LYS A 94 -8.44 -2.67 1.97
N SER A 95 -9.01 -3.81 2.33
CA SER A 95 -8.70 -5.08 1.66
C SER A 95 -8.99 -5.00 0.16
N ARG A 96 -10.22 -4.61 -0.20
CA ARG A 96 -10.64 -4.51 -1.62
C ARG A 96 -10.01 -3.32 -2.38
N GLY A 97 -9.20 -2.49 -1.71
CA GLY A 97 -8.43 -1.44 -2.36
C GLY A 97 -9.06 -0.06 -2.35
N TYR A 98 -9.88 0.22 -1.33
CA TYR A 98 -10.45 1.55 -1.11
C TYR A 98 -9.55 2.27 -0.11
N ARG A 99 -9.13 3.50 -0.45
CA ARG A 99 -8.36 4.34 0.47
C ARG A 99 -9.34 5.08 1.38
N VAL A 100 -9.20 4.86 2.69
CA VAL A 100 -10.07 5.45 3.71
C VAL A 100 -9.28 6.39 4.61
N LYS A 101 -9.91 7.49 5.04
CA LYS A 101 -9.31 8.43 5.98
C LYS A 101 -10.35 8.89 6.99
N ASP A 102 -10.33 8.27 8.18
CA ASP A 102 -11.29 8.56 9.25
C ASP A 102 -10.91 9.91 9.89
N HIS A 103 -11.86 10.86 9.92
CA HIS A 103 -11.66 12.13 10.64
C HIS A 103 -12.41 12.05 11.97
N ARG A 104 -11.74 11.47 12.97
CA ARG A 104 -12.36 11.01 14.21
C ARG A 104 -13.25 12.08 14.88
N ALA A 105 -12.65 13.21 15.24
CA ALA A 105 -13.33 14.24 16.00
C ALA A 105 -14.49 14.87 15.23
N ASP A 106 -14.36 14.94 13.90
CA ASP A 106 -15.40 15.49 13.03
C ASP A 106 -16.55 14.53 12.73
N ASN A 107 -16.33 13.23 12.98
CA ASN A 107 -17.33 12.16 12.76
C ASN A 107 -17.77 12.07 11.31
N TYR A 108 -16.79 11.95 10.43
CA TYR A 108 -17.03 11.61 9.02
C TYR A 108 -15.76 11.03 8.45
N LEU A 109 -15.91 10.33 7.32
CA LEU A 109 -14.82 9.65 6.62
C LEU A 109 -14.78 10.16 5.19
N THR A 110 -13.59 10.12 4.57
CA THR A 110 -13.45 10.29 3.13
C THR A 110 -12.90 9.00 2.53
N ILE A 111 -13.75 8.34 1.75
CA ILE A 111 -13.37 7.13 1.03
C ILE A 111 -13.14 7.53 -0.41
N THR A 112 -12.04 7.04 -0.99
CA THR A 112 -11.69 7.29 -2.38
C THR A 112 -11.48 5.95 -3.09
N PHE A 113 -11.82 5.88 -4.38
CA PHE A 113 -11.73 4.64 -5.15
C PHE A 113 -11.73 4.87 -6.66
N LYS A 114 -10.64 4.46 -7.32
CA LYS A 114 -10.47 4.60 -8.77
C LYS A 114 -10.84 6.00 -9.26
N GLY A 115 -10.12 6.99 -8.73
CA GLY A 115 -10.33 8.39 -9.11
C GLY A 115 -11.50 9.12 -8.45
N LYS A 116 -12.44 8.37 -7.85
CA LYS A 116 -13.65 8.95 -7.27
C LYS A 116 -13.48 9.13 -5.77
N THR A 117 -14.19 10.10 -5.20
CA THR A 117 -14.09 10.44 -3.76
C THR A 117 -15.45 10.87 -3.20
N ASN A 118 -15.85 10.31 -2.07
CA ASN A 118 -17.11 10.64 -1.41
C ASN A 118 -16.95 10.79 0.10
N TYR A 119 -17.97 11.41 0.71
CA TYR A 119 -17.93 11.85 2.10
C TYR A 119 -19.04 11.14 2.88
N PHE A 120 -18.65 10.47 3.98
CA PHE A 120 -19.51 9.60 4.74
C PHE A 120 -19.56 10.08 6.18
N TYR A 121 -20.67 10.70 6.57
CA TYR A 121 -20.82 11.30 7.90
C TYR A 121 -21.50 10.31 8.85
N LEU A 122 -20.98 10.24 10.08
CA LEU A 122 -21.49 9.35 11.10
C LEU A 122 -22.43 10.09 12.02
N PHE A 123 -23.61 9.52 12.23
CA PHE A 123 -24.64 10.10 13.11
C PHE A 123 -25.02 9.14 14.22
N GLY A 124 -25.72 9.66 15.22
CA GLY A 124 -26.30 8.87 16.31
C GLY A 124 -27.78 9.19 16.42
N GLY A 125 -28.56 8.20 16.84
CA GLY A 125 -30.01 8.35 17.02
C GLY A 125 -30.39 9.53 17.89
N LYS A 126 -30.12 9.42 19.19
CA LYS A 126 -30.40 10.51 20.14
C LYS A 126 -29.30 11.59 20.26
N ASP A 127 -28.15 11.41 19.61
CA ASP A 127 -26.98 12.30 19.79
C ASP A 127 -27.30 13.81 19.61
N GLU A 128 -26.72 14.63 20.47
CA GLU A 128 -27.02 16.07 20.51
C GLU A 128 -26.36 16.80 19.34
N SER A 129 -25.07 16.53 19.13
CA SER A 129 -24.31 17.10 17.99
C SER A 129 -24.79 16.63 16.61
N SER A 130 -25.28 15.40 16.54
CA SER A 130 -25.85 14.84 15.30
C SER A 130 -27.09 15.61 14.87
N GLN A 131 -28.01 15.85 15.81
CA GLN A 131 -29.28 16.53 15.50
C GLN A 131 -29.14 17.99 15.04
N ASP A 132 -27.99 18.62 15.29
CA ASP A 132 -27.69 19.96 14.73
C ASP A 132 -27.17 19.88 13.28
N LEU A 133 -26.43 18.81 12.97
CA LEU A 133 -25.87 18.61 11.62
C LEU A 133 -26.93 18.12 10.62
N ILE A 134 -27.75 17.16 11.04
CA ILE A 134 -28.82 16.60 10.18
C ILE A 134 -29.93 17.60 9.85
N GLN A 135 -30.02 18.72 10.57
CA GLN A 135 -30.94 19.81 10.18
C GLN A 135 -30.55 20.48 8.85
N GLY A 136 -29.24 20.51 8.54
CA GLY A 136 -28.70 21.27 7.42
C GLY A 136 -27.99 20.56 6.28
N ILE A 137 -27.41 19.39 6.53
CA ILE A 137 -26.61 18.69 5.51
C ILE A 137 -27.45 18.16 4.34
N THR A 138 -26.83 18.05 3.17
CA THR A 138 -27.46 17.48 1.95
C THR A 138 -26.79 16.14 1.63
N LEU A 139 -27.60 15.12 1.36
CA LEU A 139 -27.11 13.74 1.27
C LEU A 139 -27.56 13.01 -0.01
N ALA A 140 -26.64 12.26 -0.60
CA ALA A 140 -26.95 11.39 -1.74
C ALA A 140 -27.40 10.01 -1.28
N GLY A 141 -27.35 9.75 0.02
CA GLY A 141 -27.87 8.52 0.58
C GLY A 141 -27.78 8.51 2.09
N MET A 142 -28.42 7.51 2.70
CA MET A 142 -28.46 7.37 4.15
C MET A 142 -28.46 5.90 4.50
N PHE A 143 -27.78 5.56 5.59
CA PHE A 143 -27.67 4.18 6.05
C PHE A 143 -28.01 4.14 7.54
N PHE A 144 -28.94 3.27 7.91
CA PHE A 144 -29.26 3.06 9.31
C PHE A 144 -28.96 1.63 9.75
N ASP A 145 -28.21 1.52 10.85
CA ASP A 145 -27.93 0.24 11.51
C ASP A 145 -28.65 0.22 12.85
N GLU A 146 -29.41 -0.85 13.11
CA GLU A 146 -30.29 -0.93 14.29
C GLU A 146 -31.37 0.18 14.26
N VAL A 147 -31.93 0.43 13.09
CA VAL A 147 -32.98 1.45 12.92
C VAL A 147 -34.18 1.21 13.84
N ALA A 148 -34.44 -0.06 14.17
CA ALA A 148 -35.40 -0.46 15.19
C ALA A 148 -35.23 0.30 16.52
N LEU A 149 -33.99 0.53 16.91
CA LEU A 149 -33.67 1.25 18.15
C LEU A 149 -33.74 2.78 18.02
N MET A 150 -33.53 3.31 16.82
CA MET A 150 -33.48 4.76 16.63
C MET A 150 -34.85 5.40 16.80
N PRO A 151 -34.88 6.67 17.25
CA PRO A 151 -36.16 7.36 17.34
C PRO A 151 -36.68 7.73 15.95
N GLU A 152 -37.97 7.50 15.73
CA GLU A 152 -38.61 7.72 14.42
C GLU A 152 -38.34 9.12 13.86
N SER A 153 -38.48 10.14 14.72
CA SER A 153 -38.34 11.54 14.29
C SER A 153 -36.98 11.84 13.66
N PHE A 154 -35.91 11.27 14.24
CA PHE A 154 -34.58 11.40 13.65
C PHE A 154 -34.47 10.70 12.29
N VAL A 155 -35.07 9.52 12.17
CA VAL A 155 -35.01 8.74 10.93
C VAL A 155 -35.74 9.45 9.78
N ASN A 156 -36.90 10.04 10.07
CA ASN A 156 -37.64 10.83 9.07
C ASN A 156 -36.91 12.12 8.69
N GLN A 157 -36.33 12.81 9.68
CA GLN A 157 -35.52 14.01 9.43
C GLN A 157 -34.25 13.73 8.60
N ALA A 158 -33.67 12.55 8.78
CA ALA A 158 -32.47 12.12 8.02
C ALA A 158 -32.81 11.78 6.58
N THR A 159 -33.93 11.09 6.36
CA THR A 159 -34.40 10.80 4.99
C THR A 159 -34.77 12.08 4.22
N ALA A 160 -35.30 13.07 4.94
CA ALA A 160 -35.60 14.39 4.36
C ALA A 160 -34.35 15.13 3.84
N ARG A 161 -33.18 14.82 4.39
CA ARG A 161 -31.92 15.38 3.89
C ARG A 161 -31.37 14.70 2.65
N CYS A 162 -31.98 13.58 2.23
CA CYS A 162 -31.56 12.89 1.00
C CYS A 162 -32.20 13.50 -0.25
N SER A 163 -31.82 14.75 -0.55
CA SER A 163 -32.43 15.57 -1.61
C SER A 163 -31.77 15.41 -3.00
N VAL A 164 -30.55 14.87 -3.04
CA VAL A 164 -29.82 14.65 -4.30
C VAL A 164 -30.59 13.66 -5.16
N ASP A 165 -30.51 13.86 -6.48
CA ASP A 165 -31.15 12.98 -7.45
C ASP A 165 -30.45 11.61 -7.45
N GLY A 166 -31.26 10.54 -7.42
CA GLY A 166 -30.75 9.17 -7.37
C GLY A 166 -30.42 8.62 -5.99
N ALA A 167 -30.93 9.28 -4.95
CA ALA A 167 -30.65 8.89 -3.56
C ALA A 167 -31.36 7.60 -3.17
N LYS A 168 -30.72 6.83 -2.30
CA LYS A 168 -31.25 5.54 -1.87
C LYS A 168 -31.15 5.41 -0.35
N LEU A 169 -32.18 4.84 0.26
CA LEU A 169 -32.25 4.68 1.71
C LEU A 169 -32.00 3.23 2.08
N TRP A 170 -31.07 2.99 3.01
CA TRP A 170 -30.68 1.65 3.42
C TRP A 170 -30.97 1.47 4.92
N PHE A 171 -31.79 0.46 5.23
CA PHE A 171 -32.19 0.18 6.60
C PHE A 171 -31.76 -1.21 7.01
N ASN A 172 -31.13 -1.33 8.18
CA ASN A 172 -30.71 -2.60 8.75
C ASN A 172 -31.21 -2.68 10.18
N CYS A 173 -31.88 -3.78 10.54
CA CYS A 173 -32.35 -3.96 11.92
C CYS A 173 -32.63 -5.40 12.34
N ASN A 174 -32.86 -5.57 13.63
CA ASN A 174 -33.36 -6.82 14.22
C ASN A 174 -34.75 -6.54 14.78
N PRO A 175 -35.60 -7.58 14.87
CA PRO A 175 -37.03 -7.32 15.11
C PRO A 175 -37.37 -6.82 16.53
N ALA A 176 -38.38 -5.95 16.58
CA ALA A 176 -39.02 -5.51 17.81
C ALA A 176 -40.48 -6.02 17.77
N GLY A 177 -41.42 -5.28 18.38
CA GLY A 177 -42.83 -5.65 18.36
C GLY A 177 -43.47 -5.32 17.01
N PRO A 178 -44.56 -6.04 16.64
CA PRO A 178 -45.21 -5.79 15.35
C PRO A 178 -46.00 -4.47 15.25
N TYR A 179 -46.22 -3.80 16.38
CA TYR A 179 -46.75 -2.43 16.39
C TYR A 179 -45.65 -1.36 16.34
N HIS A 180 -44.38 -1.78 16.26
CA HIS A 180 -43.25 -0.84 16.27
C HIS A 180 -43.25 0.02 15.04
N TRP A 181 -42.99 1.32 15.20
CA TRP A 181 -43.15 2.26 14.07
C TRP A 181 -42.48 1.79 12.77
N PHE A 182 -41.28 1.22 12.88
CA PHE A 182 -40.55 0.76 11.70
C PHE A 182 -41.24 -0.41 11.00
N LYS A 183 -41.87 -1.32 11.75
CA LYS A 183 -42.70 -2.37 11.14
C LYS A 183 -43.91 -1.76 10.46
N VAL A 184 -44.65 -0.94 11.21
CA VAL A 184 -45.90 -0.33 10.75
C VAL A 184 -45.71 0.61 9.54
N GLU A 185 -44.68 1.45 9.58
CA GLU A 185 -44.51 2.53 8.60
C GLU A 185 -43.57 2.23 7.43
N TYR A 186 -42.65 1.26 7.59
CA TYR A 186 -41.70 0.93 6.52
C TYR A 186 -41.87 -0.48 5.96
N LEU A 187 -41.89 -1.49 6.82
CA LEU A 187 -42.01 -2.89 6.36
C LEU A 187 -43.41 -3.26 5.87
N ASP A 188 -44.44 -2.76 6.54
CA ASP A 188 -45.83 -2.99 6.11
C ASP A 188 -46.18 -2.10 4.90
N LYS A 189 -45.66 -0.87 4.89
CA LYS A 189 -45.85 0.05 3.75
C LYS A 189 -44.66 -0.03 2.77
N LEU A 190 -44.33 -1.25 2.35
CA LEU A 190 -43.10 -1.50 1.60
C LEU A 190 -43.15 -0.94 0.17
N ASP A 191 -44.25 -1.23 -0.53
CA ASP A 191 -44.47 -0.73 -1.90
C ASP A 191 -44.76 0.77 -1.92
N GLU A 192 -45.40 1.27 -0.87
CA GLU A 192 -45.70 2.70 -0.74
C GLU A 192 -44.46 3.60 -0.70
N LYS A 193 -43.34 3.10 -0.16
CA LYS A 193 -42.05 3.80 -0.17
C LYS A 193 -41.09 3.26 -1.26
N ASN A 194 -41.49 2.17 -1.93
CA ASN A 194 -40.77 1.60 -3.07
C ASN A 194 -39.42 1.04 -2.65
N LEU A 195 -39.46 0.12 -1.68
CA LEU A 195 -38.26 -0.47 -1.09
C LEU A 195 -38.21 -1.98 -1.31
N LEU A 196 -36.99 -2.48 -1.48
CA LEU A 196 -36.74 -3.92 -1.45
C LEU A 196 -36.73 -4.34 0.01
N HIS A 197 -37.00 -5.61 0.26
CA HIS A 197 -36.92 -6.19 1.61
C HIS A 197 -36.30 -7.57 1.54
N LEU A 198 -35.24 -7.79 2.30
CA LEU A 198 -34.65 -9.13 2.45
C LEU A 198 -34.66 -9.47 3.93
N HIS A 199 -35.36 -10.55 4.28
CA HIS A 199 -35.36 -11.05 5.66
C HIS A 199 -34.26 -12.10 5.84
N PHE A 200 -33.56 -12.01 6.97
CA PHE A 200 -32.32 -12.76 7.20
C PHE A 200 -32.43 -13.72 8.40
N THR A 201 -31.96 -14.96 8.18
CA THR A 201 -31.86 -15.98 9.22
C THR A 201 -30.39 -16.35 9.30
N MET A 202 -30.01 -17.06 10.37
CA MET A 202 -28.67 -17.65 10.48
C MET A 202 -28.32 -18.65 9.35
N ASP A 203 -29.35 -19.20 8.68
CA ASP A 203 -29.16 -19.99 7.46
C ASP A 203 -28.42 -19.24 6.35
N ASP A 204 -28.65 -17.92 6.28
CA ASP A 204 -28.01 -17.07 5.27
C ASP A 204 -26.59 -16.60 5.62
N ASN A 205 -26.03 -17.12 6.72
CA ASN A 205 -24.64 -16.87 7.10
C ASN A 205 -23.88 -18.19 6.97
N LEU A 206 -23.17 -18.35 5.86
CA LEU A 206 -22.47 -19.61 5.55
C LEU A 206 -21.25 -19.88 6.43
N SER A 207 -20.68 -18.84 7.04
CA SER A 207 -19.53 -18.99 7.93
C SER A 207 -19.86 -19.76 9.23
N LEU A 208 -21.12 -19.69 9.67
CA LEU A 208 -21.56 -20.39 10.88
C LEU A 208 -21.80 -21.88 10.59
N SER A 209 -21.18 -22.74 11.40
CA SER A 209 -21.39 -24.18 11.31
C SER A 209 -22.70 -24.58 11.99
N LYS A 210 -23.22 -25.77 11.68
CA LYS A 210 -24.36 -26.33 12.41
C LYS A 210 -24.04 -26.56 13.90
N GLN A 211 -22.76 -26.73 14.22
CA GLN A 211 -22.28 -26.71 15.61
C GLN A 211 -22.50 -25.33 16.26
N VAL A 212 -21.95 -24.29 15.64
CA VAL A 212 -22.04 -22.92 16.18
C VAL A 212 -23.48 -22.38 16.16
N LYS A 213 -24.29 -22.78 15.18
CA LYS A 213 -25.69 -22.34 15.08
C LYS A 213 -26.59 -22.89 16.19
N GLU A 214 -26.41 -24.16 16.53
CA GLU A 214 -27.15 -24.78 17.66
C GLU A 214 -26.73 -24.26 19.03
N ARG A 215 -25.53 -23.69 19.12
CA ARG A 215 -25.07 -23.00 20.35
C ARG A 215 -25.84 -21.69 20.60
N TYR A 216 -26.09 -20.93 19.53
CA TYR A 216 -26.88 -19.69 19.58
C TYR A 216 -28.38 -19.92 19.84
N GLN A 217 -28.92 -21.02 19.32
CA GLN A 217 -30.33 -21.37 19.54
C GLN A 217 -30.65 -21.73 21.00
N ARG A 218 -29.66 -22.30 21.69
CA ARG A 218 -29.74 -22.57 23.11
C ARG A 218 -29.80 -21.29 23.96
N MET A 219 -29.13 -20.22 23.49
CA MET A 219 -29.04 -18.95 24.24
C MET A 219 -30.37 -18.23 24.51
N TYR A 220 -31.36 -18.47 23.65
CA TYR A 220 -32.63 -17.74 23.71
C TYR A 220 -33.82 -18.70 23.80
N LYS A 221 -34.83 -18.26 24.55
CA LYS A 221 -36.15 -18.88 24.59
C LYS A 221 -37.21 -17.79 24.65
N GLY A 222 -38.42 -18.14 24.22
CA GLY A 222 -39.57 -17.23 24.33
C GLY A 222 -39.51 -16.14 23.27
N VAL A 223 -39.93 -14.94 23.66
CA VAL A 223 -40.00 -13.79 22.77
C VAL A 223 -38.64 -13.49 22.13
N PHE A 224 -37.58 -13.51 22.92
CA PHE A 224 -36.23 -13.17 22.40
C PHE A 224 -35.71 -14.22 21.43
N TYR A 225 -36.15 -15.47 21.59
CA TYR A 225 -35.84 -16.52 20.62
C TYR A 225 -36.53 -16.25 19.29
N GLN A 226 -37.83 -15.97 19.37
CA GLN A 226 -38.63 -15.68 18.19
C GLN A 226 -38.13 -14.44 17.43
N ARG A 227 -37.65 -13.45 18.17
CA ARG A 227 -37.13 -12.22 17.56
C ARG A 227 -35.73 -12.38 16.96
N TYR A 228 -34.78 -12.81 17.78
CA TYR A 228 -33.38 -12.79 17.36
C TYR A 228 -32.88 -14.06 16.68
N ILE A 229 -33.69 -15.12 16.64
CA ILE A 229 -33.32 -16.36 15.93
C ILE A 229 -34.24 -16.61 14.74
N LEU A 230 -35.55 -16.59 14.97
CA LEU A 230 -36.52 -16.79 13.90
C LEU A 230 -36.69 -15.53 13.05
N GLY A 231 -36.28 -14.37 13.59
CA GLY A 231 -36.33 -13.11 12.86
C GLY A 231 -37.70 -12.47 12.83
N LEU A 232 -38.57 -12.87 13.76
CA LEU A 232 -39.99 -12.53 13.68
C LEU A 232 -40.32 -11.30 14.53
N TRP A 233 -41.13 -10.40 13.99
CA TRP A 233 -41.63 -9.25 14.74
C TRP A 233 -42.80 -9.67 15.65
N VAL A 234 -42.47 -10.35 16.74
CA VAL A 234 -43.49 -10.89 17.68
C VAL A 234 -43.66 -9.99 18.89
N LEU A 235 -44.89 -9.95 19.41
CA LEU A 235 -45.27 -9.00 20.47
C LEU A 235 -44.69 -9.42 21.81
N ALA A 236 -44.12 -8.47 22.56
CA ALA A 236 -43.68 -8.72 23.93
C ALA A 236 -44.92 -8.68 24.84
N GLU A 237 -45.20 -9.80 25.50
CA GLU A 237 -46.47 -10.02 26.20
C GLU A 237 -46.30 -10.91 27.41
N GLY A 238 -46.88 -10.47 28.54
CA GLY A 238 -46.96 -11.28 29.75
C GLY A 238 -45.70 -11.28 30.58
N ILE A 239 -45.34 -12.43 31.13
CA ILE A 239 -44.18 -12.58 31.99
C ILE A 239 -42.92 -12.37 31.15
N ILE A 240 -42.01 -11.55 31.68
CA ILE A 240 -40.77 -11.18 30.97
C ILE A 240 -39.78 -12.34 30.96
N TYR A 241 -39.41 -12.80 32.15
CA TYR A 241 -38.47 -13.91 32.29
C TYR A 241 -39.23 -15.25 32.40
N ASP A 242 -39.94 -15.60 31.32
CA ASP A 242 -40.68 -16.87 31.26
C ASP A 242 -39.77 -18.12 31.34
N MET A 243 -38.49 -17.96 31.04
CA MET A 243 -37.50 -19.04 31.12
C MET A 243 -36.97 -19.34 32.53
N PHE A 244 -37.27 -18.50 33.51
CA PHE A 244 -36.86 -18.77 34.90
C PHE A 244 -37.59 -19.99 35.43
N ASP A 245 -36.87 -20.84 36.15
CA ASP A 245 -37.29 -22.21 36.44
C ASP A 245 -36.65 -22.67 37.77
N GLN A 246 -37.46 -22.79 38.81
CA GLN A 246 -36.95 -23.10 40.16
C GLN A 246 -36.38 -24.52 40.28
N ASP A 247 -36.69 -25.40 39.34
CA ASP A 247 -35.94 -26.64 39.18
C ASP A 247 -34.50 -26.33 38.80
N GLU A 248 -34.34 -25.52 37.77
CA GLU A 248 -33.05 -25.33 37.11
C GLU A 248 -32.16 -24.30 37.80
N HIS A 249 -32.73 -23.15 38.17
CA HIS A 249 -31.94 -21.97 38.55
C HIS A 249 -31.74 -21.73 40.05
N VAL A 250 -32.46 -22.47 40.90
CA VAL A 250 -32.30 -22.35 42.35
C VAL A 250 -31.44 -23.48 42.90
N VAL A 251 -30.54 -23.13 43.82
CA VAL A 251 -29.60 -24.07 44.44
C VAL A 251 -29.58 -23.90 45.96
N PRO A 252 -29.10 -24.92 46.72
CA PRO A 252 -29.15 -24.82 48.17
C PRO A 252 -28.21 -23.74 48.71
N THR A 253 -28.59 -23.14 49.82
CA THR A 253 -27.83 -22.05 50.41
C THR A 253 -26.76 -22.64 51.35
N VAL A 254 -25.69 -23.14 50.73
CA VAL A 254 -24.55 -23.74 51.43
C VAL A 254 -23.25 -23.07 50.97
N PRO A 255 -22.32 -22.78 51.92
CA PRO A 255 -21.06 -22.14 51.60
C PRO A 255 -20.30 -22.77 50.42
N ARG A 256 -19.79 -21.93 49.52
CA ARG A 256 -18.93 -22.35 48.41
C ARG A 256 -17.66 -21.51 48.38
N PRO A 257 -16.55 -22.04 47.83
CA PRO A 257 -15.28 -21.31 47.79
C PRO A 257 -15.25 -20.33 46.61
N TYR A 258 -15.86 -19.16 46.82
CA TYR A 258 -16.02 -18.18 45.75
C TYR A 258 -14.70 -17.46 45.43
N GLU A 259 -14.44 -17.23 44.14
CA GLU A 259 -13.20 -16.62 43.65
C GLU A 259 -13.23 -15.10 43.79
N LYS A 260 -14.26 -14.49 43.17
CA LYS A 260 -14.48 -13.04 43.19
C LYS A 260 -15.82 -12.74 43.82
N TYR A 261 -16.08 -11.46 44.07
CA TYR A 261 -17.41 -11.01 44.52
C TYR A 261 -17.75 -9.66 43.90
N TYR A 262 -19.05 -9.44 43.68
CA TYR A 262 -19.60 -8.09 43.59
C TYR A 262 -20.83 -7.94 44.47
N VAL A 263 -21.22 -6.69 44.68
CA VAL A 263 -22.53 -6.33 45.19
C VAL A 263 -23.20 -5.51 44.09
N SER A 264 -24.47 -5.80 43.82
CA SER A 264 -25.29 -5.02 42.88
C SER A 264 -26.40 -4.36 43.68
N CYS A 265 -26.80 -3.15 43.29
CA CYS A 265 -27.70 -2.34 44.11
C CYS A 265 -28.70 -1.47 43.34
N ASP A 266 -29.99 -1.76 43.53
CA ASP A 266 -31.07 -0.83 43.15
C ASP A 266 -31.26 0.08 44.37
N TYR A 267 -30.98 1.37 44.21
CA TYR A 267 -31.16 2.34 45.30
C TYR A 267 -32.61 2.78 45.39
N GLY A 268 -33.09 3.06 46.60
CA GLY A 268 -34.44 3.58 46.79
C GLY A 268 -34.74 3.99 48.23
N THR A 269 -34.97 5.28 48.46
CA THR A 269 -35.31 5.79 49.78
C THR A 269 -36.82 5.60 50.05
N GLN A 270 -37.62 6.20 49.16
CA GLN A 270 -39.08 6.03 49.13
C GLN A 270 -39.51 4.59 48.79
N ASN A 271 -38.78 3.97 47.87
CA ASN A 271 -39.06 2.61 47.39
C ASN A 271 -38.16 1.61 48.13
N PRO A 272 -38.21 0.32 47.73
CA PRO A 272 -37.22 -0.62 48.23
C PRO A 272 -35.79 -0.33 47.75
N THR A 273 -34.83 -0.52 48.65
CA THR A 273 -33.42 -0.64 48.29
C THR A 273 -33.04 -2.10 48.40
N THR A 274 -32.26 -2.58 47.44
CA THR A 274 -31.77 -3.96 47.45
C THR A 274 -30.27 -3.99 47.21
N PHE A 275 -29.60 -4.91 47.90
CA PHE A 275 -28.23 -5.30 47.58
C PHE A 275 -28.31 -6.74 47.11
N GLY A 276 -27.21 -7.24 46.55
CA GLY A 276 -27.12 -8.65 46.17
C GLY A 276 -25.69 -9.09 46.05
N LEU A 277 -25.27 -10.03 46.89
CA LEU A 277 -23.89 -10.54 46.88
C LEU A 277 -23.77 -11.57 45.77
N TRP A 278 -23.07 -11.19 44.70
CA TRP A 278 -22.76 -12.13 43.62
C TRP A 278 -21.38 -12.72 43.90
N GLY A 279 -21.17 -14.00 43.55
CA GLY A 279 -19.90 -14.68 43.81
C GLY A 279 -19.59 -15.76 42.79
N LEU A 280 -18.39 -15.74 42.24
CA LEU A 280 -18.00 -16.67 41.16
C LEU A 280 -17.53 -18.00 41.71
N TYR A 281 -17.92 -19.09 41.06
CA TYR A 281 -17.49 -20.43 41.43
C TYR A 281 -17.65 -21.40 40.26
N ASN A 282 -16.53 -21.72 39.62
CA ASN A 282 -16.46 -22.63 38.45
C ASN A 282 -17.32 -22.15 37.28
N GLY A 283 -17.07 -20.90 36.88
CA GLY A 283 -17.72 -20.30 35.71
C GLY A 283 -19.14 -19.82 35.90
N VAL A 284 -19.68 -19.93 37.11
CA VAL A 284 -21.07 -19.57 37.37
C VAL A 284 -21.08 -18.55 38.49
N TRP A 285 -21.81 -17.46 38.29
CA TRP A 285 -22.03 -16.47 39.34
C TRP A 285 -23.28 -16.83 40.15
N TYR A 286 -23.14 -16.86 41.47
CA TYR A 286 -24.23 -17.21 42.38
C TYR A 286 -24.66 -15.96 43.14
N LYS A 287 -25.94 -15.61 43.07
CA LYS A 287 -26.51 -14.62 43.98
C LYS A 287 -26.60 -15.28 45.36
N VAL A 288 -25.59 -15.01 46.19
CA VAL A 288 -25.33 -15.76 47.43
C VAL A 288 -26.36 -15.41 48.50
N LYS A 289 -26.72 -14.14 48.56
CA LYS A 289 -27.81 -13.68 49.42
C LYS A 289 -28.37 -12.36 48.92
N GLU A 290 -29.48 -11.92 49.52
CA GLU A 290 -30.15 -10.69 49.15
C GLU A 290 -30.43 -9.81 50.37
N TYR A 291 -30.36 -8.51 50.14
CA TYR A 291 -30.82 -7.48 51.07
C TYR A 291 -32.07 -6.91 50.42
N HIS A 292 -33.04 -6.50 51.24
CA HIS A 292 -34.30 -5.98 50.74
C HIS A 292 -34.95 -5.14 51.84
N TYR A 293 -34.83 -3.82 51.75
CA TYR A 293 -35.39 -2.91 52.74
C TYR A 293 -36.47 -2.03 52.13
N ASP A 294 -37.70 -2.16 52.65
CA ASP A 294 -38.84 -1.35 52.21
C ASP A 294 -39.09 -0.18 53.18
N GLY A 295 -39.18 1.03 52.64
CA GLY A 295 -39.57 2.20 53.43
C GLY A 295 -40.99 2.12 53.95
N ARG A 296 -41.94 1.82 53.05
CA ARG A 296 -43.37 1.80 53.36
C ARG A 296 -43.75 0.71 54.38
N LYS A 297 -43.29 -0.51 54.11
CA LYS A 297 -43.63 -1.67 54.95
C LYS A 297 -43.06 -1.53 56.35
N GLU A 298 -41.77 -1.19 56.43
CA GLU A 298 -41.09 -1.02 57.72
C GLU A 298 -41.49 0.30 58.40
N ASN A 299 -42.10 1.21 57.64
CA ASN A 299 -42.66 2.47 58.15
C ASN A 299 -41.55 3.42 58.62
N LYS A 300 -40.45 3.40 57.89
CA LYS A 300 -39.21 4.09 58.27
C LYS A 300 -38.27 4.09 57.06
N GLN A 301 -38.03 5.27 56.49
CA GLN A 301 -37.06 5.41 55.39
C GLN A 301 -35.65 5.30 55.93
N LYS A 302 -34.69 5.15 55.04
CA LYS A 302 -33.28 5.06 55.43
C LYS A 302 -32.42 6.08 54.67
N THR A 303 -31.44 6.63 55.40
CA THR A 303 -30.48 7.57 54.84
C THR A 303 -29.37 6.81 54.12
N ASP A 304 -28.60 7.54 53.32
CA ASP A 304 -27.46 6.98 52.57
C ASP A 304 -26.42 6.41 53.54
N GLN A 305 -26.29 7.08 54.69
CA GLN A 305 -25.44 6.61 55.77
C GLN A 305 -25.89 5.22 56.22
N GLU A 306 -27.17 5.10 56.55
CA GLU A 306 -27.75 3.84 57.02
C GLU A 306 -27.56 2.71 56.03
N TYR A 307 -27.73 3.00 54.73
CA TYR A 307 -27.47 2.01 53.68
C TYR A 307 -25.99 1.68 53.54
N TYR A 308 -25.11 2.68 53.69
CA TYR A 308 -23.66 2.43 53.71
C TYR A 308 -23.31 1.48 54.85
N GLU A 309 -23.83 1.77 56.04
CA GLU A 309 -23.62 0.91 57.22
C GLU A 309 -24.08 -0.53 56.95
N ASP A 310 -25.31 -0.67 56.43
CA ASP A 310 -25.88 -1.96 56.06
C ASP A 310 -25.07 -2.70 55.01
N LEU A 311 -24.54 -1.94 54.04
CA LEU A 311 -23.70 -2.52 52.98
C LEU A 311 -22.42 -3.16 53.55
N MET A 312 -21.88 -2.58 54.61
CA MET A 312 -20.68 -3.11 55.26
C MET A 312 -21.00 -4.40 56.04
N LYS A 313 -22.10 -4.40 56.78
CA LYS A 313 -22.60 -5.62 57.46
C LYS A 313 -22.88 -6.73 56.45
N PHE A 314 -23.46 -6.36 55.31
CA PHE A 314 -23.76 -7.27 54.21
C PHE A 314 -22.52 -8.00 53.66
N ILE A 315 -21.35 -7.34 53.70
CA ILE A 315 -20.09 -7.92 53.18
C ILE A 315 -19.00 -8.13 54.24
N GLU A 316 -19.37 -8.20 55.52
CA GLU A 316 -18.42 -8.51 56.61
C GLU A 316 -17.62 -9.77 56.34
N ASP A 317 -18.35 -10.85 56.08
CA ASP A 317 -17.77 -12.20 56.07
C ASP A 317 -16.82 -12.46 54.89
N ILE A 318 -16.97 -11.73 53.79
CA ILE A 318 -16.13 -11.95 52.60
C ILE A 318 -14.75 -11.31 52.74
N GLU A 319 -13.77 -11.89 52.06
CA GLU A 319 -12.41 -11.37 52.05
C GLU A 319 -12.35 -10.21 51.09
N LYS A 320 -11.83 -9.07 51.55
CA LYS A 320 -11.82 -7.85 50.75
C LYS A 320 -10.90 -7.91 49.53
N HIS A 321 -9.96 -8.83 49.50
CA HIS A 321 -9.09 -9.00 48.31
C HIS A 321 -9.84 -9.68 47.14
N LYS A 322 -10.96 -10.35 47.43
CA LYS A 322 -11.83 -10.94 46.41
C LYS A 322 -13.02 -10.03 46.04
N PHE A 323 -13.34 -9.05 46.88
CA PHE A 323 -14.44 -8.10 46.63
C PHE A 323 -14.03 -7.06 45.62
N LYS A 324 -14.68 -7.05 44.46
CA LYS A 324 -14.31 -6.21 43.33
C LYS A 324 -15.16 -4.94 43.12
N GLY A 325 -16.07 -4.63 44.04
CA GLY A 325 -16.83 -3.36 44.02
C GLY A 325 -18.35 -3.47 44.03
N VAL A 326 -18.99 -2.31 44.24
CA VAL A 326 -20.45 -2.21 44.31
C VAL A 326 -20.98 -1.60 43.01
N ILE A 327 -21.83 -2.35 42.29
CA ILE A 327 -22.44 -1.84 41.07
C ILE A 327 -23.74 -1.14 41.41
N VAL A 328 -23.87 0.13 41.03
CA VAL A 328 -25.03 0.95 41.39
C VAL A 328 -25.43 1.87 40.24
N ASP A 329 -26.73 2.18 40.17
CA ASP A 329 -27.26 3.07 39.14
C ASP A 329 -26.72 4.48 39.34
N PRO A 330 -26.23 5.13 38.26
CA PRO A 330 -25.75 6.52 38.31
C PRO A 330 -26.70 7.55 38.92
N SER A 331 -28.01 7.30 38.87
CA SER A 331 -29.01 8.17 39.50
C SER A 331 -28.80 8.34 41.01
N ALA A 332 -28.32 7.30 41.69
CA ALA A 332 -28.05 7.34 43.13
C ALA A 332 -26.66 7.91 43.42
N ALA A 333 -26.43 9.16 43.01
CA ALA A 333 -25.10 9.80 43.11
C ALA A 333 -24.75 10.11 44.55
N SER A 334 -25.72 10.67 45.28
CA SER A 334 -25.61 10.92 46.73
C SER A 334 -25.06 9.71 47.53
N PHE A 335 -25.50 8.52 47.15
CA PHE A 335 -25.00 7.26 47.70
C PHE A 335 -23.59 6.97 47.16
N ILE A 336 -23.40 7.13 45.86
CA ILE A 336 -22.09 6.89 45.20
C ILE A 336 -20.99 7.79 45.76
N ALA A 337 -21.33 9.04 46.04
CA ALA A 337 -20.41 10.00 46.67
C ALA A 337 -19.92 9.48 48.02
N LEU A 338 -20.86 9.05 48.85
CA LEU A 338 -20.55 8.52 50.18
C LEU A 338 -19.70 7.28 50.10
N LEU A 339 -20.12 6.31 49.29
CA LEU A 339 -19.36 5.06 49.10
C LEU A 339 -17.91 5.32 48.67
N ARG A 340 -17.71 6.29 47.79
CA ARG A 340 -16.37 6.66 47.33
C ARG A 340 -15.55 7.37 48.42
N GLN A 341 -16.20 8.23 49.19
CA GLN A 341 -15.58 8.82 50.38
C GLN A 341 -15.11 7.74 51.35
N LYS A 342 -15.88 6.67 51.48
CA LYS A 342 -15.52 5.57 52.37
C LYS A 342 -14.59 4.53 51.70
N GLY A 343 -13.96 4.87 50.58
CA GLY A 343 -13.00 3.99 49.92
C GLY A 343 -13.56 2.75 49.26
N ILE A 344 -14.86 2.76 48.97
CA ILE A 344 -15.53 1.63 48.32
C ILE A 344 -15.48 1.86 46.82
N LYS A 345 -15.08 0.83 46.07
CA LYS A 345 -15.08 0.89 44.61
C LYS A 345 -16.52 0.84 44.13
N VAL A 346 -16.89 1.83 43.32
CA VAL A 346 -18.22 1.90 42.72
C VAL A 346 -18.06 1.66 41.23
N ILE A 347 -18.96 0.86 40.67
CA ILE A 347 -19.06 0.69 39.23
C ILE A 347 -20.43 1.22 38.81
N LYS A 348 -20.44 2.19 37.91
CA LYS A 348 -21.70 2.72 37.37
C LYS A 348 -22.31 1.68 36.45
N ALA A 349 -23.56 1.34 36.71
CA ALA A 349 -24.23 0.22 36.04
C ALA A 349 -24.60 0.58 34.61
N LYS A 350 -24.37 -0.36 33.69
CA LYS A 350 -24.90 -0.26 32.32
C LYS A 350 -26.44 -0.42 32.38
N ASN A 351 -27.12 0.71 32.43
CA ASN A 351 -28.55 0.78 32.74
C ASN A 351 -29.46 0.62 31.51
N ASP A 352 -29.02 -0.13 30.49
CA ASP A 352 -29.85 -0.38 29.31
C ASP A 352 -30.96 -1.37 29.72
N VAL A 353 -32.21 -0.88 29.72
CA VAL A 353 -33.35 -1.64 30.25
C VAL A 353 -33.64 -2.84 29.36
N LEU A 354 -33.96 -2.56 28.11
CA LEU A 354 -34.37 -3.58 27.17
C LEU A 354 -33.24 -4.57 26.86
N ASP A 355 -32.02 -4.06 26.69
CA ASP A 355 -30.88 -4.93 26.39
C ASP A 355 -30.38 -5.68 27.62
N GLY A 356 -30.55 -5.08 28.80
CA GLY A 356 -30.25 -5.75 30.06
C GLY A 356 -31.18 -6.91 30.31
N ILE A 357 -32.49 -6.66 30.21
CA ILE A 357 -33.51 -7.72 30.33
C ILE A 357 -33.21 -8.88 29.38
N ARG A 358 -32.89 -8.54 28.14
CA ARG A 358 -32.51 -9.53 27.13
C ARG A 358 -31.33 -10.40 27.57
N ASN A 359 -30.31 -9.77 28.16
CA ASN A 359 -29.10 -10.45 28.65
C ASN A 359 -29.34 -11.31 29.90
N VAL A 360 -30.12 -10.80 30.85
CA VAL A 360 -30.47 -11.55 32.07
C VAL A 360 -31.08 -12.90 31.70
N ALA A 361 -32.01 -12.87 30.73
CA ALA A 361 -32.62 -14.08 30.16
C ALA A 361 -31.59 -15.02 29.55
N THR A 362 -30.68 -14.47 28.74
CA THR A 362 -29.61 -15.24 28.11
C THR A 362 -28.68 -15.90 29.14
N ALA A 363 -28.42 -15.19 30.24
CA ALA A 363 -27.65 -15.75 31.37
C ALA A 363 -28.43 -16.88 32.07
N LEU A 364 -29.74 -16.68 32.26
CA LEU A 364 -30.61 -17.73 32.80
C LEU A 364 -30.64 -18.96 31.90
N ASN A 365 -30.75 -18.75 30.58
CA ASN A 365 -30.79 -19.83 29.59
C ASN A 365 -29.50 -20.62 29.49
N LYS A 366 -28.37 -19.91 29.45
CA LYS A 366 -27.04 -20.55 29.42
C LYS A 366 -26.57 -21.05 30.80
N LYS A 367 -27.29 -20.67 31.87
CA LYS A 367 -26.91 -20.93 33.27
C LYS A 367 -25.58 -20.27 33.67
N MET A 368 -25.38 -19.05 33.19
CA MET A 368 -24.29 -18.18 33.62
C MET A 368 -24.50 -17.70 35.06
N ILE A 369 -25.78 -17.67 35.48
CA ILE A 369 -26.13 -17.36 36.87
C ILE A 369 -27.03 -18.42 37.50
N LEU A 370 -26.90 -18.59 38.82
CA LEU A 370 -27.80 -19.40 39.63
C LEU A 370 -28.08 -18.66 40.93
N TYR A 371 -29.11 -19.10 41.66
CA TYR A 371 -29.57 -18.38 42.85
C TYR A 371 -29.63 -19.28 44.08
N ASN A 372 -29.12 -18.80 45.21
CA ASN A 372 -29.32 -19.49 46.49
C ASN A 372 -30.79 -19.39 46.91
N ASP A 373 -31.32 -20.47 47.48
CA ASP A 373 -32.75 -20.56 47.81
C ASP A 373 -33.23 -19.48 48.82
N CYS A 374 -32.30 -18.84 49.50
CA CYS A 374 -32.59 -17.70 50.37
C CYS A 374 -32.98 -16.41 49.66
N CYS A 375 -32.78 -16.33 48.34
CA CYS A 375 -33.20 -15.14 47.56
C CYS A 375 -34.74 -15.12 47.33
N LYS A 376 -35.48 -15.00 48.43
CA LYS A 376 -36.94 -15.14 48.41
C LYS A 376 -37.64 -14.03 47.68
N GLU A 377 -37.25 -12.78 47.97
CA GLU A 377 -37.83 -11.62 47.32
C GLU A 377 -37.57 -11.59 45.82
N THR A 378 -36.36 -12.00 45.43
CA THR A 378 -35.99 -12.09 44.02
C THR A 378 -36.92 -13.05 43.27
N PHE A 379 -37.13 -14.25 43.81
CA PHE A 379 -37.95 -15.27 43.12
C PHE A 379 -39.40 -14.86 42.99
N ARG A 380 -39.91 -14.15 44.00
CA ARG A 380 -41.25 -13.58 43.91
C ARG A 380 -41.36 -12.59 42.75
N GLU A 381 -40.33 -11.75 42.59
CA GLU A 381 -40.32 -10.78 41.50
C GLU A 381 -40.29 -11.45 40.13
N TYR A 382 -39.53 -12.52 39.97
CA TYR A 382 -39.52 -13.29 38.72
C TYR A 382 -40.93 -13.64 38.23
N SER A 383 -41.79 -14.07 39.14
CA SER A 383 -43.17 -14.44 38.80
C SER A 383 -44.13 -13.28 38.54
N SER A 384 -43.72 -12.03 38.80
CA SER A 384 -44.58 -10.85 38.60
C SER A 384 -43.92 -9.73 37.78
N TYR A 385 -42.82 -10.03 37.10
CA TYR A 385 -42.18 -9.07 36.20
C TYR A 385 -42.80 -9.32 34.85
N VAL A 386 -43.55 -8.31 34.39
CA VAL A 386 -44.35 -8.41 33.18
C VAL A 386 -44.14 -7.21 32.27
N TRP A 387 -44.19 -7.48 30.96
CA TRP A 387 -44.09 -6.43 29.96
C TRP A 387 -45.30 -5.47 30.08
N ASP A 388 -45.06 -4.19 29.83
CA ASP A 388 -46.13 -3.20 29.79
C ASP A 388 -46.96 -3.47 28.56
N GLU A 389 -48.17 -3.99 28.78
CA GLU A 389 -49.07 -4.42 27.71
C GLU A 389 -49.59 -3.25 26.86
N LYS A 390 -49.96 -2.15 27.52
CA LYS A 390 -50.50 -0.96 26.86
C LYS A 390 -49.45 -0.34 25.94
N ALA A 391 -48.24 -0.16 26.48
CA ALA A 391 -47.11 0.40 25.72
C ALA A 391 -46.61 -0.50 24.61
N ALA A 392 -46.64 -1.81 24.81
CA ALA A 392 -46.19 -2.77 23.79
C ALA A 392 -47.02 -2.67 22.51
N GLU A 393 -48.33 -2.43 22.64
CA GLU A 393 -49.20 -2.23 21.48
C GLU A 393 -49.27 -0.77 20.96
N ARG A 394 -48.47 0.12 21.56
CA ARG A 394 -48.06 1.37 20.93
C ARG A 394 -46.72 1.23 20.16
N GLY A 395 -46.10 0.04 20.19
CA GLY A 395 -44.78 -0.19 19.59
C GLY A 395 -43.62 -0.35 20.57
N GLU A 396 -43.76 0.25 21.77
CA GLU A 396 -42.69 0.38 22.77
C GLU A 396 -42.65 -0.82 23.76
N ASP A 397 -41.60 -1.64 23.65
CA ASP A 397 -41.39 -2.76 24.59
C ASP A 397 -40.77 -2.25 25.89
N LYS A 398 -41.55 -2.31 26.98
CA LYS A 398 -41.16 -1.80 28.29
C LYS A 398 -41.53 -2.80 29.36
N PRO A 399 -40.81 -2.79 30.51
CA PRO A 399 -41.29 -3.49 31.69
C PRO A 399 -42.23 -2.61 32.53
N VAL A 400 -43.19 -3.25 33.21
CA VAL A 400 -44.02 -2.57 34.20
C VAL A 400 -43.13 -2.39 35.43
N LYS A 401 -42.77 -1.15 35.73
CA LYS A 401 -41.83 -0.87 36.82
C LYS A 401 -42.49 -1.07 38.19
N GLN A 402 -42.61 -2.33 38.60
CA GLN A 402 -43.28 -2.67 39.85
C GLN A 402 -42.91 -4.10 40.27
N ASN A 403 -42.43 -4.25 41.50
CA ASN A 403 -41.80 -5.49 41.96
C ASN A 403 -40.60 -5.82 41.08
N ASP A 404 -39.72 -4.83 40.87
CA ASP A 404 -38.59 -4.96 39.95
C ASP A 404 -37.23 -4.63 40.57
N HIS A 405 -37.17 -4.62 41.90
CA HIS A 405 -36.04 -4.03 42.62
C HIS A 405 -34.87 -4.97 42.76
N GLN A 406 -35.13 -6.22 43.08
CA GLN A 406 -34.11 -7.26 42.98
C GLN A 406 -33.75 -7.50 41.51
N LEU A 407 -34.75 -7.56 40.65
CA LEU A 407 -34.55 -7.86 39.23
C LEU A 407 -33.81 -6.76 38.43
N ASP A 408 -33.94 -5.51 38.88
CA ASP A 408 -33.17 -4.39 38.28
C ASP A 408 -31.72 -4.49 38.70
N ALA A 409 -31.47 -4.74 39.99
CA ALA A 409 -30.12 -4.99 40.51
C ALA A 409 -29.44 -6.18 39.80
N ASP A 410 -30.17 -7.28 39.66
CA ASP A 410 -29.68 -8.46 38.94
C ASP A 410 -29.31 -8.13 37.49
N ARG A 411 -30.11 -7.25 36.87
CA ARG A 411 -29.84 -6.76 35.51
C ARG A 411 -28.58 -5.90 35.49
N TYR A 412 -28.47 -4.97 36.44
CA TYR A 412 -27.26 -4.12 36.54
C TYR A 412 -26.01 -5.00 36.61
N PHE A 413 -26.05 -6.07 37.39
CA PHE A 413 -24.91 -7.00 37.50
C PHE A 413 -24.61 -7.76 36.21
N VAL A 414 -25.64 -8.41 35.67
CA VAL A 414 -25.48 -9.26 34.48
C VAL A 414 -25.02 -8.42 33.29
N ASN A 415 -25.70 -7.28 33.09
CA ASN A 415 -25.43 -6.40 31.96
C ASN A 415 -24.05 -5.71 32.04
N THR A 416 -23.57 -5.44 33.26
CA THR A 416 -22.28 -4.75 33.49
C THR A 416 -21.09 -5.72 33.57
N ILE A 417 -21.24 -6.84 34.26
CA ILE A 417 -20.13 -7.76 34.54
C ILE A 417 -20.03 -8.89 33.52
N LEU A 418 -21.13 -9.61 33.31
CA LEU A 418 -21.14 -10.79 32.42
C LEU A 418 -21.03 -10.43 30.95
N PHE A 419 -21.77 -9.40 30.54
CA PHE A 419 -21.79 -8.94 29.15
C PHE A 419 -21.01 -7.62 29.02
N GLY A 420 -20.31 -7.46 27.89
CA GLY A 420 -19.42 -6.30 27.65
C GLY A 420 -18.59 -6.52 26.41
N PRO B 16 -24.52 -12.47 -7.70
CA PRO B 16 -25.09 -13.75 -7.15
C PRO B 16 -24.68 -15.11 -7.76
N PHE B 17 -23.78 -15.82 -7.06
CA PHE B 17 -23.61 -17.27 -7.24
C PHE B 17 -24.92 -18.04 -7.07
N SER B 18 -25.14 -19.02 -7.96
CA SER B 18 -26.29 -19.91 -7.88
C SER B 18 -26.12 -20.92 -6.76
N LYS B 19 -27.17 -21.70 -6.52
CA LYS B 19 -27.13 -22.80 -5.54
C LYS B 19 -26.01 -23.79 -5.89
N LYS B 20 -25.83 -24.07 -7.18
CA LYS B 20 -24.80 -25.01 -7.63
C LYS B 20 -23.39 -24.44 -7.56
N GLN B 21 -23.24 -23.16 -7.87
CA GLN B 21 -21.94 -22.48 -7.76
C GLN B 21 -21.45 -22.47 -6.30
N LEU B 22 -22.36 -22.20 -5.37
CA LEU B 22 -22.05 -22.24 -3.94
C LEU B 22 -21.57 -23.61 -3.46
N LYS B 23 -22.14 -24.68 -4.02
CA LYS B 23 -21.69 -26.05 -3.74
C LYS B 23 -20.20 -26.26 -4.08
N VAL B 24 -19.73 -25.63 -5.15
CA VAL B 24 -18.31 -25.72 -5.56
C VAL B 24 -17.40 -24.94 -4.59
N LEU B 25 -17.90 -23.82 -4.11
CA LEU B 25 -17.20 -23.01 -3.11
C LEU B 25 -17.10 -23.66 -1.72
N THR B 26 -18.06 -24.52 -1.38
CA THR B 26 -18.18 -25.06 -0.01
C THR B 26 -18.01 -26.58 0.16
N TRP B 27 -18.02 -27.36 -0.91
CA TRP B 27 -17.95 -28.84 -0.78
C TRP B 27 -16.79 -29.33 0.10
N TRP B 28 -15.65 -28.65 -0.01
CA TRP B 28 -14.41 -29.03 0.69
C TRP B 28 -14.38 -28.67 2.19
N ARG B 29 -15.10 -27.62 2.58
CA ARG B 29 -15.15 -27.19 3.99
C ARG B 29 -15.65 -28.32 4.89
N LYS B 30 -15.05 -28.44 6.08
CA LYS B 30 -15.32 -29.58 7.00
C LYS B 30 -16.81 -29.71 7.36
N ALA B 31 -17.49 -28.57 7.46
CA ALA B 31 -18.94 -28.50 7.70
C ALA B 31 -19.81 -29.20 6.63
N SER B 32 -19.28 -29.34 5.42
CA SER B 32 -19.99 -30.02 4.33
C SER B 32 -20.14 -31.52 4.58
N PRO B 33 -21.32 -32.09 4.23
CA PRO B 33 -21.51 -33.55 4.19
C PRO B 33 -20.56 -34.30 3.24
N VAL B 34 -20.22 -33.68 2.12
CA VAL B 34 -19.43 -34.33 1.07
C VAL B 34 -17.92 -33.97 1.10
N SER B 35 -17.44 -33.42 2.22
CA SER B 35 -16.02 -33.05 2.37
C SER B 35 -15.05 -34.24 2.42
N ASP B 36 -15.56 -35.42 2.73
CA ASP B 36 -14.75 -36.66 2.72
C ASP B 36 -14.26 -37.04 1.31
N LYS B 37 -14.96 -36.58 0.26
CA LYS B 37 -14.61 -36.94 -1.12
C LYS B 37 -13.22 -36.45 -1.53
N ASP B 38 -12.53 -37.26 -2.33
CA ASP B 38 -11.14 -36.97 -2.74
C ASP B 38 -11.00 -35.91 -3.84
N GLY B 39 -12.10 -35.37 -4.34
CA GLY B 39 -12.05 -34.35 -5.37
C GLY B 39 -13.40 -34.04 -5.96
N ILE B 40 -13.39 -33.22 -7.01
CA ILE B 40 -14.61 -32.74 -7.65
C ILE B 40 -14.43 -32.68 -9.16
N ILE B 41 -15.52 -32.97 -9.90
CA ILE B 41 -15.57 -32.83 -11.35
C ILE B 41 -16.73 -31.90 -11.69
N CYS B 42 -16.43 -30.78 -12.36
CA CYS B 42 -17.47 -29.92 -12.90
C CYS B 42 -17.45 -29.94 -14.41
N ASP B 43 -18.32 -30.77 -15.00
CA ASP B 43 -18.58 -30.77 -16.44
C ASP B 43 -19.84 -29.97 -16.74
N GLY B 44 -20.12 -29.76 -18.01
CA GLY B 44 -21.33 -29.03 -18.44
C GLY B 44 -21.15 -28.03 -19.55
N SER B 45 -22.12 -27.13 -19.66
CA SER B 45 -22.18 -26.15 -20.73
C SER B 45 -21.13 -25.07 -20.59
N ILE B 46 -20.91 -24.33 -21.68
CA ILE B 46 -20.10 -23.11 -21.63
C ILE B 46 -20.88 -21.99 -20.96
N ARG B 47 -20.13 -21.03 -20.43
CA ARG B 47 -20.65 -19.86 -19.72
C ARG B 47 -21.64 -20.19 -18.59
N ALA B 48 -21.35 -21.28 -17.88
CA ALA B 48 -22.11 -21.66 -16.70
C ALA B 48 -21.51 -21.06 -15.43
N GLY B 49 -20.42 -20.30 -15.57
CA GLY B 49 -19.78 -19.68 -14.40
C GLY B 49 -19.07 -20.68 -13.53
N LYS B 50 -18.57 -21.75 -14.12
CA LYS B 50 -17.95 -22.85 -13.38
C LYS B 50 -16.43 -22.76 -13.32
N THR B 51 -15.79 -22.26 -14.38
CA THR B 51 -14.33 -22.11 -14.39
C THR B 51 -13.86 -21.14 -13.32
N ILE B 52 -14.58 -20.03 -13.16
CA ILE B 52 -14.13 -18.98 -12.24
C ILE B 52 -14.37 -19.31 -10.76
N VAL B 53 -15.54 -19.87 -10.43
CA VAL B 53 -15.83 -20.24 -9.03
C VAL B 53 -15.00 -21.42 -8.58
N MET B 54 -14.76 -22.36 -9.49
CA MET B 54 -13.97 -23.54 -9.17
C MET B 54 -12.48 -23.23 -9.03
N SER B 55 -11.98 -22.28 -9.83
CA SER B 55 -10.62 -21.76 -9.68
C SER B 55 -10.44 -21.06 -8.32
N PHE B 56 -11.40 -20.20 -7.99
CA PHE B 56 -11.40 -19.45 -6.73
C PHE B 56 -11.53 -20.36 -5.51
N SER B 57 -12.40 -21.36 -5.59
CA SER B 57 -12.57 -22.34 -4.51
C SER B 57 -11.32 -23.18 -4.28
N TYR B 58 -10.61 -23.51 -5.36
CA TYR B 58 -9.35 -24.27 -5.28
C TYR B 58 -8.30 -23.53 -4.47
N VAL B 59 -8.13 -22.24 -4.75
CA VAL B 59 -7.18 -21.40 -4.02
C VAL B 59 -7.63 -21.25 -2.58
N MET B 60 -8.91 -20.93 -2.37
CA MET B 60 -9.48 -20.83 -1.02
C MET B 60 -9.17 -22.09 -0.22
N TRP B 61 -9.59 -23.23 -0.76
CA TRP B 61 -9.36 -24.53 -0.15
C TRP B 61 -7.88 -24.70 0.20
N ALA B 62 -7.04 -24.54 -0.81
CA ALA B 62 -5.58 -24.72 -0.67
C ALA B 62 -4.97 -23.84 0.41
N MET B 63 -5.35 -22.56 0.42
CA MET B 63 -4.86 -21.60 1.41
C MET B 63 -5.30 -22.00 2.82
N ASP B 64 -6.58 -22.31 2.98
CA ASP B 64 -7.16 -22.74 4.26
C ASP B 64 -6.56 -24.05 4.79
N THR B 65 -6.42 -25.04 3.92
CA THR B 65 -6.10 -26.40 4.34
C THR B 65 -4.61 -26.65 4.54
N PHE B 66 -3.75 -25.95 3.81
CA PHE B 66 -2.31 -26.17 3.91
C PHE B 66 -1.51 -24.90 4.17
N ASN B 67 -0.22 -25.08 4.46
CA ASN B 67 0.73 -23.98 4.56
C ASN B 67 2.08 -24.42 3.99
N GLU B 68 2.73 -23.50 3.27
CA GLU B 68 4.03 -23.73 2.61
C GLU B 68 4.03 -25.03 1.78
N GLN B 69 2.98 -25.20 0.99
CA GLN B 69 2.75 -26.41 0.20
C GLN B 69 2.53 -26.08 -1.28
N ASN B 70 2.84 -27.04 -2.15
CA ASN B 70 2.77 -26.86 -3.60
C ASN B 70 1.44 -27.34 -4.19
N PHE B 71 0.95 -26.60 -5.19
CA PHE B 71 -0.27 -26.93 -5.91
C PHE B 71 -0.08 -26.77 -7.40
N GLY B 72 -0.84 -27.55 -8.17
CA GLY B 72 -0.76 -27.54 -9.62
C GLY B 72 -2.04 -27.02 -10.25
N MET B 73 -1.88 -26.16 -11.25
CA MET B 73 -2.99 -25.70 -12.09
C MET B 73 -2.60 -25.99 -13.53
N ALA B 74 -3.54 -26.53 -14.31
CA ALA B 74 -3.25 -26.97 -15.68
C ALA B 74 -4.34 -26.55 -16.68
N GLY B 75 -3.90 -26.33 -17.92
CA GLY B 75 -4.79 -26.06 -19.07
C GLY B 75 -4.29 -26.85 -20.28
N LYS B 76 -4.98 -26.68 -21.42
CA LYS B 76 -4.52 -27.23 -22.70
C LYS B 76 -3.11 -26.74 -23.02
N THR B 77 -2.86 -25.47 -22.75
CA THR B 77 -1.53 -24.83 -22.78
C THR B 77 -1.42 -23.82 -21.63
N ILE B 78 -0.21 -23.45 -21.25
CA ILE B 78 -0.01 -22.49 -20.15
C ILE B 78 -0.63 -21.11 -20.47
N GLY B 79 -0.60 -20.73 -21.75
CA GLY B 79 -1.20 -19.48 -22.20
C GLY B 79 -2.71 -19.51 -22.04
N ALA B 80 -3.32 -20.59 -22.56
CA ALA B 80 -4.76 -20.80 -22.44
C ALA B 80 -5.22 -20.76 -20.98
N LEU B 81 -4.48 -21.45 -20.13
CA LEU B 81 -4.72 -21.48 -18.69
C LEU B 81 -4.71 -20.08 -18.08
N ARG B 82 -3.76 -19.24 -18.50
CA ARG B 82 -3.67 -17.87 -18.00
C ARG B 82 -4.83 -16.99 -18.43
N ARG B 83 -5.17 -17.05 -19.72
CA ARG B 83 -6.25 -16.21 -20.27
C ARG B 83 -7.62 -16.62 -19.77
N ASN B 84 -7.87 -17.93 -19.68
CA ASN B 84 -9.14 -18.45 -19.15
C ASN B 84 -9.26 -18.28 -17.65
N VAL B 85 -8.25 -18.75 -16.92
CA VAL B 85 -8.36 -18.97 -15.46
C VAL B 85 -7.58 -17.93 -14.63
N ILE B 86 -6.26 -17.84 -14.81
CA ILE B 86 -5.39 -17.10 -13.87
C ILE B 86 -5.72 -15.60 -13.82
N THR B 87 -5.82 -14.96 -14.98
CA THR B 87 -5.93 -13.50 -15.04
C THR B 87 -7.18 -12.91 -14.35
N PRO B 88 -8.37 -13.51 -14.54
CA PRO B 88 -9.51 -13.09 -13.70
C PRO B 88 -9.46 -13.64 -12.27
N LEU B 89 -8.87 -14.82 -12.07
CA LEU B 89 -8.65 -15.38 -10.73
C LEU B 89 -7.81 -14.44 -9.87
N LYS B 90 -6.73 -13.89 -10.45
CA LYS B 90 -5.86 -12.95 -9.73
C LYS B 90 -6.57 -11.66 -9.35
N ARG B 91 -7.44 -11.15 -10.22
CA ARG B 91 -8.22 -9.95 -9.88
C ARG B 91 -9.24 -10.30 -8.80
N MET B 92 -9.86 -11.46 -8.91
CA MET B 92 -10.83 -11.93 -7.92
C MET B 92 -10.18 -12.17 -6.55
N LEU B 93 -8.99 -12.78 -6.55
CA LEU B 93 -8.23 -13.03 -5.31
C LEU B 93 -7.80 -11.73 -4.61
N LYS B 94 -7.27 -10.80 -5.40
CA LYS B 94 -6.87 -9.47 -4.89
C LYS B 94 -8.03 -8.69 -4.26
N SER B 95 -9.21 -8.81 -4.86
CA SER B 95 -10.42 -8.19 -4.32
C SER B 95 -10.72 -8.69 -2.90
N ARG B 96 -10.79 -10.00 -2.72
CA ARG B 96 -11.08 -10.60 -1.41
C ARG B 96 -9.92 -10.51 -0.39
N GLY B 97 -8.79 -9.93 -0.78
CA GLY B 97 -7.68 -9.64 0.14
C GLY B 97 -6.58 -10.70 0.19
N TYR B 98 -6.38 -11.41 -0.91
CA TYR B 98 -5.26 -12.35 -1.05
C TYR B 98 -4.13 -11.60 -1.76
N ARG B 99 -2.93 -11.65 -1.19
CA ARG B 99 -1.74 -11.07 -1.83
C ARG B 99 -1.16 -12.11 -2.80
N VAL B 100 -1.09 -11.73 -4.09
CA VAL B 100 -0.61 -12.62 -5.15
C VAL B 100 0.68 -12.06 -5.77
N LYS B 101 1.59 -12.94 -6.15
CA LYS B 101 2.85 -12.54 -6.81
C LYS B 101 3.17 -13.53 -7.93
N ASP B 102 2.82 -13.16 -9.16
CA ASP B 102 3.02 -14.01 -10.34
C ASP B 102 4.51 -13.99 -10.71
N HIS B 103 5.13 -15.17 -10.79
CA HIS B 103 6.52 -15.30 -11.29
C HIS B 103 6.46 -15.80 -12.73
N ARG B 104 6.30 -14.85 -13.66
CA ARG B 104 5.92 -15.15 -15.05
C ARG B 104 6.78 -16.22 -15.72
N ALA B 105 8.08 -15.97 -15.80
CA ALA B 105 9.00 -16.85 -16.52
C ALA B 105 9.11 -18.24 -15.89
N ASP B 106 8.96 -18.30 -14.56
CA ASP B 106 9.02 -19.58 -13.83
C ASP B 106 7.71 -20.38 -13.88
N ASN B 107 6.62 -19.73 -14.25
CA ASN B 107 5.29 -20.36 -14.37
C ASN B 107 4.79 -20.93 -13.05
N TYR B 108 4.79 -20.08 -12.03
CA TYR B 108 4.15 -20.40 -10.75
C TYR B 108 3.86 -19.08 -10.05
N LEU B 109 2.96 -19.14 -9.07
CA LEU B 109 2.51 -18.00 -8.29
C LEU B 109 2.73 -18.31 -6.81
N THR B 110 2.91 -17.27 -6.00
CA THR B 110 2.84 -17.39 -4.54
C THR B 110 1.67 -16.55 -4.04
N ILE B 111 0.66 -17.23 -3.52
CA ILE B 111 -0.50 -16.59 -2.92
C ILE B 111 -0.33 -16.69 -1.41
N THR B 112 -0.57 -15.58 -0.72
CA THR B 112 -0.50 -15.51 0.74
C THR B 112 -1.82 -14.98 1.28
N PHE B 113 -2.23 -15.45 2.47
CA PHE B 113 -3.52 -15.07 3.06
C PHE B 113 -3.58 -15.35 4.57
N LYS B 114 -3.78 -14.29 5.36
CA LYS B 114 -3.88 -14.37 6.82
C LYS B 114 -2.75 -15.23 7.41
N GLY B 115 -1.53 -14.81 7.17
CA GLY B 115 -0.34 -15.50 7.68
C GLY B 115 0.13 -16.74 6.93
N LYS B 116 -0.73 -17.30 6.08
CA LYS B 116 -0.43 -18.54 5.36
C LYS B 116 0.06 -18.23 3.96
N THR B 117 0.88 -19.14 3.40
CA THR B 117 1.48 -18.96 2.07
C THR B 117 1.60 -20.30 1.34
N ASN B 118 1.17 -20.32 0.08
CA ASN B 118 1.25 -21.53 -0.75
C ASN B 118 1.71 -21.23 -2.17
N TYR B 119 2.12 -22.29 -2.85
CA TYR B 119 2.80 -22.23 -4.15
C TYR B 119 1.96 -22.93 -5.22
N PHE B 120 1.65 -22.20 -6.29
CA PHE B 120 0.72 -22.63 -7.32
C PHE B 120 1.43 -22.63 -8.67
N TYR B 121 1.76 -23.82 -9.16
CA TYR B 121 2.51 -23.98 -10.40
C TYR B 121 1.57 -24.16 -11.59
N LEU B 122 1.90 -23.50 -12.70
CA LEU B 122 1.10 -23.55 -13.91
C LEU B 122 1.69 -24.56 -14.88
N PHE B 123 0.84 -25.46 -15.38
CA PHE B 123 1.26 -26.48 -16.34
C PHE B 123 0.44 -26.38 -17.63
N GLY B 124 0.93 -27.07 -18.66
CA GLY B 124 0.23 -27.21 -19.93
C GLY B 124 0.11 -28.67 -20.28
N GLY B 125 -0.96 -29.04 -20.96
CA GLY B 125 -1.21 -30.42 -21.40
C GLY B 125 -0.04 -31.04 -22.16
N LYS B 126 0.19 -30.57 -23.39
CA LYS B 126 1.31 -31.04 -24.21
C LYS B 126 2.66 -30.34 -23.96
N ASP B 127 2.70 -29.29 -23.13
CA ASP B 127 3.91 -28.45 -22.98
C ASP B 127 5.19 -29.25 -22.65
N GLU B 128 6.30 -28.85 -23.27
CA GLU B 128 7.57 -29.57 -23.16
C GLU B 128 8.23 -29.34 -21.79
N SER B 129 8.30 -28.07 -21.39
CA SER B 129 8.85 -27.69 -20.07
C SER B 129 8.01 -28.16 -18.88
N SER B 130 6.69 -28.26 -19.07
CA SER B 130 5.78 -28.79 -18.05
C SER B 130 6.07 -30.25 -17.75
N GLN B 131 6.19 -31.07 -18.80
CA GLN B 131 6.42 -32.51 -18.65
C GLN B 131 7.75 -32.91 -17.98
N ASP B 132 8.72 -32.00 -17.92
CA ASP B 132 9.96 -32.20 -17.13
C ASP B 132 9.76 -31.87 -15.64
N LEU B 133 8.90 -30.89 -15.34
CA LEU B 133 8.62 -30.49 -13.95
C LEU B 133 7.68 -31.47 -13.25
N ILE B 134 6.61 -31.89 -13.95
CA ILE B 134 5.62 -32.83 -13.39
C ILE B 134 6.19 -34.24 -13.14
N GLN B 135 7.34 -34.57 -13.71
CA GLN B 135 8.03 -35.82 -13.35
C GLN B 135 8.53 -35.85 -11.90
N GLY B 136 8.87 -34.68 -11.33
CA GLY B 136 9.54 -34.57 -10.04
C GLY B 136 8.85 -33.83 -8.90
N ILE B 137 7.96 -32.89 -9.20
CA ILE B 137 7.33 -32.05 -8.15
C ILE B 137 6.38 -32.84 -7.24
N THR B 138 6.24 -32.38 -5.99
CA THR B 138 5.29 -32.96 -5.02
C THR B 138 4.17 -31.95 -4.76
N LEU B 139 2.93 -32.42 -4.79
CA LEU B 139 1.75 -31.53 -4.78
C LEU B 139 0.70 -31.91 -3.73
N ALA B 140 0.15 -30.88 -3.08
CA ALA B 140 -0.97 -31.05 -2.15
C ALA B 140 -2.31 -30.97 -2.87
N GLY B 141 -2.29 -30.67 -4.16
CA GLY B 141 -3.50 -30.69 -4.97
C GLY B 141 -3.20 -30.39 -6.42
N MET B 142 -4.21 -30.60 -7.27
CA MET B 142 -4.08 -30.39 -8.70
C MET B 142 -5.40 -29.89 -9.24
N PHE B 143 -5.32 -28.99 -10.22
CA PHE B 143 -6.50 -28.39 -10.84
C PHE B 143 -6.36 -28.49 -12.34
N PHE B 144 -7.38 -29.05 -13.00
CA PHE B 144 -7.40 -29.09 -14.45
C PHE B 144 -8.57 -28.30 -15.01
N ASP B 145 -8.27 -27.40 -15.97
CA ASP B 145 -9.26 -26.65 -16.73
C ASP B 145 -9.24 -27.14 -18.16
N GLU B 146 -10.41 -27.47 -18.70
CA GLU B 146 -10.54 -28.12 -20.02
C GLU B 146 -9.81 -29.48 -20.06
N VAL B 147 -9.96 -30.25 -18.98
CA VAL B 147 -9.32 -31.57 -18.88
C VAL B 147 -9.72 -32.50 -20.04
N ALA B 148 -10.92 -32.30 -20.58
CA ALA B 148 -11.40 -32.94 -21.80
C ALA B 148 -10.39 -32.84 -22.96
N LEU B 149 -9.73 -31.69 -23.08
CA LEU B 149 -8.74 -31.45 -24.13
C LEU B 149 -7.36 -32.01 -23.82
N MET B 150 -7.01 -32.15 -22.54
CA MET B 150 -5.66 -32.57 -22.16
C MET B 150 -5.43 -34.04 -22.48
N PRO B 151 -4.17 -34.41 -22.76
CA PRO B 151 -3.86 -35.82 -22.98
C PRO B 151 -3.94 -36.61 -21.68
N GLU B 152 -4.56 -37.79 -21.74
CA GLU B 152 -4.79 -38.64 -20.57
C GLU B 152 -3.50 -38.90 -19.78
N SER B 153 -2.42 -39.24 -20.50
CA SER B 153 -1.15 -39.60 -19.87
C SER B 153 -0.59 -38.51 -18.97
N PHE B 154 -0.70 -37.25 -19.41
CA PHE B 154 -0.30 -36.12 -18.56
C PHE B 154 -1.19 -35.99 -17.31
N VAL B 155 -2.49 -36.18 -17.46
CA VAL B 155 -3.44 -36.05 -16.34
C VAL B 155 -3.19 -37.11 -15.27
N ASN B 156 -2.92 -38.35 -15.69
CA ASN B 156 -2.58 -39.43 -14.75
C ASN B 156 -1.23 -39.21 -14.07
N GLN B 157 -0.23 -38.75 -14.83
CA GLN B 157 1.09 -38.40 -14.28
C GLN B 157 1.05 -37.23 -13.27
N ALA B 158 0.13 -36.28 -13.49
CA ALA B 158 -0.07 -35.14 -12.59
C ALA B 158 -0.75 -35.54 -11.30
N THR B 159 -1.76 -36.40 -11.38
CA THR B 159 -2.43 -36.93 -10.18
C THR B 159 -1.47 -37.79 -9.34
N ALA B 160 -0.56 -38.51 -9.99
CA ALA B 160 0.49 -39.28 -9.32
C ALA B 160 1.44 -38.42 -8.47
N ARG B 161 1.60 -37.15 -8.82
CA ARG B 161 2.40 -36.21 -8.03
C ARG B 161 1.68 -35.65 -6.81
N CYS B 162 0.38 -35.93 -6.66
CA CYS B 162 -0.38 -35.48 -5.48
C CYS B 162 -0.23 -36.46 -4.30
N SER B 163 1.00 -36.52 -3.76
CA SER B 163 1.40 -37.48 -2.74
C SER B 163 1.18 -37.02 -1.29
N VAL B 164 1.01 -35.72 -1.10
CA VAL B 164 0.79 -35.13 0.24
C VAL B 164 -0.53 -35.65 0.81
N ASP B 165 -0.56 -35.83 2.12
CA ASP B 165 -1.75 -36.29 2.83
C ASP B 165 -2.84 -35.20 2.78
N GLY B 166 -4.06 -35.61 2.45
CA GLY B 166 -5.20 -34.69 2.33
C GLY B 166 -5.36 -34.03 0.96
N ALA B 167 -4.68 -34.56 -0.06
CA ALA B 167 -4.71 -33.98 -1.41
C ALA B 167 -6.05 -34.20 -2.09
N LYS B 168 -6.43 -33.24 -2.92
CA LYS B 168 -7.72 -33.27 -3.61
C LYS B 168 -7.53 -32.93 -5.10
N LEU B 169 -8.25 -33.64 -5.96
CA LEU B 169 -8.16 -33.45 -7.40
C LEU B 169 -9.38 -32.71 -7.92
N TRP B 170 -9.15 -31.63 -8.67
CA TRP B 170 -10.23 -30.78 -9.18
C TRP B 170 -10.22 -30.79 -10.71
N PHE B 171 -11.34 -31.20 -11.31
CA PHE B 171 -11.45 -31.31 -12.75
C PHE B 171 -12.58 -30.42 -13.26
N ASN B 172 -12.27 -29.62 -14.29
CA ASN B 172 -13.25 -28.74 -14.94
C ASN B 172 -13.19 -29.00 -16.43
N CYS B 173 -14.35 -29.23 -17.05
CA CYS B 173 -14.40 -29.42 -18.51
C CYS B 173 -15.76 -29.19 -19.16
N ASN B 174 -15.75 -29.15 -20.48
CA ASN B 174 -16.94 -29.16 -21.33
C ASN B 174 -16.98 -30.47 -22.11
N PRO B 175 -18.19 -30.92 -22.49
CA PRO B 175 -18.32 -32.30 -22.97
C PRO B 175 -17.68 -32.59 -24.34
N ALA B 176 -17.15 -33.80 -24.47
CA ALA B 176 -16.71 -34.37 -25.73
C ALA B 176 -17.61 -35.60 -26.03
N GLY B 177 -17.09 -36.61 -26.70
CA GLY B 177 -17.85 -37.84 -27.00
C GLY B 177 -17.98 -38.73 -25.76
N PRO B 178 -19.03 -39.56 -25.70
CA PRO B 178 -19.23 -40.45 -24.54
C PRO B 178 -18.24 -41.61 -24.42
N TYR B 179 -17.47 -41.87 -25.46
CA TYR B 179 -16.32 -42.80 -25.39
C TYR B 179 -15.02 -42.11 -24.98
N HIS B 180 -15.05 -40.80 -24.73
CA HIS B 180 -13.85 -40.04 -24.41
C HIS B 180 -13.25 -40.48 -23.10
N TRP B 181 -11.92 -40.62 -23.03
CA TRP B 181 -11.28 -41.21 -21.84
C TRP B 181 -11.78 -40.61 -20.51
N PHE B 182 -11.95 -39.30 -20.46
CA PHE B 182 -12.39 -38.63 -19.24
C PHE B 182 -13.82 -39.01 -18.84
N LYS B 183 -14.71 -39.21 -19.81
CA LYS B 183 -16.06 -39.73 -19.53
C LYS B 183 -15.96 -41.16 -19.01
N VAL B 184 -15.26 -42.00 -19.77
CA VAL B 184 -15.13 -43.44 -19.47
C VAL B 184 -14.42 -43.73 -18.14
N GLU B 185 -13.33 -43.03 -17.86
CA GLU B 185 -12.44 -43.33 -16.74
C GLU B 185 -12.67 -42.51 -15.46
N TYR B 186 -13.29 -41.34 -15.57
CA TYR B 186 -13.51 -40.48 -14.39
C TYR B 186 -14.99 -40.29 -14.07
N LEU B 187 -15.79 -39.86 -15.05
CA LEU B 187 -17.23 -39.59 -14.82
C LEU B 187 -18.08 -40.86 -14.65
N ASP B 188 -17.78 -41.90 -15.43
CA ASP B 188 -18.46 -43.19 -15.30
C ASP B 188 -17.96 -43.96 -14.08
N LYS B 189 -16.65 -43.87 -13.80
CA LYS B 189 -16.05 -44.49 -12.61
C LYS B 189 -15.97 -43.49 -11.44
N LEU B 190 -17.09 -42.85 -11.13
CA LEU B 190 -17.11 -41.72 -10.20
C LEU B 190 -16.86 -42.15 -8.75
N ASP B 191 -17.58 -43.19 -8.31
CA ASP B 191 -17.40 -43.74 -6.96
C ASP B 191 -16.08 -44.48 -6.79
N GLU B 192 -15.61 -45.10 -7.87
CA GLU B 192 -14.32 -45.82 -7.87
C GLU B 192 -13.10 -44.91 -7.55
N LYS B 193 -13.18 -43.64 -7.94
CA LYS B 193 -12.15 -42.64 -7.59
C LYS B 193 -12.57 -41.72 -6.43
N ASN B 194 -13.83 -41.85 -5.98
CA ASN B 194 -14.38 -41.16 -4.82
C ASN B 194 -14.44 -39.66 -5.04
N LEU B 195 -15.15 -39.27 -6.11
CA LEU B 195 -15.24 -37.88 -6.53
C LEU B 195 -16.68 -37.38 -6.51
N LEU B 196 -16.84 -36.10 -6.17
CA LEU B 196 -18.10 -35.41 -6.34
C LEU B 196 -18.23 -35.06 -7.83
N HIS B 197 -19.47 -34.89 -8.29
CA HIS B 197 -19.73 -34.44 -9.67
C HIS B 197 -20.87 -33.44 -9.66
N LEU B 198 -20.64 -32.26 -10.23
CA LEU B 198 -21.69 -31.28 -10.44
C LEU B 198 -21.74 -30.97 -11.92
N HIS B 199 -22.88 -31.23 -12.56
CA HIS B 199 -23.10 -30.87 -13.96
C HIS B 199 -23.72 -29.48 -14.06
N PHE B 200 -23.24 -28.69 -15.02
CA PHE B 200 -23.53 -27.26 -15.11
C PHE B 200 -24.24 -26.89 -16.43
N THR B 201 -25.30 -26.09 -16.30
CA THR B 201 -26.04 -25.52 -17.43
C THR B 201 -25.95 -24.01 -17.29
N MET B 202 -26.31 -23.30 -18.34
CA MET B 202 -26.45 -21.83 -18.27
C MET B 202 -27.51 -21.34 -17.26
N ASP B 203 -28.45 -22.22 -16.89
CA ASP B 203 -29.37 -21.97 -15.77
C ASP B 203 -28.65 -21.68 -14.44
N ASP B 204 -27.50 -22.33 -14.23
CA ASP B 204 -26.72 -22.14 -13.01
C ASP B 204 -25.80 -20.90 -13.00
N ASN B 205 -25.91 -20.05 -14.04
CA ASN B 205 -25.19 -18.78 -14.10
C ASN B 205 -26.23 -17.67 -14.00
N LEU B 206 -26.39 -17.12 -12.80
CA LEU B 206 -27.43 -16.11 -12.54
C LEU B 206 -27.15 -14.75 -13.20
N SER B 207 -25.88 -14.47 -13.51
CA SER B 207 -25.51 -13.20 -14.16
C SER B 207 -26.06 -13.07 -15.60
N LEU B 208 -26.28 -14.20 -16.27
CA LEU B 208 -26.83 -14.20 -17.63
C LEU B 208 -28.34 -13.99 -17.61
N SER B 209 -28.81 -13.01 -18.39
CA SER B 209 -30.24 -12.75 -18.56
C SER B 209 -30.86 -13.76 -19.53
N LYS B 210 -32.19 -13.89 -19.48
CA LYS B 210 -32.92 -14.68 -20.49
C LYS B 210 -32.75 -14.11 -21.91
N GLN B 211 -32.47 -12.80 -22.00
CA GLN B 211 -32.05 -12.16 -23.25
C GLN B 211 -30.70 -12.70 -23.73
N VAL B 212 -29.68 -12.61 -22.87
CA VAL B 212 -28.31 -13.06 -23.22
C VAL B 212 -28.22 -14.59 -23.42
N LYS B 213 -29.03 -15.35 -22.67
CA LYS B 213 -29.04 -16.82 -22.79
C LYS B 213 -29.60 -17.34 -24.12
N GLU B 214 -30.68 -16.71 -24.60
CA GLU B 214 -31.26 -17.05 -25.90
C GLU B 214 -30.37 -16.64 -27.09
N ARG B 215 -29.47 -15.68 -26.87
CA ARG B 215 -28.47 -15.30 -27.87
C ARG B 215 -27.41 -16.40 -28.08
N TYR B 216 -26.97 -17.02 -26.98
CA TYR B 216 -26.03 -18.16 -27.01
C TYR B 216 -26.62 -19.45 -27.57
N GLN B 217 -27.90 -19.68 -27.33
CA GLN B 217 -28.60 -20.86 -27.86
C GLN B 217 -28.74 -20.85 -29.39
N ARG B 218 -28.86 -19.64 -29.95
CA ARG B 218 -28.85 -19.43 -31.39
C ARG B 218 -27.50 -19.78 -32.04
N MET B 219 -26.39 -19.55 -31.31
CA MET B 219 -25.03 -19.77 -31.82
C MET B 219 -24.70 -21.22 -32.24
N TYR B 220 -25.38 -22.19 -31.63
CA TYR B 220 -25.08 -23.61 -31.86
C TYR B 220 -26.29 -24.39 -32.31
N LYS B 221 -26.03 -25.36 -33.20
CA LYS B 221 -27.01 -26.38 -33.59
C LYS B 221 -26.30 -27.72 -33.70
N GLY B 222 -27.09 -28.79 -33.57
CA GLY B 222 -26.58 -30.16 -33.76
C GLY B 222 -25.72 -30.62 -32.58
N VAL B 223 -24.67 -31.36 -32.89
CA VAL B 223 -23.78 -31.92 -31.88
C VAL B 223 -23.23 -30.84 -30.93
N PHE B 224 -22.76 -29.73 -31.49
CA PHE B 224 -22.15 -28.66 -30.69
C PHE B 224 -23.17 -27.97 -29.77
N TYR B 225 -24.43 -27.95 -30.19
CA TYR B 225 -25.51 -27.46 -29.33
C TYR B 225 -25.72 -28.39 -28.15
N GLN B 226 -25.83 -29.67 -28.45
CA GLN B 226 -26.02 -30.69 -27.41
C GLN B 226 -24.87 -30.73 -26.41
N ARG B 227 -23.65 -30.51 -26.89
CA ARG B 227 -22.47 -30.50 -26.04
C ARG B 227 -22.33 -29.23 -25.20
N TYR B 228 -22.28 -28.07 -25.87
CA TYR B 228 -21.94 -26.83 -25.19
C TYR B 228 -23.12 -26.04 -24.61
N ILE B 229 -24.35 -26.47 -24.88
CA ILE B 229 -25.54 -25.83 -24.28
C ILE B 229 -26.27 -26.77 -23.33
N LEU B 230 -26.59 -27.97 -23.81
CA LEU B 230 -27.27 -28.97 -22.98
C LEU B 230 -26.30 -29.66 -22.03
N GLY B 231 -24.99 -29.57 -22.31
CA GLY B 231 -23.97 -30.13 -21.43
C GLY B 231 -23.77 -31.62 -21.58
N LEU B 232 -24.23 -32.17 -22.70
CA LEU B 232 -24.34 -33.61 -22.85
C LEU B 232 -23.12 -34.21 -23.57
N TRP B 233 -22.61 -35.33 -23.07
CA TRP B 233 -21.54 -36.06 -23.74
C TRP B 233 -22.10 -36.89 -24.90
N VAL B 234 -22.44 -36.21 -26.01
CA VAL B 234 -23.07 -36.87 -27.18
C VAL B 234 -22.05 -37.15 -28.27
N LEU B 235 -22.27 -38.24 -28.99
CA LEU B 235 -21.31 -38.75 -29.98
C LEU B 235 -21.29 -37.89 -31.23
N ALA B 236 -20.09 -37.57 -31.73
CA ALA B 236 -19.93 -36.87 -33.01
C ALA B 236 -20.11 -37.90 -34.13
N GLU B 237 -21.13 -37.69 -34.96
CA GLU B 237 -21.57 -38.70 -35.93
C GLU B 237 -22.12 -38.06 -37.20
N GLY B 238 -21.67 -38.57 -38.35
CA GLY B 238 -22.23 -38.20 -39.65
C GLY B 238 -21.66 -36.91 -40.21
N ILE B 239 -22.54 -36.12 -40.83
CA ILE B 239 -22.14 -34.85 -41.45
C ILE B 239 -21.72 -33.88 -40.36
N ILE B 240 -20.58 -33.23 -40.57
CA ILE B 240 -20.00 -32.31 -39.59
C ILE B 240 -20.78 -30.99 -39.54
N TYR B 241 -20.86 -30.32 -40.69
CA TYR B 241 -21.59 -29.05 -40.81
C TYR B 241 -23.03 -29.30 -41.25
N ASP B 242 -23.79 -29.99 -40.39
CA ASP B 242 -25.21 -30.26 -40.65
C ASP B 242 -26.07 -28.99 -40.73
N MET B 243 -25.59 -27.89 -40.15
CA MET B 243 -26.29 -26.59 -40.19
C MET B 243 -26.13 -25.80 -41.48
N PHE B 244 -25.24 -26.22 -42.39
CA PHE B 244 -25.10 -25.54 -43.69
C PHE B 244 -26.37 -25.74 -44.51
N ASP B 245 -26.79 -24.66 -45.19
CA ASP B 245 -28.14 -24.56 -45.75
C ASP B 245 -28.11 -23.61 -46.96
N GLN B 246 -28.27 -24.16 -48.16
CA GLN B 246 -28.14 -23.38 -49.40
C GLN B 246 -29.25 -22.34 -49.60
N ASP B 247 -30.35 -22.49 -48.87
CA ASP B 247 -31.32 -21.40 -48.73
C ASP B 247 -30.67 -20.22 -48.03
N GLU B 248 -30.07 -20.50 -46.88
CA GLU B 248 -29.62 -19.47 -45.96
C GLU B 248 -28.25 -18.89 -46.31
N HIS B 249 -27.28 -19.75 -46.62
CA HIS B 249 -25.87 -19.34 -46.66
C HIS B 249 -25.29 -19.00 -48.03
N VAL B 250 -26.03 -19.29 -49.11
CA VAL B 250 -25.57 -18.97 -50.47
C VAL B 250 -26.27 -17.71 -50.98
N VAL B 251 -25.48 -16.86 -51.65
CA VAL B 251 -25.94 -15.57 -52.19
C VAL B 251 -25.47 -15.39 -53.63
N PRO B 252 -26.13 -14.49 -54.40
CA PRO B 252 -25.77 -14.34 -55.81
C PRO B 252 -24.37 -13.76 -55.99
N THR B 253 -23.71 -14.14 -57.07
CA THR B 253 -22.35 -13.72 -57.33
C THR B 253 -22.38 -12.40 -58.10
N VAL B 254 -22.64 -11.31 -57.36
CA VAL B 254 -22.72 -9.95 -57.88
C VAL B 254 -21.79 -9.02 -57.10
N PRO B 255 -21.06 -8.12 -57.80
CA PRO B 255 -20.12 -7.22 -57.13
C PRO B 255 -20.69 -6.47 -55.91
N ARG B 256 -19.91 -6.42 -54.83
CA ARG B 256 -20.26 -5.65 -53.63
C ARG B 256 -19.08 -4.76 -53.24
N PRO B 257 -19.35 -3.62 -52.55
CA PRO B 257 -18.28 -2.71 -52.15
C PRO B 257 -17.59 -3.18 -50.87
N TYR B 258 -16.65 -4.11 -51.03
CA TYR B 258 -15.99 -4.76 -49.90
C TYR B 258 -14.98 -3.82 -49.23
N GLU B 259 -14.94 -3.85 -47.89
CA GLU B 259 -14.08 -2.98 -47.08
C GLU B 259 -12.65 -3.51 -47.00
N LYS B 260 -12.52 -4.75 -46.54
CA LYS B 260 -11.24 -5.45 -46.41
C LYS B 260 -11.25 -6.70 -47.26
N TYR B 261 -10.09 -7.35 -47.38
CA TYR B 261 -9.99 -8.65 -48.02
C TYR B 261 -8.97 -9.53 -47.30
N TYR B 262 -9.21 -10.84 -47.34
CA TYR B 262 -8.14 -11.82 -47.17
C TYR B 262 -8.21 -12.89 -48.25
N VAL B 263 -7.12 -13.64 -48.36
CA VAL B 263 -7.11 -14.91 -49.08
C VAL B 263 -6.76 -15.97 -48.04
N SER B 264 -7.47 -17.09 -48.07
CA SER B 264 -7.19 -18.24 -47.22
C SER B 264 -6.77 -19.39 -48.12
N CYS B 265 -5.83 -20.22 -47.66
CA CYS B 265 -5.20 -21.21 -48.52
C CYS B 265 -4.85 -22.55 -47.88
N ASP B 266 -5.47 -23.63 -48.36
CA ASP B 266 -5.01 -24.99 -48.08
C ASP B 266 -3.99 -25.30 -49.18
N TYR B 267 -2.73 -25.50 -48.80
CA TYR B 267 -1.68 -25.83 -49.76
C TYR B 267 -1.69 -27.33 -50.08
N GLY B 268 -1.35 -27.68 -51.31
CA GLY B 268 -1.23 -29.09 -51.70
C GLY B 268 -0.67 -29.29 -53.11
N THR B 269 0.51 -29.90 -53.19
CA THR B 269 1.15 -30.20 -54.48
C THR B 269 0.55 -31.50 -55.05
N GLN B 270 0.70 -32.58 -54.28
CA GLN B 270 0.09 -33.88 -54.54
C GLN B 270 -1.45 -33.85 -54.49
N ASN B 271 -1.99 -33.10 -53.53
CA ASN B 271 -3.43 -32.96 -53.30
C ASN B 271 -3.96 -31.69 -53.99
N PRO B 272 -5.24 -31.35 -53.79
CA PRO B 272 -5.72 -30.04 -54.21
C PRO B 272 -5.11 -28.89 -53.44
N THR B 273 -4.81 -27.80 -54.14
CA THR B 273 -4.56 -26.49 -53.52
C THR B 273 -5.79 -25.63 -53.74
N THR B 274 -6.18 -24.88 -52.71
CA THR B 274 -7.31 -23.96 -52.81
C THR B 274 -6.92 -22.60 -52.28
N PHE B 275 -7.44 -21.55 -52.94
CA PHE B 275 -7.45 -20.20 -52.40
C PHE B 275 -8.90 -19.86 -52.16
N GLY B 276 -9.14 -18.75 -51.46
CA GLY B 276 -10.49 -18.25 -51.27
C GLY B 276 -10.49 -16.78 -50.92
N LEU B 277 -11.07 -15.95 -51.78
CA LEU B 277 -11.11 -14.50 -51.55
C LEU B 277 -12.24 -14.20 -50.59
N TRP B 278 -11.90 -13.83 -49.37
CA TRP B 278 -12.88 -13.38 -48.39
C TRP B 278 -12.94 -11.86 -48.45
N GLY B 279 -14.13 -11.29 -48.24
CA GLY B 279 -14.33 -9.83 -48.33
C GLY B 279 -15.44 -9.33 -47.42
N LEU B 280 -15.15 -8.29 -46.65
CA LEU B 280 -16.10 -7.78 -45.65
C LEU B 280 -17.09 -6.81 -46.28
N TYR B 281 -18.36 -6.90 -45.87
CA TYR B 281 -19.39 -5.99 -46.33
C TYR B 281 -20.57 -5.99 -45.35
N ASN B 282 -20.65 -4.93 -44.54
CA ASN B 282 -21.70 -4.73 -43.53
C ASN B 282 -21.75 -5.85 -42.50
N GLY B 283 -20.59 -6.11 -41.89
CA GLY B 283 -20.46 -7.09 -40.81
C GLY B 283 -20.43 -8.54 -41.21
N VAL B 284 -20.46 -8.83 -42.52
CA VAL B 284 -20.50 -10.20 -43.00
C VAL B 284 -19.33 -10.39 -43.94
N TRP B 285 -18.59 -11.48 -43.75
CA TRP B 285 -17.52 -11.86 -44.67
C TRP B 285 -18.09 -12.78 -45.76
N TYR B 286 -17.81 -12.44 -47.01
CA TYR B 286 -18.29 -13.20 -48.17
C TYR B 286 -17.12 -13.92 -48.82
N LYS B 287 -17.21 -15.24 -48.96
CA LYS B 287 -16.28 -15.97 -49.83
C LYS B 287 -16.65 -15.63 -51.27
N VAL B 288 -15.93 -14.66 -51.83
CA VAL B 288 -16.31 -13.98 -53.08
C VAL B 288 -16.09 -14.90 -54.28
N LYS B 289 -15.00 -15.66 -54.25
CA LYS B 289 -14.76 -16.70 -55.23
C LYS B 289 -13.80 -17.75 -54.68
N GLU B 290 -13.63 -18.83 -55.43
CA GLU B 290 -12.74 -19.94 -55.05
C GLU B 290 -11.78 -20.30 -56.16
N TYR B 291 -10.59 -20.72 -55.74
CA TYR B 291 -9.60 -21.36 -56.62
C TYR B 291 -9.57 -22.81 -56.15
N HIS B 292 -9.34 -23.72 -57.09
CA HIS B 292 -9.32 -25.16 -56.78
C HIS B 292 -8.54 -25.88 -57.88
N TYR B 293 -7.28 -26.23 -57.57
CA TYR B 293 -6.42 -26.91 -58.54
C TYR B 293 -6.05 -28.31 -58.04
N ASP B 294 -6.45 -29.33 -58.81
CA ASP B 294 -6.13 -30.73 -58.50
C ASP B 294 -4.94 -31.22 -59.34
N GLY B 295 -3.93 -31.79 -58.66
CA GLY B 295 -2.81 -32.43 -59.35
C GLY B 295 -3.23 -33.66 -60.15
N ARG B 296 -3.99 -34.56 -59.51
CA ARG B 296 -4.39 -35.84 -60.10
C ARG B 296 -5.31 -35.68 -61.31
N LYS B 297 -6.36 -34.88 -61.13
CA LYS B 297 -7.39 -34.68 -62.16
C LYS B 297 -6.81 -33.98 -63.39
N GLU B 298 -6.09 -32.89 -63.16
CA GLU B 298 -5.46 -32.12 -64.25
C GLU B 298 -4.23 -32.85 -64.82
N ASN B 299 -3.71 -33.83 -64.08
CA ASN B 299 -2.61 -34.71 -64.51
C ASN B 299 -1.30 -33.94 -64.62
N LYS B 300 -1.11 -33.00 -63.69
CA LYS B 300 -0.02 -32.04 -63.72
C LYS B 300 0.04 -31.34 -62.38
N GLN B 301 1.10 -31.59 -61.60
CA GLN B 301 1.31 -30.91 -60.32
C GLN B 301 1.75 -29.46 -60.59
N LYS B 302 1.74 -28.65 -59.54
CA LYS B 302 2.17 -27.26 -59.65
C LYS B 302 3.24 -26.92 -58.62
N THR B 303 4.19 -26.08 -59.04
CA THR B 303 5.26 -25.58 -58.17
C THR B 303 4.75 -24.42 -57.35
N ASP B 304 5.53 -24.05 -56.32
CA ASP B 304 5.21 -22.92 -55.45
C ASP B 304 5.20 -21.62 -56.25
N GLN B 305 6.07 -21.56 -57.26
CA GLN B 305 6.10 -20.44 -58.19
C GLN B 305 4.76 -20.33 -58.90
N GLU B 306 4.31 -21.44 -59.50
CA GLU B 306 3.06 -21.45 -60.23
C GLU B 306 1.86 -21.05 -59.38
N TYR B 307 1.83 -21.51 -58.13
CA TYR B 307 0.79 -21.08 -57.18
C TYR B 307 0.91 -19.61 -56.79
N TYR B 308 2.15 -19.11 -56.63
CA TYR B 308 2.36 -17.67 -56.39
C TYR B 308 1.80 -16.85 -57.55
N GLU B 309 2.15 -17.26 -58.78
CA GLU B 309 1.64 -16.61 -59.99
C GLU B 309 0.11 -16.59 -60.01
N ASP B 310 -0.50 -17.76 -59.77
CA ASP B 310 -1.96 -17.90 -59.70
C ASP B 310 -2.59 -17.06 -58.61
N LEU B 311 -1.92 -16.96 -57.46
CA LEU B 311 -2.40 -16.14 -56.35
C LEU B 311 -2.50 -14.65 -56.73
N MET B 312 -1.57 -14.19 -57.57
CA MET B 312 -1.57 -12.80 -58.05
C MET B 312 -2.71 -12.55 -59.03
N LYS B 313 -2.92 -13.47 -59.98
CA LYS B 313 -4.08 -13.42 -60.90
C LYS B 313 -5.39 -13.45 -60.12
N PHE B 314 -5.45 -14.27 -59.08
CA PHE B 314 -6.61 -14.40 -58.19
C PHE B 314 -7.00 -13.08 -57.51
N ILE B 315 -6.03 -12.22 -57.22
CA ILE B 315 -6.28 -10.93 -56.55
C ILE B 315 -5.92 -9.68 -57.39
N GLU B 316 -5.85 -9.82 -58.72
CA GLU B 316 -5.63 -8.67 -59.62
C GLU B 316 -6.59 -7.53 -59.37
N ASP B 317 -7.88 -7.86 -59.42
CA ASP B 317 -8.94 -6.87 -59.47
C ASP B 317 -9.12 -6.07 -58.18
N ILE B 318 -8.72 -6.62 -57.03
CA ILE B 318 -8.89 -5.93 -55.74
C ILE B 318 -7.83 -4.86 -55.50
N GLU B 319 -8.19 -3.85 -54.72
CA GLU B 319 -7.30 -2.77 -54.37
C GLU B 319 -6.39 -3.25 -53.26
N LYS B 320 -5.08 -3.08 -53.44
CA LYS B 320 -4.09 -3.60 -52.50
C LYS B 320 -4.12 -2.91 -51.13
N HIS B 321 -4.70 -1.71 -51.03
CA HIS B 321 -4.83 -1.05 -49.73
C HIS B 321 -5.92 -1.70 -48.84
N LYS B 322 -6.83 -2.46 -49.45
CA LYS B 322 -7.84 -3.23 -48.72
C LYS B 322 -7.44 -4.69 -48.47
N PHE B 323 -6.46 -5.20 -49.23
CA PHE B 323 -5.96 -6.56 -49.09
C PHE B 323 -5.06 -6.69 -47.87
N LYS B 324 -5.49 -7.48 -46.89
CA LYS B 324 -4.81 -7.58 -45.59
C LYS B 324 -3.94 -8.83 -45.39
N GLY B 325 -3.73 -9.64 -46.43
CA GLY B 325 -2.79 -10.79 -46.39
C GLY B 325 -3.36 -12.16 -46.73
N VAL B 326 -2.45 -13.12 -46.90
CA VAL B 326 -2.79 -14.50 -47.25
C VAL B 326 -2.65 -15.38 -46.02
N ILE B 327 -3.74 -16.02 -45.58
CA ILE B 327 -3.71 -16.95 -44.45
C ILE B 327 -3.39 -18.34 -44.96
N VAL B 328 -2.33 -18.95 -44.43
CA VAL B 328 -1.84 -20.25 -44.90
C VAL B 328 -1.33 -21.09 -43.74
N ASP B 329 -1.46 -22.42 -43.88
CA ASP B 329 -0.99 -23.36 -42.88
C ASP B 329 0.53 -23.31 -42.77
N PRO B 330 1.08 -23.23 -41.54
CA PRO B 330 2.53 -23.24 -41.31
C PRO B 330 3.31 -24.40 -41.96
N SER B 331 2.66 -25.53 -42.21
CA SER B 331 3.27 -26.67 -42.91
C SER B 331 3.79 -26.32 -44.30
N ALA B 332 3.10 -25.41 -45.00
CA ALA B 332 3.50 -24.96 -46.34
C ALA B 332 4.53 -23.83 -46.27
N ALA B 333 5.69 -24.10 -45.66
CA ALA B 333 6.70 -23.08 -45.40
C ALA B 333 7.39 -22.65 -46.69
N SER B 334 7.74 -23.64 -47.53
CA SER B 334 8.30 -23.40 -48.87
C SER B 334 7.50 -22.36 -49.69
N PHE B 335 6.18 -22.43 -49.57
CA PHE B 335 5.27 -21.45 -50.18
C PHE B 335 5.34 -20.12 -49.41
N ILE B 336 5.30 -20.19 -48.08
CA ILE B 336 5.34 -18.98 -47.22
C ILE B 336 6.63 -18.18 -47.42
N ALA B 337 7.75 -18.88 -47.59
CA ALA B 337 9.04 -18.26 -47.89
C ALA B 337 8.98 -17.44 -49.16
N LEU B 338 8.44 -18.05 -50.22
CA LEU B 338 8.31 -17.39 -51.51
C LEU B 338 7.40 -16.18 -51.44
N LEU B 339 6.21 -16.35 -50.86
CA LEU B 339 5.25 -15.26 -50.69
C LEU B 339 5.86 -14.06 -49.94
N ARG B 340 6.65 -14.33 -48.92
CA ARG B 340 7.32 -13.28 -48.15
C ARG B 340 8.44 -12.60 -48.95
N GLN B 341 9.19 -13.39 -49.71
CA GLN B 341 10.16 -12.84 -50.67
C GLN B 341 9.51 -11.89 -51.65
N LYS B 342 8.28 -12.22 -52.08
CA LYS B 342 7.53 -11.37 -53.01
C LYS B 342 6.73 -10.25 -52.32
N GLY B 343 7.03 -9.96 -51.05
CA GLY B 343 6.39 -8.86 -50.33
C GLY B 343 4.92 -9.06 -49.98
N ILE B 344 4.47 -10.32 -49.97
CA ILE B 344 3.09 -10.65 -49.63
C ILE B 344 3.02 -10.90 -48.13
N LYS B 345 2.04 -10.29 -47.46
CA LYS B 345 1.82 -10.52 -46.04
C LYS B 345 1.23 -11.91 -45.87
N VAL B 346 1.88 -12.71 -45.01
CA VAL B 346 1.42 -14.05 -44.69
C VAL B 346 0.95 -14.04 -43.25
N ILE B 347 -0.19 -14.68 -43.00
CA ILE B 347 -0.66 -14.92 -41.65
C ILE B 347 -0.67 -16.42 -41.44
N LYS B 348 0.05 -16.91 -40.43
CA LYS B 348 0.06 -18.33 -40.09
C LYS B 348 -1.28 -18.67 -39.46
N ALA B 349 -1.94 -19.69 -40.01
CA ALA B 349 -3.31 -20.02 -39.65
C ALA B 349 -3.37 -20.71 -38.30
N LYS B 350 -4.35 -20.31 -37.48
CA LYS B 350 -4.68 -21.03 -36.26
C LYS B 350 -5.30 -22.39 -36.63
N ASN B 351 -4.44 -23.41 -36.70
CA ASN B 351 -4.80 -24.71 -37.28
C ASN B 351 -5.44 -25.69 -36.28
N ASP B 352 -6.19 -25.17 -35.29
CA ASP B 352 -6.91 -26.02 -34.35
C ASP B 352 -8.08 -26.66 -35.11
N VAL B 353 -8.02 -27.98 -35.28
CA VAL B 353 -8.98 -28.71 -36.12
C VAL B 353 -10.35 -28.70 -35.47
N LEU B 354 -10.44 -29.29 -34.29
CA LEU B 354 -11.70 -29.44 -33.59
C LEU B 354 -12.32 -28.11 -33.21
N ASP B 355 -11.51 -27.17 -32.72
CA ASP B 355 -12.02 -25.85 -32.32
C ASP B 355 -12.33 -24.96 -33.52
N GLY B 356 -11.60 -25.15 -34.62
CA GLY B 356 -11.89 -24.46 -35.87
C GLY B 356 -13.22 -24.91 -36.45
N ILE B 357 -13.40 -26.23 -36.58
CA ILE B 357 -14.67 -26.80 -37.05
C ILE B 357 -15.85 -26.27 -36.22
N ARG B 358 -15.68 -26.27 -34.91
CA ARG B 358 -16.69 -25.73 -33.99
C ARG B 358 -17.05 -24.27 -34.30
N ASN B 359 -16.03 -23.45 -34.59
CA ASN B 359 -16.21 -22.03 -34.92
C ASN B 359 -16.84 -21.77 -36.29
N VAL B 360 -16.41 -22.55 -37.29
CA VAL B 360 -16.97 -22.43 -38.65
C VAL B 360 -18.50 -22.61 -38.60
N ALA B 361 -18.94 -23.61 -37.85
CA ALA B 361 -20.36 -23.86 -37.59
C ALA B 361 -21.05 -22.68 -36.91
N THR B 362 -20.42 -22.14 -35.87
CA THR B 362 -20.93 -20.97 -35.15
C THR B 362 -21.06 -19.73 -36.05
N ALA B 363 -20.10 -19.57 -36.97
CA ALA B 363 -20.17 -18.50 -37.98
C ALA B 363 -21.32 -18.75 -38.97
N LEU B 364 -21.50 -20.01 -39.39
CA LEU B 364 -22.63 -20.39 -40.25
C LEU B 364 -23.97 -20.14 -39.55
N ASN B 365 -24.05 -20.50 -38.27
CA ASN B 365 -25.28 -20.32 -37.46
C ASN B 365 -25.64 -18.85 -37.21
N LYS B 366 -24.64 -18.05 -36.85
CA LYS B 366 -24.85 -16.60 -36.65
C LYS B 366 -24.90 -15.80 -37.96
N LYS B 367 -24.54 -16.44 -39.09
CA LYS B 367 -24.38 -15.80 -40.41
C LYS B 367 -23.29 -14.72 -40.43
N MET B 368 -22.19 -15.01 -39.75
CA MET B 368 -20.96 -14.22 -39.83
C MET B 368 -20.29 -14.38 -41.19
N ILE B 369 -20.57 -15.50 -41.86
CA ILE B 369 -20.11 -15.73 -43.23
C ILE B 369 -21.27 -16.11 -44.17
N LEU B 370 -21.12 -15.73 -45.45
CA LEU B 370 -22.00 -16.17 -46.53
C LEU B 370 -21.13 -16.50 -47.75
N TYR B 371 -21.71 -17.22 -48.71
CA TYR B 371 -20.94 -17.71 -49.86
C TYR B 371 -21.57 -17.28 -51.19
N ASN B 372 -20.74 -16.80 -52.12
CA ASN B 372 -21.19 -16.56 -53.50
C ASN B 372 -21.47 -17.91 -54.17
N ASP B 373 -22.52 -17.94 -54.99
CA ASP B 373 -22.97 -19.19 -55.61
C ASP B 373 -21.93 -19.85 -56.53
N CYS B 374 -20.91 -19.10 -56.92
CA CYS B 374 -19.77 -19.63 -57.68
C CYS B 374 -18.84 -20.55 -56.89
N CYS B 375 -18.95 -20.59 -55.55
CA CYS B 375 -18.14 -21.49 -54.72
C CYS B 375 -18.63 -22.96 -54.81
N LYS B 376 -18.54 -23.53 -56.00
CA LYS B 376 -19.13 -24.84 -56.30
C LYS B 376 -18.46 -25.98 -55.57
N GLU B 377 -17.13 -26.00 -55.60
CA GLU B 377 -16.34 -27.03 -54.94
C GLU B 377 -16.51 -27.01 -53.43
N THR B 378 -16.61 -25.82 -52.86
CA THR B 378 -16.84 -25.65 -51.43
C THR B 378 -18.17 -26.29 -51.02
N PHE B 379 -19.25 -25.99 -51.74
CA PHE B 379 -20.58 -26.51 -51.38
C PHE B 379 -20.67 -28.02 -51.49
N ARG B 380 -19.97 -28.59 -52.47
CA ARG B 380 -19.87 -30.04 -52.58
C ARG B 380 -19.21 -30.65 -51.35
N GLU B 381 -18.14 -30.00 -50.87
CA GLU B 381 -17.44 -30.48 -49.68
C GLU B 381 -18.31 -30.43 -48.44
N TYR B 382 -19.11 -29.38 -48.27
CA TYR B 382 -20.06 -29.30 -47.15
C TYR B 382 -20.92 -30.57 -47.01
N SER B 383 -21.41 -31.10 -48.12
CA SER B 383 -22.25 -32.30 -48.12
C SER B 383 -21.49 -33.62 -47.91
N SER B 384 -20.16 -33.61 -47.91
CA SER B 384 -19.35 -34.84 -47.73
C SER B 384 -18.28 -34.75 -46.64
N TYR B 385 -18.36 -33.70 -45.80
CA TYR B 385 -17.46 -33.56 -44.66
C TYR B 385 -18.13 -34.27 -43.51
N VAL B 386 -17.51 -35.37 -43.08
CA VAL B 386 -18.09 -36.25 -42.08
C VAL B 386 -17.08 -36.59 -40.98
N TRP B 387 -17.59 -36.73 -39.77
CA TRP B 387 -16.77 -37.15 -38.62
C TRP B 387 -16.22 -38.56 -38.86
N ASP B 388 -15.00 -38.80 -38.40
CA ASP B 388 -14.40 -40.13 -38.43
C ASP B 388 -15.13 -40.99 -37.42
N GLU B 389 -15.94 -41.92 -37.94
CA GLU B 389 -16.81 -42.78 -37.13
C GLU B 389 -16.02 -43.75 -36.25
N LYS B 390 -14.99 -44.37 -36.81
CA LYS B 390 -14.16 -45.35 -36.10
C LYS B 390 -13.43 -44.70 -34.92
N ALA B 391 -12.80 -43.56 -35.19
CA ALA B 391 -12.08 -42.78 -34.18
C ALA B 391 -12.99 -42.17 -33.12
N ALA B 392 -14.18 -41.74 -33.50
CA ALA B 392 -15.14 -41.16 -32.54
C ALA B 392 -15.53 -42.14 -31.43
N GLU B 393 -15.66 -43.42 -31.78
CA GLU B 393 -15.96 -44.47 -30.77
C GLU B 393 -14.70 -45.09 -30.11
N ARG B 394 -13.53 -44.54 -30.42
CA ARG B 394 -12.34 -44.64 -29.56
C ARG B 394 -12.21 -43.46 -28.58
N GLY B 395 -13.13 -42.48 -28.65
CA GLY B 395 -13.08 -41.25 -27.84
C GLY B 395 -12.69 -39.99 -28.60
N GLU B 396 -11.96 -40.15 -29.70
CA GLU B 396 -11.33 -39.05 -30.47
C GLU B 396 -12.26 -38.49 -31.57
N ASP B 397 -12.74 -37.25 -31.38
CA ASP B 397 -13.55 -36.56 -32.39
C ASP B 397 -12.64 -35.98 -33.49
N LYS B 398 -12.72 -36.55 -34.68
CA LYS B 398 -11.88 -36.16 -35.82
C LYS B 398 -12.73 -36.03 -37.07
N PRO B 399 -12.28 -35.19 -38.04
CA PRO B 399 -12.85 -35.24 -39.38
C PRO B 399 -12.15 -36.30 -40.25
N VAL B 400 -12.90 -36.88 -41.19
CA VAL B 400 -12.33 -37.74 -42.22
C VAL B 400 -11.65 -36.80 -43.22
N LYS B 401 -10.33 -36.82 -43.27
CA LYS B 401 -9.56 -35.90 -44.10
C LYS B 401 -9.68 -36.25 -45.58
N GLN B 402 -10.82 -35.89 -46.18
CA GLN B 402 -11.10 -36.21 -47.58
C GLN B 402 -12.24 -35.33 -48.11
N ASN B 403 -11.99 -34.65 -49.22
CA ASN B 403 -12.86 -33.57 -49.73
C ASN B 403 -12.98 -32.47 -48.67
N ASP B 404 -11.84 -32.02 -48.15
CA ASP B 404 -11.80 -31.06 -47.03
C ASP B 404 -10.95 -29.82 -47.33
N HIS B 405 -10.66 -29.57 -48.60
CA HIS B 405 -9.62 -28.62 -48.99
C HIS B 405 -10.10 -27.17 -49.02
N GLN B 406 -11.30 -26.96 -49.56
CA GLN B 406 -11.97 -25.68 -49.40
C GLN B 406 -12.36 -25.47 -47.93
N LEU B 407 -12.91 -26.52 -47.31
CA LEU B 407 -13.39 -26.42 -45.92
C LEU B 407 -12.30 -26.23 -44.86
N ASP B 408 -11.09 -26.70 -45.14
CA ASP B 408 -9.93 -26.46 -44.26
C ASP B 408 -9.49 -25.00 -44.38
N ALA B 409 -9.40 -24.51 -45.61
CA ALA B 409 -9.11 -23.09 -45.87
C ALA B 409 -10.14 -22.16 -45.21
N ASP B 410 -11.43 -22.49 -45.38
CA ASP B 410 -12.52 -21.74 -44.74
C ASP B 410 -12.38 -21.73 -43.22
N ARG B 411 -11.93 -22.85 -42.66
CA ARG B 411 -11.65 -22.96 -41.22
C ARG B 411 -10.47 -22.08 -40.82
N TYR B 412 -9.38 -22.16 -41.58
CA TYR B 412 -8.20 -21.31 -41.34
C TYR B 412 -8.61 -19.83 -41.27
N PHE B 413 -9.48 -19.40 -42.18
CA PHE B 413 -9.97 -18.01 -42.19
C PHE B 413 -10.83 -17.67 -40.97
N VAL B 414 -11.88 -18.47 -40.75
CA VAL B 414 -12.84 -18.21 -39.68
C VAL B 414 -12.14 -18.25 -38.31
N ASN B 415 -11.34 -19.29 -38.10
CA ASN B 415 -10.64 -19.50 -36.83
C ASN B 415 -9.57 -18.43 -36.53
N THR B 416 -8.93 -17.90 -37.59
CA THR B 416 -7.86 -16.90 -37.45
C THR B 416 -8.37 -15.46 -37.42
N ILE B 417 -9.32 -15.12 -38.29
CA ILE B 417 -9.78 -13.73 -38.45
C ILE B 417 -11.00 -13.40 -37.60
N LEU B 418 -12.06 -14.22 -37.72
CA LEU B 418 -13.34 -13.96 -37.03
C LEU B 418 -13.25 -14.19 -35.53
N PHE B 419 -12.61 -15.28 -35.14
CA PHE B 419 -12.45 -15.66 -33.72
C PHE B 419 -11.01 -15.40 -33.26
N GLY B 420 -10.87 -14.95 -32.01
CA GLY B 420 -9.59 -14.42 -31.46
C GLY B 420 -8.34 -14.42 -32.33
N PHE C 17 14.07 -7.10 22.30
CA PHE C 17 15.41 -7.76 22.31
C PHE C 17 16.21 -7.38 23.56
N SER C 18 16.89 -8.38 24.13
CA SER C 18 17.79 -8.17 25.27
C SER C 18 19.08 -7.49 24.83
N LYS C 19 19.90 -7.13 25.80
CA LYS C 19 21.25 -6.59 25.53
C LYS C 19 22.07 -7.55 24.67
N LYS C 20 21.96 -8.84 24.95
CA LYS C 20 22.71 -9.87 24.22
C LYS C 20 22.16 -10.13 22.81
N GLN C 21 20.84 -10.09 22.67
CA GLN C 21 20.20 -10.23 21.35
C GLN C 21 20.60 -9.10 20.42
N LEU C 22 20.63 -7.87 20.95
CA LEU C 22 21.08 -6.70 20.18
C LEU C 22 22.52 -6.81 19.69
N LYS C 23 23.38 -7.42 20.50
CA LYS C 23 24.77 -7.69 20.10
C LYS C 23 24.85 -8.55 18.84
N VAL C 24 23.94 -9.51 18.67
CA VAL C 24 23.87 -10.38 17.48
C VAL C 24 23.41 -9.58 16.25
N LEU C 25 22.47 -8.67 16.47
CA LEU C 25 21.98 -7.79 15.42
C LEU C 25 23.00 -6.74 14.94
N THR C 26 23.94 -6.35 15.80
CA THR C 26 24.86 -5.24 15.51
C THR C 26 26.36 -5.55 15.44
N TRP C 27 26.80 -6.72 15.87
CA TRP C 27 28.25 -7.04 15.91
C TRP C 27 28.97 -6.78 14.58
N TRP C 28 28.29 -7.06 13.46
CA TRP C 28 28.85 -6.95 12.11
C TRP C 28 28.94 -5.51 11.58
N ARG C 29 28.06 -4.63 12.04
CA ARG C 29 28.06 -3.22 11.60
C ARG C 29 29.41 -2.56 11.86
N LYS C 30 29.86 -1.71 10.94
CA LYS C 30 31.22 -1.11 11.00
C LYS C 30 31.44 -0.32 12.30
N ALA C 31 30.38 0.31 12.80
CA ALA C 31 30.36 1.01 14.09
C ALA C 31 30.73 0.16 15.31
N SER C 32 30.53 -1.16 15.22
CA SER C 32 30.86 -2.09 16.31
C SER C 32 32.37 -2.21 16.51
N PRO C 33 32.82 -2.30 17.79
CA PRO C 33 34.21 -2.66 18.11
C PRO C 33 34.64 -4.04 17.59
N VAL C 34 33.72 -5.00 17.58
CA VAL C 34 34.04 -6.38 17.23
C VAL C 34 33.71 -6.77 15.77
N SER C 35 33.49 -5.76 14.90
CA SER C 35 33.19 -6.01 13.48
C SER C 35 34.35 -6.61 12.67
N ASP C 36 35.57 -6.49 13.17
CA ASP C 36 36.73 -7.12 12.53
C ASP C 36 36.70 -8.65 12.55
N LYS C 37 35.96 -9.24 13.50
CA LYS C 37 35.89 -10.70 13.65
C LYS C 37 35.29 -11.39 12.43
N ASP C 38 35.83 -12.58 12.10
CA ASP C 38 35.44 -13.32 10.89
C ASP C 38 34.10 -14.06 11.00
N GLY C 39 33.45 -14.00 12.14
CA GLY C 39 32.17 -14.65 12.33
C GLY C 39 31.70 -14.66 13.76
N ILE C 40 30.61 -15.38 14.00
CA ILE C 40 29.97 -15.41 15.31
C ILE C 40 29.45 -16.83 15.61
N ILE C 41 29.53 -17.21 16.90
CA ILE C 41 28.97 -18.46 17.40
C ILE C 41 27.98 -18.13 18.51
N CYS C 42 26.72 -18.51 18.34
CA CYS C 42 25.74 -18.42 19.42
C CYS C 42 25.33 -19.80 19.89
N ASP C 43 25.96 -20.28 20.96
CA ASP C 43 25.54 -21.50 21.65
C ASP C 43 24.70 -21.12 22.87
N GLY C 44 24.12 -22.12 23.53
CA GLY C 44 23.33 -21.89 24.74
C GLY C 44 22.02 -22.66 24.85
N SER C 45 21.16 -22.18 25.73
CA SER C 45 19.89 -22.83 26.03
C SER C 45 18.89 -22.71 24.90
N ILE C 46 17.85 -23.54 24.97
CA ILE C 46 16.69 -23.38 24.11
C ILE C 46 15.83 -22.21 24.58
N ARG C 47 15.05 -21.68 23.63
CA ARG C 47 14.14 -20.55 23.87
C ARG C 47 14.85 -19.32 24.47
N ALA C 48 16.08 -19.09 24.03
CA ALA C 48 16.81 -17.88 24.36
C ALA C 48 16.57 -16.77 23.32
N GLY C 49 15.77 -17.05 22.31
CA GLY C 49 15.48 -16.10 21.24
C GLY C 49 16.67 -15.86 20.34
N LYS C 50 17.52 -16.88 20.17
CA LYS C 50 18.78 -16.71 19.44
C LYS C 50 18.69 -17.15 17.97
N THR C 51 17.91 -18.18 17.67
CA THR C 51 17.80 -18.64 16.27
C THR C 51 17.20 -17.57 15.36
N ILE C 52 16.18 -16.88 15.87
CA ILE C 52 15.43 -15.93 15.04
C ILE C 52 16.18 -14.61 14.82
N VAL C 53 16.80 -14.05 15.88
CA VAL C 53 17.56 -12.81 15.75
C VAL C 53 18.84 -13.00 14.93
N MET C 54 19.47 -14.17 15.08
CA MET C 54 20.69 -14.47 14.36
C MET C 54 20.43 -14.74 12.87
N SER C 55 19.29 -15.38 12.57
CA SER C 55 18.84 -15.55 11.19
C SER C 55 18.57 -14.20 10.52
N PHE C 56 17.84 -13.35 11.22
CA PHE C 56 17.50 -12.01 10.76
C PHE C 56 18.73 -11.11 10.57
N SER C 57 19.65 -11.16 11.51
CA SER C 57 20.90 -10.41 11.43
C SER C 57 21.77 -10.83 10.25
N TYR C 58 21.77 -12.13 9.95
CA TYR C 58 22.53 -12.69 8.81
C TYR C 58 22.04 -12.10 7.49
N VAL C 59 20.73 -12.06 7.30
CA VAL C 59 20.14 -11.48 6.09
C VAL C 59 20.42 -9.98 6.05
N MET C 60 20.17 -9.29 7.15
CA MET C 60 20.47 -7.86 7.26
C MET C 60 21.91 -7.58 6.84
N TRP C 61 22.84 -8.24 7.51
CA TRP C 61 24.26 -8.12 7.22
C TRP C 61 24.53 -8.34 5.74
N ALA C 62 24.08 -9.48 5.24
CA ALA C 62 24.28 -9.89 3.83
C ALA C 62 23.76 -8.87 2.83
N MET C 63 22.54 -8.39 3.06
CA MET C 63 21.90 -7.38 2.21
C MET C 63 22.69 -6.06 2.21
N ASP C 64 23.03 -5.59 3.41
CA ASP C 64 23.81 -4.36 3.59
C ASP C 64 25.22 -4.43 2.98
N THR C 65 25.92 -5.54 3.22
CA THR C 65 27.35 -5.63 2.91
C THR C 65 27.65 -6.01 1.47
N PHE C 66 26.76 -6.75 0.81
CA PHE C 66 27.02 -7.20 -0.56
C PHE C 66 25.87 -6.88 -1.51
N ASN C 67 26.13 -7.09 -2.80
CA ASN C 67 25.10 -7.01 -3.84
C ASN C 67 25.36 -8.10 -4.90
N GLU C 68 24.27 -8.71 -5.37
CA GLU C 68 24.30 -9.79 -6.37
C GLU C 68 25.31 -10.89 -5.99
N GLN C 69 25.24 -11.30 -4.72
CA GLN C 69 26.17 -12.29 -4.14
C GLN C 69 25.42 -13.46 -3.51
N ASN C 70 26.09 -14.60 -3.43
CA ASN C 70 25.50 -15.85 -2.93
C ASN C 70 25.78 -16.07 -1.45
N PHE C 71 24.79 -16.61 -0.75
CA PHE C 71 24.90 -16.96 0.68
C PHE C 71 24.31 -18.32 0.95
N GLY C 72 24.83 -18.98 1.98
CA GLY C 72 24.38 -20.31 2.37
C GLY C 72 23.71 -20.31 3.72
N MET C 73 22.59 -21.03 3.81
CA MET C 73 21.91 -21.30 5.07
C MET C 73 21.76 -22.81 5.20
N ALA C 74 22.04 -23.35 6.39
CA ALA C 74 22.06 -24.80 6.60
C ALA C 74 21.36 -25.23 7.89
N GLY C 75 20.80 -26.44 7.86
CA GLY C 75 20.21 -27.10 9.02
C GLY C 75 20.59 -28.57 9.01
N LYS C 76 20.10 -29.32 10.00
CA LYS C 76 20.25 -30.79 10.03
C LYS C 76 19.69 -31.42 8.75
N THR C 77 18.55 -30.90 8.29
CA THR C 77 17.96 -31.19 6.98
C THR C 77 17.33 -29.91 6.41
N ILE C 78 17.10 -29.86 5.11
CA ILE C 78 16.51 -28.66 4.47
C ILE C 78 15.10 -28.37 5.01
N GLY C 79 14.35 -29.43 5.34
CA GLY C 79 13.02 -29.30 5.91
C GLY C 79 13.07 -28.68 7.30
N ALA C 80 13.95 -29.24 8.14
CA ALA C 80 14.17 -28.73 9.50
C ALA C 80 14.55 -27.25 9.48
N LEU C 81 15.49 -26.91 8.59
CA LEU C 81 15.93 -25.53 8.38
C LEU C 81 14.77 -24.59 8.05
N ARG C 82 13.85 -25.05 7.18
CA ARG C 82 12.69 -24.25 6.79
C ARG C 82 11.72 -24.03 7.96
N ARG C 83 11.39 -25.09 8.67
CA ARG C 83 10.42 -25.03 9.78
C ARG C 83 10.95 -24.24 10.97
N ASN C 84 12.23 -24.44 11.31
CA ASN C 84 12.87 -23.71 12.41
C ASN C 84 13.15 -22.25 12.05
N VAL C 85 13.83 -22.05 10.91
CA VAL C 85 14.46 -20.76 10.59
C VAL C 85 13.73 -19.95 9.50
N ILE C 86 13.59 -20.52 8.30
CA ILE C 86 13.16 -19.75 7.11
C ILE C 86 11.74 -19.19 7.24
N THR C 87 10.79 -20.03 7.64
CA THR C 87 9.37 -19.65 7.61
C THR C 87 9.00 -18.45 8.52
N PRO C 88 9.53 -18.41 9.77
CA PRO C 88 9.35 -17.15 10.54
C PRO C 88 10.30 -16.03 10.12
N LEU C 89 11.50 -16.37 9.62
CA LEU C 89 12.42 -15.38 9.04
C LEU C 89 11.79 -14.62 7.88
N LYS C 90 11.11 -15.34 6.98
CA LYS C 90 10.42 -14.72 5.84
C LYS C 90 9.28 -13.78 6.26
N ARG C 91 8.55 -14.14 7.30
CA ARG C 91 7.50 -13.26 7.82
C ARG C 91 8.14 -12.04 8.48
N MET C 92 9.22 -12.26 9.23
CA MET C 92 9.96 -11.18 9.87
C MET C 92 10.60 -10.22 8.85
N LEU C 93 11.18 -10.77 7.79
CA LEU C 93 11.78 -9.97 6.71
C LEU C 93 10.74 -9.13 5.96
N LYS C 94 9.61 -9.76 5.62
CA LYS C 94 8.50 -9.06 4.94
C LYS C 94 7.93 -7.90 5.76
N SER C 95 7.87 -8.08 7.08
CA SER C 95 7.44 -7.02 8.00
C SER C 95 8.33 -5.78 7.88
N ARG C 96 9.64 -5.96 8.01
CA ARG C 96 10.61 -4.86 7.93
C ARG C 96 10.81 -4.29 6.51
N GLY C 97 10.15 -4.86 5.50
CA GLY C 97 10.12 -4.32 4.15
C GLY C 97 11.13 -4.92 3.19
N TYR C 98 11.50 -6.18 3.41
CA TYR C 98 12.35 -6.93 2.49
C TYR C 98 11.43 -7.74 1.57
N ARG C 99 11.63 -7.63 0.26
CA ARG C 99 10.91 -8.46 -0.71
C ARG C 99 11.62 -9.80 -0.85
N VAL C 100 10.89 -10.88 -0.55
CA VAL C 100 11.42 -12.25 -0.59
C VAL C 100 10.70 -13.06 -1.67
N LYS C 101 11.43 -13.95 -2.34
CA LYS C 101 10.86 -14.84 -3.35
C LYS C 101 11.47 -16.22 -3.23
N ASP C 102 10.75 -17.12 -2.57
CA ASP C 102 11.20 -18.48 -2.31
C ASP C 102 11.11 -19.31 -3.60
N HIS C 103 12.21 -19.90 -4.03
CA HIS C 103 12.19 -20.85 -5.17
C HIS C 103 12.25 -22.27 -4.61
N ARG C 104 11.07 -22.79 -4.26
CA ARG C 104 10.93 -23.99 -3.42
C ARG C 104 11.76 -25.18 -3.91
N ALA C 105 11.51 -25.63 -5.13
CA ALA C 105 12.14 -26.84 -5.68
C ALA C 105 13.65 -26.68 -5.84
N ASP C 106 14.10 -25.46 -6.12
CA ASP C 106 15.54 -25.17 -6.28
C ASP C 106 16.29 -24.99 -4.96
N ASN C 107 15.55 -24.78 -3.86
CA ASN C 107 16.10 -24.62 -2.51
C ASN C 107 17.05 -23.43 -2.42
N TYR C 108 16.54 -22.27 -2.82
CA TYR C 108 17.21 -20.99 -2.59
C TYR C 108 16.16 -19.90 -2.67
N LEU C 109 16.51 -18.73 -2.13
CA LEU C 109 15.66 -17.56 -2.05
C LEU C 109 16.39 -16.38 -2.70
N THR C 110 15.62 -15.43 -3.24
CA THR C 110 16.16 -14.13 -3.60
C THR C 110 15.50 -13.06 -2.74
N ILE C 111 16.30 -12.44 -1.87
CA ILE C 111 15.87 -11.35 -1.02
C ILE C 111 16.40 -10.07 -1.65
N THR C 112 15.54 -9.06 -1.75
CA THR C 112 15.90 -7.75 -2.29
C THR C 112 15.54 -6.68 -1.25
N PHE C 113 16.34 -5.61 -1.19
CA PHE C 113 16.16 -4.54 -0.19
C PHE C 113 16.86 -3.23 -0.58
N LYS C 114 16.07 -2.16 -0.73
CA LYS C 114 16.57 -0.84 -1.10
C LYS C 114 17.55 -0.90 -2.27
N GLY C 115 17.07 -1.41 -3.39
CA GLY C 115 17.88 -1.52 -4.61
C GLY C 115 18.85 -2.69 -4.70
N LYS C 116 19.14 -3.34 -3.58
CA LYS C 116 20.13 -4.42 -3.52
C LYS C 116 19.43 -5.77 -3.57
N THR C 117 20.13 -6.78 -4.08
CA THR C 117 19.57 -8.14 -4.26
C THR C 117 20.65 -9.21 -4.01
N ASN C 118 20.31 -10.21 -3.20
CA ASN C 118 21.22 -11.32 -2.89
C ASN C 118 20.52 -12.67 -2.92
N TYR C 119 21.34 -13.72 -2.98
CA TYR C 119 20.90 -15.09 -3.23
C TYR C 119 21.26 -15.97 -2.02
N PHE C 120 20.25 -16.63 -1.47
CA PHE C 120 20.36 -17.38 -0.23
C PHE C 120 19.97 -18.83 -0.48
N TYR C 121 20.97 -19.71 -0.51
CA TYR C 121 20.76 -21.12 -0.83
C TYR C 121 20.59 -21.94 0.46
N LEU C 122 19.63 -22.86 0.44
CA LEU C 122 19.32 -23.71 1.58
C LEU C 122 20.01 -25.06 1.43
N PHE C 123 20.73 -25.47 2.47
CA PHE C 123 21.43 -26.75 2.49
C PHE C 123 20.98 -27.62 3.65
N GLY C 124 21.42 -28.87 3.67
CA GLY C 124 21.11 -29.78 4.76
C GLY C 124 22.33 -30.56 5.16
N GLY C 125 22.55 -30.83 6.42
CA GLY C 125 23.70 -31.62 6.79
C GLY C 125 23.38 -32.96 7.43
N LYS C 126 23.68 -34.04 6.73
CA LYS C 126 23.37 -35.36 7.25
C LYS C 126 24.58 -36.28 7.29
N ASP C 127 24.83 -36.96 6.19
CA ASP C 127 25.95 -37.88 6.12
C ASP C 127 26.94 -37.59 5.03
N GLU C 128 26.41 -37.45 3.82
CA GLU C 128 27.18 -37.18 2.63
C GLU C 128 26.80 -35.84 2.11
N SER C 129 26.45 -34.94 3.01
CA SER C 129 26.05 -33.61 2.66
C SER C 129 27.13 -32.82 1.95
N SER C 130 28.36 -32.95 2.39
CA SER C 130 29.53 -32.34 1.76
C SER C 130 29.56 -32.58 0.26
N GLN C 131 29.38 -33.84 -0.17
CA GLN C 131 29.45 -34.20 -1.59
C GLN C 131 28.36 -33.57 -2.49
N ASP C 132 27.27 -33.10 -1.89
CA ASP C 132 26.26 -32.30 -2.64
C ASP C 132 26.66 -30.82 -2.78
N LEU C 133 27.38 -30.28 -1.80
CA LEU C 133 27.80 -28.87 -1.81
C LEU C 133 29.02 -28.69 -2.71
N GLY C 136 31.46 -26.59 -4.94
CA GLY C 136 31.32 -25.95 -6.27
C GLY C 136 30.76 -24.52 -6.32
N ILE C 137 29.75 -24.26 -5.49
CA ILE C 137 29.21 -22.88 -5.32
C ILE C 137 30.21 -21.94 -4.65
N THR C 138 30.12 -20.65 -4.94
CA THR C 138 30.94 -19.60 -4.29
C THR C 138 30.04 -18.74 -3.40
N LEU C 139 30.48 -18.49 -2.17
CA LEU C 139 29.63 -17.86 -1.14
C LEU C 139 30.29 -16.66 -0.46
N ALA C 140 29.50 -15.62 -0.24
CA ALA C 140 29.92 -14.45 0.54
C ALA C 140 29.64 -14.64 2.03
N GLY C 141 28.98 -15.74 2.39
CA GLY C 141 28.77 -16.08 3.79
C GLY C 141 28.06 -17.41 3.94
N MET C 142 28.00 -17.89 5.17
CA MET C 142 27.39 -19.17 5.48
C MET C 142 26.74 -19.10 6.85
N PHE C 143 25.60 -19.77 7.00
CA PHE C 143 24.85 -19.77 8.25
C PHE C 143 24.50 -21.19 8.61
N PHE C 144 24.84 -21.60 9.83
CA PHE C 144 24.46 -22.91 10.32
C PHE C 144 23.53 -22.82 11.52
N ASP C 145 22.40 -23.52 11.45
CA ASP C 145 21.45 -23.67 12.56
C ASP C 145 21.50 -25.11 13.04
N GLU C 146 21.68 -25.32 14.34
CA GLU C 146 21.92 -26.65 14.93
C GLU C 146 23.20 -27.27 14.36
N VAL C 147 24.25 -26.47 14.25
CA VAL C 147 25.55 -26.97 13.76
C VAL C 147 26.09 -28.15 14.59
N ALA C 148 25.73 -28.17 15.87
CA ALA C 148 25.94 -29.31 16.76
C ALA C 148 25.51 -30.65 16.16
N LEU C 149 24.39 -30.66 15.44
CA LEU C 149 23.87 -31.87 14.78
C LEU C 149 24.54 -32.19 13.45
N MET C 150 25.06 -31.19 12.75
CA MET C 150 25.60 -31.40 11.41
C MET C 150 26.89 -32.18 11.42
N PRO C 151 27.17 -32.94 10.35
CA PRO C 151 28.45 -33.63 10.27
C PRO C 151 29.57 -32.64 9.99
N GLU C 152 30.69 -32.83 10.69
CA GLU C 152 31.84 -31.91 10.61
C GLU C 152 32.32 -31.70 9.18
N SER C 153 32.43 -32.80 8.42
CA SER C 153 32.96 -32.75 7.04
C SER C 153 32.16 -31.81 6.15
N PHE C 154 30.84 -31.81 6.28
CA PHE C 154 30.00 -30.87 5.53
C PHE C 154 30.24 -29.42 5.96
N VAL C 155 30.39 -29.18 7.26
CA VAL C 155 30.59 -27.83 7.79
C VAL C 155 31.92 -27.23 7.32
N ASN C 156 32.98 -28.04 7.31
CA ASN C 156 34.29 -27.61 6.80
C ASN C 156 34.27 -27.38 5.29
N GLN C 157 33.61 -28.26 4.54
CA GLN C 157 33.44 -28.09 3.09
C GLN C 157 32.61 -26.84 2.71
N ALA C 158 31.64 -26.48 3.56
CA ALA C 158 30.81 -25.29 3.36
C ALA C 158 31.57 -24.01 3.63
N THR C 159 32.38 -23.99 4.69
CA THR C 159 33.24 -22.84 5.00
C THR C 159 34.31 -22.62 3.92
N ALA C 160 34.80 -23.71 3.33
CA ALA C 160 35.74 -23.66 2.19
C ALA C 160 35.18 -22.96 0.95
N ARG C 161 33.85 -22.98 0.79
CA ARG C 161 33.19 -22.27 -0.30
C ARG C 161 33.00 -20.78 -0.05
N CYS C 162 33.29 -20.29 1.16
CA CYS C 162 33.21 -18.86 1.46
C CYS C 162 34.48 -18.10 1.05
N SER C 163 34.71 -18.04 -0.27
CA SER C 163 35.95 -17.51 -0.88
C SER C 163 35.91 -16.00 -1.17
N VAL C 164 34.71 -15.41 -1.20
CA VAL C 164 34.55 -13.98 -1.46
C VAL C 164 35.20 -13.18 -0.34
N ASP C 165 35.76 -12.02 -0.71
CA ASP C 165 36.40 -11.12 0.24
C ASP C 165 35.33 -10.51 1.19
N GLY C 166 35.63 -10.52 2.48
CA GLY C 166 34.70 -10.02 3.51
C GLY C 166 33.67 -11.02 4.01
N ALA C 167 33.89 -12.30 3.74
CA ALA C 167 32.94 -13.37 4.13
C ALA C 167 32.96 -13.62 5.63
N LYS C 168 31.80 -13.98 6.16
CA LYS C 168 31.62 -14.20 7.60
C LYS C 168 30.87 -15.50 7.85
N LEU C 169 31.29 -16.24 8.87
CA LEU C 169 30.69 -17.52 9.21
C LEU C 169 29.83 -17.38 10.45
N TRP C 170 28.58 -17.84 10.37
CA TRP C 170 27.62 -17.71 11.47
C TRP C 170 27.18 -19.09 11.95
N PHE C 171 27.40 -19.37 13.23
CA PHE C 171 27.08 -20.67 13.82
C PHE C 171 26.07 -20.51 14.95
N ASN C 172 25.01 -21.30 14.90
CA ASN C 172 23.98 -21.31 15.95
C ASN C 172 23.78 -22.75 16.41
N CYS C 173 23.83 -22.99 17.71
CA CYS C 173 23.57 -24.33 18.24
C CYS C 173 23.14 -24.39 19.70
N ASN C 174 22.71 -25.58 20.10
CA ASN C 174 22.46 -25.94 21.50
C ASN C 174 23.50 -27.01 21.89
N PRO C 175 23.86 -27.10 23.17
CA PRO C 175 25.04 -27.88 23.54
C PRO C 175 24.89 -29.40 23.39
N ALA C 176 26.00 -30.03 22.99
CA ALA C 176 26.16 -31.48 22.98
C ALA C 176 27.23 -31.83 24.04
N GLY C 177 27.99 -32.92 23.83
CA GLY C 177 29.06 -33.30 24.76
C GLY C 177 30.30 -32.41 24.62
N PRO C 178 31.12 -32.31 25.67
CA PRO C 178 32.31 -31.45 25.61
C PRO C 178 33.46 -31.99 24.74
N TYR C 179 33.38 -33.26 24.34
CA TYR C 179 34.29 -33.81 23.32
C TYR C 179 33.76 -33.65 21.89
N HIS C 180 32.60 -33.00 21.74
CA HIS C 180 31.98 -32.83 20.43
C HIS C 180 32.80 -31.96 19.54
N TRP C 181 32.97 -32.35 18.27
CA TRP C 181 33.91 -31.66 17.37
C TRP C 181 33.73 -30.14 17.38
N PHE C 182 32.49 -29.67 17.39
CA PHE C 182 32.20 -28.23 17.37
C PHE C 182 32.67 -27.51 18.65
N LYS C 183 32.59 -28.17 19.81
CA LYS C 183 33.17 -27.64 21.04
C LYS C 183 34.69 -27.60 20.93
N VAL C 184 35.27 -28.76 20.58
CA VAL C 184 36.73 -28.93 20.50
C VAL C 184 37.39 -28.02 19.46
N GLU C 185 36.81 -27.92 18.26
CA GLU C 185 37.43 -27.27 17.11
C GLU C 185 37.03 -25.83 16.86
N TYR C 186 35.86 -25.39 17.36
CA TYR C 186 35.40 -24.01 17.13
C TYR C 186 35.31 -23.19 18.42
N LEU C 187 34.63 -23.70 19.44
CA LEU C 187 34.44 -22.96 20.70
C LEU C 187 35.69 -22.88 21.56
N ASP C 188 36.46 -23.98 21.62
CA ASP C 188 37.73 -23.99 22.35
C ASP C 188 38.82 -23.27 21.56
N LYS C 189 38.82 -23.42 20.23
CA LYS C 189 39.76 -22.71 19.35
C LYS C 189 39.14 -21.40 18.82
N LEU C 190 38.63 -20.57 19.72
CA LEU C 190 37.83 -19.41 19.35
C LEU C 190 38.66 -18.29 18.69
N ASP C 191 39.79 -17.96 19.31
CA ASP C 191 40.71 -16.94 18.79
C ASP C 191 41.46 -17.43 17.55
N GLU C 192 41.73 -18.73 17.49
CA GLU C 192 42.41 -19.35 16.35
C GLU C 192 41.64 -19.21 15.02
N LYS C 193 40.30 -19.18 15.08
CA LYS C 193 39.45 -18.93 13.92
C LYS C 193 38.92 -17.48 13.86
N ASN C 194 39.17 -16.71 14.93
CA ASN C 194 38.86 -15.28 15.01
C ASN C 194 37.35 -15.05 14.99
N LEU C 195 36.67 -15.67 15.96
CA LEU C 195 35.21 -15.65 16.04
C LEU C 195 34.75 -15.01 17.33
N LEU C 196 33.64 -14.29 17.26
CA LEU C 196 32.92 -13.82 18.44
C LEU C 196 32.15 -15.02 19.00
N HIS C 197 31.85 -14.99 20.30
CA HIS C 197 31.04 -16.02 20.93
C HIS C 197 30.10 -15.37 21.93
N LEU C 198 28.80 -15.63 21.78
CA LEU C 198 27.81 -15.21 22.75
C LEU C 198 27.09 -16.45 23.24
N HIS C 199 27.18 -16.72 24.55
CA HIS C 199 26.44 -17.81 25.16
C HIS C 199 25.10 -17.30 25.67
N PHE C 200 24.05 -18.10 25.44
CA PHE C 200 22.66 -17.67 25.63
C PHE C 200 21.95 -18.51 26.70
N THR C 201 21.25 -17.81 27.60
CA THR C 201 20.40 -18.41 28.61
C THR C 201 19.00 -17.87 28.36
N MET C 202 18.00 -18.49 28.97
CA MET C 202 16.62 -17.95 28.95
C MET C 202 16.49 -16.56 29.61
N ASP C 203 17.46 -16.17 30.44
CA ASP C 203 17.58 -14.79 30.94
C ASP C 203 17.68 -13.75 29.81
N ASP C 204 18.33 -14.12 28.71
CA ASP C 204 18.50 -13.23 27.54
C ASP C 204 17.29 -13.19 26.59
N ASN C 205 16.19 -13.81 26.96
CA ASN C 205 14.92 -13.73 26.22
C ASN C 205 13.94 -12.96 27.10
N LEU C 206 13.78 -11.66 26.82
CA LEU C 206 12.94 -10.78 27.63
C LEU C 206 11.44 -11.05 27.54
N SER C 207 10.99 -11.71 26.47
CA SER C 207 9.57 -12.06 26.30
C SER C 207 9.08 -13.09 27.31
N LEU C 208 9.97 -13.93 27.82
CA LEU C 208 9.62 -14.94 28.83
C LEU C 208 9.55 -14.30 30.23
N SER C 209 8.43 -14.50 30.92
CA SER C 209 8.26 -14.10 32.32
C SER C 209 8.96 -15.08 33.25
N LYS C 210 9.21 -14.67 34.49
CA LYS C 210 9.67 -15.59 35.55
C LYS C 210 8.68 -16.72 35.82
N GLN C 211 7.39 -16.48 35.55
CA GLN C 211 6.37 -17.53 35.51
C GLN C 211 6.64 -18.56 34.41
N VAL C 212 6.75 -18.08 33.17
CA VAL C 212 6.97 -18.96 32.01
C VAL C 212 8.35 -19.65 32.04
N LYS C 213 9.36 -18.98 32.59
CA LYS C 213 10.73 -19.54 32.69
C LYS C 213 10.82 -20.72 33.67
N GLU C 214 10.16 -20.62 34.81
CA GLU C 214 10.11 -21.72 35.79
C GLU C 214 9.28 -22.92 35.32
N ARG C 215 8.38 -22.70 34.35
CA ARG C 215 7.64 -23.78 33.70
C ARG C 215 8.56 -24.65 32.81
N TYR C 216 9.46 -24.00 32.07
CA TYR C 216 10.47 -24.68 31.23
C TYR C 216 11.57 -25.38 32.03
N GLN C 217 11.94 -24.86 33.18
CA GLN C 217 12.94 -25.49 34.07
C GLN C 217 12.44 -26.82 34.67
N ARG C 218 11.13 -26.91 34.89
CA ARG C 218 10.48 -28.16 35.30
C ARG C 218 10.54 -29.24 34.21
N MET C 219 10.48 -28.84 32.94
CA MET C 219 10.47 -29.77 31.79
C MET C 219 11.71 -30.66 31.64
N TYR C 220 12.85 -30.24 32.18
CA TYR C 220 14.12 -30.96 32.03
C TYR C 220 14.76 -31.28 33.37
N LYS C 221 15.38 -32.45 33.43
CA LYS C 221 16.24 -32.85 34.55
C LYS C 221 17.46 -33.60 34.01
N GLY C 222 18.55 -33.59 34.79
CA GLY C 222 19.74 -34.37 34.45
C GLY C 222 20.53 -33.70 33.34
N VAL C 223 21.09 -34.53 32.45
CA VAL C 223 21.93 -34.06 31.36
C VAL C 223 21.19 -33.04 30.47
N PHE C 224 19.93 -33.33 30.12
CA PHE C 224 19.15 -32.45 29.25
C PHE C 224 18.84 -31.11 29.89
N TYR C 225 18.73 -31.08 31.22
CA TYR C 225 18.58 -29.83 31.97
C TYR C 225 19.85 -29.00 31.86
N GLN C 226 20.98 -29.64 32.13
CA GLN C 226 22.28 -28.97 32.08
C GLN C 226 22.59 -28.44 30.68
N ARG C 227 22.19 -29.18 29.65
CA ARG C 227 22.43 -28.77 28.27
C ARG C 227 21.48 -27.68 27.79
N TYR C 228 20.18 -27.93 27.87
CA TYR C 228 19.19 -27.06 27.21
C TYR C 228 18.63 -25.96 28.12
N ILE C 229 19.01 -25.93 29.40
CA ILE C 229 18.62 -24.82 30.30
C ILE C 229 19.83 -24.02 30.75
N LEU C 230 20.83 -24.71 31.31
CA LEU C 230 22.04 -24.06 31.77
C LEU C 230 22.98 -23.71 30.62
N GLY C 231 22.78 -24.35 29.46
CA GLY C 231 23.54 -24.05 28.25
C GLY C 231 24.92 -24.70 28.23
N LEU C 232 25.10 -25.74 29.04
CA LEU C 232 26.43 -26.28 29.32
C LEU C 232 26.73 -27.48 28.44
N TRP C 233 27.94 -27.54 27.90
CA TRP C 233 28.41 -28.70 27.14
C TRP C 233 28.84 -29.83 28.10
N VAL C 234 27.86 -30.51 28.69
CA VAL C 234 28.10 -31.58 29.68
C VAL C 234 28.01 -32.98 29.05
N LEU C 235 28.80 -33.92 29.55
CA LEU C 235 28.94 -35.24 28.94
C LEU C 235 27.71 -36.12 29.21
N ALA C 236 27.23 -36.80 28.19
CA ALA C 236 26.14 -37.78 28.34
C ALA C 236 26.73 -39.07 28.89
N GLU C 237 26.27 -39.47 30.08
CA GLU C 237 26.91 -40.55 30.83
C GLU C 237 25.91 -41.35 31.65
N GLY C 238 26.00 -42.68 31.55
CA GLY C 238 25.25 -43.58 32.40
C GLY C 238 23.82 -43.83 31.94
N ILE C 239 22.88 -43.89 32.88
CA ILE C 239 21.48 -44.13 32.58
C ILE C 239 20.91 -42.95 31.81
N ILE C 240 20.19 -43.25 30.73
CA ILE C 240 19.63 -42.21 29.85
C ILE C 240 18.43 -41.52 30.50
N TYR C 241 17.43 -42.31 30.85
CA TYR C 241 16.22 -41.79 31.49
C TYR C 241 16.36 -41.85 33.02
N ASP C 242 17.32 -41.10 33.54
CA ASP C 242 17.54 -41.03 35.00
C ASP C 242 16.35 -40.43 35.78
N MET C 243 15.49 -39.69 35.10
CA MET C 243 14.28 -39.10 35.69
C MET C 243 13.09 -40.06 35.85
N PHE C 244 13.16 -41.27 35.27
CA PHE C 244 12.10 -42.27 35.46
C PHE C 244 12.06 -42.73 36.91
N ASP C 245 10.84 -42.87 37.44
CA ASP C 245 10.60 -42.95 38.89
C ASP C 245 9.32 -43.74 39.14
N GLN C 246 9.46 -44.96 39.66
CA GLN C 246 8.31 -45.87 39.82
C GLN C 246 7.29 -45.40 40.88
N ASP C 247 7.71 -44.48 41.75
CA ASP C 247 6.77 -43.72 42.58
C ASP C 247 5.86 -42.88 41.69
N GLU C 248 6.49 -42.11 40.81
CA GLU C 248 5.79 -41.07 40.07
C GLU C 248 5.08 -41.57 38.81
N HIS C 249 5.75 -42.40 38.03
CA HIS C 249 5.31 -42.71 36.66
C HIS C 249 4.52 -44.00 36.47
N VAL C 250 4.46 -44.86 37.48
CA VAL C 250 3.69 -46.09 37.41
C VAL C 250 2.36 -45.95 38.13
N VAL C 251 1.31 -46.49 37.52
CA VAL C 251 -0.07 -46.41 38.03
C VAL C 251 -0.73 -47.80 37.97
N PRO C 252 -1.82 -48.01 38.76
CA PRO C 252 -2.43 -49.34 38.80
C PRO C 252 -3.09 -49.70 37.47
N THR C 253 -3.11 -50.98 37.16
CA THR C 253 -3.66 -51.46 35.91
C THR C 253 -5.16 -51.71 36.08
N VAL C 254 -5.91 -50.62 36.05
CA VAL C 254 -7.37 -50.61 36.19
C VAL C 254 -8.02 -49.87 35.02
N PRO C 255 -9.13 -50.41 34.46
CA PRO C 255 -9.83 -49.77 33.35
C PRO C 255 -10.09 -48.27 33.52
N ARG C 256 -9.83 -47.49 32.47
CA ARG C 256 -10.13 -46.05 32.44
C ARG C 256 -10.90 -45.74 31.15
N PRO C 257 -11.73 -44.67 31.16
CA PRO C 257 -12.50 -44.30 29.97
C PRO C 257 -11.66 -43.50 28.97
N TYR C 258 -10.87 -44.22 28.17
CA TYR C 258 -9.91 -43.58 27.26
C TYR C 258 -10.62 -42.96 26.05
N GLU C 259 -10.16 -41.76 25.66
CA GLU C 259 -10.75 -40.99 24.56
C GLU C 259 -10.29 -41.49 23.19
N LYS C 260 -8.96 -41.51 23.01
CA LYS C 260 -8.31 -41.97 21.79
C LYS C 260 -7.40 -43.15 22.11
N TYR C 261 -6.88 -43.79 21.06
CA TYR C 261 -5.87 -44.83 21.21
C TYR C 261 -4.84 -44.76 20.08
N TYR C 262 -3.61 -45.16 20.39
CA TYR C 262 -2.67 -45.63 19.37
C TYR C 262 -2.02 -46.93 19.80
N VAL C 263 -1.39 -47.58 18.82
CA VAL C 263 -0.44 -48.66 19.07
C VAL C 263 0.89 -48.16 18.50
N SER C 264 1.97 -48.36 19.26
CA SER C 264 3.33 -48.05 18.81
C SER C 264 4.09 -49.36 18.72
N CYS C 265 4.99 -49.48 17.75
CA CYS C 265 5.62 -50.77 17.43
C CYS C 265 7.08 -50.70 16.99
N ASP C 266 7.96 -51.31 17.79
CA ASP C 266 9.33 -51.65 17.35
C ASP C 266 9.21 -53.01 16.69
N TYR C 267 9.47 -53.09 15.39
CA TYR C 267 9.41 -54.36 14.65
C TYR C 267 10.72 -55.13 14.82
N GLY C 268 10.63 -56.46 14.85
CA GLY C 268 11.83 -57.30 14.94
C GLY C 268 11.55 -58.78 14.79
N THR C 269 12.06 -59.38 13.72
CA THR C 269 11.90 -60.81 13.48
C THR C 269 12.95 -61.61 14.27
N GLN C 270 14.21 -61.29 13.98
CA GLN C 270 15.38 -61.81 14.72
C GLN C 270 15.42 -61.33 16.18
N ASN C 271 15.05 -60.06 16.39
CA ASN C 271 15.04 -59.42 17.70
C ASN C 271 13.64 -59.48 18.32
N PRO C 272 13.45 -58.83 19.49
CA PRO C 272 12.09 -58.65 19.99
C PRO C 272 11.24 -57.73 19.12
N THR C 273 9.96 -58.08 18.98
CA THR C 273 8.94 -57.18 18.49
C THR C 273 8.10 -56.75 19.69
N THR C 274 7.75 -55.47 19.75
CA THR C 274 6.89 -54.95 20.80
C THR C 274 5.76 -54.12 20.21
N PHE C 275 4.59 -54.23 20.82
CA PHE C 275 3.48 -53.30 20.61
C PHE C 275 3.29 -52.55 21.91
N GLY C 276 2.49 -51.51 21.88
CA GLY C 276 2.14 -50.79 23.10
C GLY C 276 0.86 -49.99 22.92
N LEU C 277 -0.17 -50.33 23.68
CA LEU C 277 -1.47 -49.65 23.56
C LEU C 277 -1.39 -48.36 24.37
N TRP C 278 -1.35 -47.23 23.69
CA TRP C 278 -1.41 -45.92 24.33
C TRP C 278 -2.87 -45.47 24.33
N GLY C 279 -3.28 -44.77 25.38
CA GLY C 279 -4.67 -44.31 25.52
C GLY C 279 -4.80 -43.01 26.30
N LEU C 280 -5.53 -42.04 25.74
CA LEU C 280 -5.65 -40.72 26.35
C LEU C 280 -6.74 -40.68 27.42
N TYR C 281 -6.46 -39.99 28.51
CA TYR C 281 -7.43 -39.81 29.59
C TYR C 281 -7.06 -38.61 30.44
N ASN C 282 -7.79 -37.50 30.24
CA ASN C 282 -7.60 -36.23 30.95
C ASN C 282 -6.19 -35.65 30.78
N GLY C 283 -5.80 -35.52 29.51
CA GLY C 283 -4.53 -34.90 29.14
C GLY C 283 -3.28 -35.74 29.30
N VAL C 284 -3.45 -37.01 29.71
CA VAL C 284 -2.32 -37.88 29.96
C VAL C 284 -2.49 -39.13 29.12
N TRP C 285 -1.44 -39.52 28.41
CA TRP C 285 -1.42 -40.77 27.66
C TRP C 285 -0.89 -41.90 28.56
N TYR C 286 -1.64 -43.00 28.63
CA TYR C 286 -1.27 -44.16 29.45
C TYR C 286 -0.87 -45.31 28.55
N LYS C 287 0.33 -45.85 28.74
CA LYS C 287 0.70 -47.13 28.14
C LYS C 287 -0.09 -48.21 28.88
N VAL C 288 -1.21 -48.61 28.27
CA VAL C 288 -2.25 -49.41 28.96
C VAL C 288 -1.79 -50.85 29.13
N LYS C 289 -1.11 -51.37 28.11
CA LYS C 289 -0.45 -52.68 28.22
C LYS C 289 0.68 -52.78 27.20
N GLU C 290 1.45 -53.88 27.30
CA GLU C 290 2.58 -54.12 26.40
C GLU C 290 2.53 -55.52 25.81
N TYR C 291 3.01 -55.62 24.58
CA TYR C 291 3.28 -56.89 23.90
C TYR C 291 4.80 -56.96 23.82
N HIS C 292 5.34 -58.16 23.90
CA HIS C 292 6.79 -58.36 23.89
C HIS C 292 7.08 -59.81 23.47
N TYR C 293 7.46 -60.00 22.21
CA TYR C 293 7.75 -61.33 21.67
C TYR C 293 9.21 -61.44 21.26
N ASP C 294 9.94 -62.37 21.91
CA ASP C 294 11.34 -62.65 21.59
C ASP C 294 11.49 -63.88 20.69
N GLY C 295 12.21 -63.72 19.58
CA GLY C 295 12.55 -64.85 18.72
C GLY C 295 13.46 -65.86 19.40
N ARG C 296 14.55 -65.37 19.99
CA ARG C 296 15.59 -66.22 20.61
C ARG C 296 15.07 -67.01 21.81
N LYS C 297 14.40 -66.31 22.73
CA LYS C 297 13.92 -66.90 23.98
C LYS C 297 12.84 -67.96 23.71
N GLU C 298 11.85 -67.59 22.88
CA GLU C 298 10.77 -68.51 22.51
C GLU C 298 11.23 -69.59 21.53
N ASN C 299 12.37 -69.37 20.89
CA ASN C 299 13.02 -70.33 19.99
C ASN C 299 12.19 -70.53 18.71
N LYS C 300 11.61 -69.43 18.24
CA LYS C 300 10.64 -69.44 17.15
C LYS C 300 10.42 -68.00 16.71
N GLN C 301 10.86 -67.68 15.48
CA GLN C 301 10.61 -66.36 14.90
C GLN C 301 9.16 -66.24 14.48
N LYS C 302 8.73 -65.02 14.17
CA LYS C 302 7.36 -64.79 13.71
C LYS C 302 7.32 -64.03 12.38
N THR C 303 6.35 -64.41 11.55
CA THR C 303 6.12 -63.76 10.26
C THR C 303 5.30 -62.49 10.47
N ASP C 304 5.25 -61.67 9.44
CA ASP C 304 4.47 -60.41 9.45
C ASP C 304 3.00 -60.72 9.61
N GLN C 305 2.57 -61.84 9.04
CA GLN C 305 1.21 -62.35 9.21
C GLN C 305 0.93 -62.58 10.68
N GLU C 306 1.80 -63.35 11.33
CA GLU C 306 1.64 -63.69 12.74
C GLU C 306 1.59 -62.45 13.64
N TYR C 307 2.42 -61.46 13.35
CA TYR C 307 2.38 -60.17 14.07
C TYR C 307 1.10 -59.37 13.77
N TYR C 308 0.63 -59.40 12.52
CA TYR C 308 -0.66 -58.78 12.17
C TYR C 308 -1.79 -59.42 12.99
N GLU C 309 -1.82 -60.75 13.01
CA GLU C 309 -2.80 -61.50 13.79
C GLU C 309 -2.76 -61.08 15.27
N ASP C 310 -1.56 -61.08 15.85
CA ASP C 310 -1.32 -60.66 17.24
C ASP C 310 -1.75 -59.22 17.50
N LEU C 311 -1.48 -58.35 16.54
CA LEU C 311 -1.88 -56.94 16.65
C LEU C 311 -3.40 -56.77 16.77
N MET C 312 -4.16 -57.63 16.09
CA MET C 312 -5.62 -57.60 16.16
C MET C 312 -6.14 -58.09 17.52
N LYS C 313 -5.56 -59.19 18.01
CA LYS C 313 -5.87 -59.68 19.38
C LYS C 313 -5.52 -58.62 20.43
N PHE C 314 -4.40 -57.94 20.23
CA PHE C 314 -3.93 -56.86 21.11
C PHE C 314 -4.94 -55.70 21.22
N ILE C 315 -5.69 -55.42 20.16
CA ILE C 315 -6.68 -54.31 20.15
C ILE C 315 -8.14 -54.76 19.98
N GLU C 316 -8.46 -56.03 20.29
CA GLU C 316 -9.84 -56.53 20.29
C GLU C 316 -10.78 -55.65 21.09
N ASP C 317 -10.42 -55.41 22.34
CA ASP C 317 -11.34 -54.84 23.32
C ASP C 317 -11.67 -53.36 23.07
N ILE C 318 -10.79 -52.64 22.38
CA ILE C 318 -11.01 -51.20 22.13
C ILE C 318 -11.98 -50.94 20.98
N GLU C 319 -12.67 -49.81 21.06
CA GLU C 319 -13.61 -49.39 20.03
C GLU C 319 -12.83 -48.80 18.88
N LYS C 320 -13.09 -49.29 17.67
CA LYS C 320 -12.33 -48.87 16.49
C LYS C 320 -12.53 -47.39 16.10
N HIS C 321 -13.62 -46.76 16.57
CA HIS C 321 -13.81 -45.33 16.30
C HIS C 321 -12.87 -44.42 17.14
N LYS C 322 -12.32 -44.97 18.22
CA LYS C 322 -11.31 -44.28 19.03
C LYS C 322 -9.86 -44.64 18.67
N PHE C 323 -9.67 -45.77 17.95
CA PHE C 323 -8.34 -46.22 17.52
C PHE C 323 -7.86 -45.42 16.33
N LYS C 324 -6.78 -44.66 16.52
CA LYS C 324 -6.28 -43.72 15.52
C LYS C 324 -5.07 -44.19 14.69
N GLY C 325 -4.66 -45.46 14.83
CA GLY C 325 -3.61 -46.06 13.98
C GLY C 325 -2.41 -46.66 14.69
N VAL C 326 -1.60 -47.39 13.92
CA VAL C 326 -0.40 -48.07 14.41
C VAL C 326 0.83 -47.28 13.97
N ILE C 327 1.63 -46.80 14.93
CA ILE C 327 2.87 -46.10 14.64
C ILE C 327 4.00 -47.10 14.55
N VAL C 328 4.70 -47.11 13.42
CA VAL C 328 5.75 -48.11 13.15
C VAL C 328 6.92 -47.48 12.39
N ASP C 329 8.11 -48.02 12.62
CA ASP C 329 9.32 -47.56 11.94
C ASP C 329 9.24 -47.87 10.45
N PRO C 330 9.55 -46.88 9.58
CA PRO C 330 9.57 -47.07 8.12
C PRO C 330 10.41 -48.25 7.60
N SER C 331 11.43 -48.67 8.35
CA SER C 331 12.22 -49.85 8.01
C SER C 331 11.41 -51.14 7.88
N ALA C 332 10.35 -51.27 8.68
CA ALA C 332 9.46 -52.45 8.64
C ALA C 332 8.37 -52.27 7.59
N ALA C 333 8.77 -52.14 6.32
CA ALA C 333 7.84 -51.84 5.22
C ALA C 333 6.96 -53.05 4.89
N SER C 334 7.60 -54.22 4.83
CA SER C 334 6.91 -55.50 4.66
C SER C 334 5.71 -55.69 5.61
N PHE C 335 5.87 -55.24 6.85
CA PHE C 335 4.79 -55.21 7.84
C PHE C 335 3.78 -54.10 7.50
N ILE C 336 4.29 -52.91 7.18
CA ILE C 336 3.44 -51.75 6.84
C ILE C 336 2.55 -52.03 5.62
N ALA C 337 3.11 -52.72 4.62
CA ALA C 337 2.35 -53.14 3.43
C ALA C 337 1.16 -53.99 3.81
N LEU C 338 1.41 -55.01 4.64
CA LEU C 338 0.37 -55.93 5.09
C LEU C 338 -0.70 -55.21 5.90
N LEU C 339 -0.29 -54.43 6.88
CA LEU C 339 -1.22 -53.64 7.70
C LEU C 339 -2.14 -52.75 6.85
N ARG C 340 -1.58 -52.13 5.82
CA ARG C 340 -2.35 -51.27 4.92
C ARG C 340 -3.31 -52.08 4.03
N GLN C 341 -2.85 -53.23 3.55
CA GLN C 341 -3.73 -54.18 2.86
C GLN C 341 -4.92 -54.57 3.72
N LYS C 342 -4.69 -54.74 5.03
CA LYS C 342 -5.76 -55.10 5.96
C LYS C 342 -6.55 -53.88 6.49
N GLY C 343 -6.43 -52.72 5.84
CA GLY C 343 -7.19 -51.53 6.21
C GLY C 343 -6.82 -50.88 7.53
N ILE C 344 -5.61 -51.15 8.02
CA ILE C 344 -5.12 -50.56 9.27
C ILE C 344 -4.37 -49.28 8.92
N LYS C 345 -4.69 -48.20 9.63
CA LYS C 345 -3.98 -46.93 9.46
C LYS C 345 -2.57 -47.07 10.04
N VAL C 346 -1.58 -46.75 9.22
CA VAL C 346 -0.19 -46.77 9.65
C VAL C 346 0.31 -45.34 9.69
N ILE C 347 1.06 -45.01 10.74
CA ILE C 347 1.76 -43.73 10.83
C ILE C 347 3.24 -44.05 10.87
N LYS C 348 4.00 -43.50 9.92
CA LYS C 348 5.45 -43.67 9.90
C LYS C 348 6.05 -42.83 11.03
N ALA C 349 6.86 -43.49 11.87
CA ALA C 349 7.36 -42.90 13.10
C ALA C 349 8.45 -41.87 12.82
N LYS C 350 8.40 -40.74 13.52
CA LYS C 350 9.50 -39.78 13.53
C LYS C 350 10.67 -40.39 14.30
N ASN C 351 11.58 -41.03 13.56
CA ASN C 351 12.62 -41.88 14.14
C ASN C 351 13.90 -41.13 14.54
N ASP C 352 13.78 -39.87 14.95
CA ASP C 352 14.93 -39.10 15.42
C ASP C 352 15.33 -39.66 16.80
N VAL C 353 16.51 -40.28 16.86
CA VAL C 353 16.96 -41.00 18.06
C VAL C 353 17.22 -40.03 19.19
N LEU C 354 18.17 -39.12 18.97
CA LEU C 354 18.61 -38.21 20.00
C LEU C 354 17.49 -37.25 20.43
N ASP C 355 16.75 -36.72 19.46
CA ASP C 355 15.66 -35.79 19.75
C ASP C 355 14.42 -36.48 20.33
N GLY C 356 14.21 -37.74 19.96
CA GLY C 356 13.16 -38.56 20.54
C GLY C 356 13.43 -38.87 21.99
N ILE C 357 14.64 -39.36 22.29
CA ILE C 357 15.08 -39.62 23.67
C ILE C 357 14.90 -38.37 24.53
N ARG C 358 15.32 -37.23 24.00
CA ARG C 358 15.15 -35.94 24.68
C ARG C 358 13.68 -35.64 25.03
N ASN C 359 12.78 -35.92 24.09
CA ASN C 359 11.34 -35.69 24.26
C ASN C 359 10.67 -36.68 25.23
N VAL C 360 11.04 -37.95 25.16
CA VAL C 360 10.51 -38.98 26.07
C VAL C 360 10.75 -38.57 27.52
N ALA C 361 11.98 -38.10 27.80
CA ALA C 361 12.35 -37.54 29.10
C ALA C 361 11.47 -36.36 29.51
N THR C 362 11.29 -35.42 28.58
CA THR C 362 10.44 -34.24 28.81
C THR C 362 8.98 -34.61 29.11
N ALA C 363 8.48 -35.67 28.43
CA ALA C 363 7.15 -36.20 28.72
C ALA C 363 7.09 -36.86 30.10
N LEU C 364 8.15 -37.60 30.47
CA LEU C 364 8.26 -38.18 31.81
C LEU C 364 8.31 -37.09 32.88
N ASN C 365 9.08 -36.03 32.64
CA ASN C 365 9.22 -34.90 33.59
C ASN C 365 7.94 -34.08 33.77
N LYS C 366 7.27 -33.77 32.67
CA LYS C 366 5.98 -33.05 32.72
C LYS C 366 4.79 -33.95 33.09
N LYS C 367 5.00 -35.28 33.09
CA LYS C 367 3.95 -36.30 33.27
C LYS C 367 2.89 -36.27 32.18
N MET C 368 3.35 -36.07 30.94
CA MET C 368 2.53 -36.23 29.74
C MET C 368 2.20 -37.69 29.49
N ILE C 369 3.06 -38.59 30.01
CA ILE C 369 2.80 -40.03 29.97
C ILE C 369 2.90 -40.68 31.36
N LEU C 370 2.11 -41.75 31.55
CA LEU C 370 2.22 -42.63 32.72
C LEU C 370 2.09 -44.07 32.25
N TYR C 371 2.46 -45.02 33.10
CA TYR C 371 2.53 -46.43 32.72
C TYR C 371 1.70 -47.32 33.66
N ASN C 372 0.91 -48.23 33.10
CA ASN C 372 0.25 -49.26 33.90
C ASN C 372 1.29 -50.23 34.43
N ASP C 373 1.11 -50.69 35.66
CA ASP C 373 2.09 -51.54 36.35
C ASP C 373 2.38 -52.87 35.63
N CYS C 374 1.49 -53.27 34.72
CA CYS C 374 1.69 -54.43 33.87
C CYS C 374 2.78 -54.28 32.80
N CYS C 375 3.26 -53.07 32.54
CA CYS C 375 4.37 -52.83 31.58
C CYS C 375 5.73 -53.27 32.16
N LYS C 376 5.87 -54.55 32.44
CA LYS C 376 7.04 -55.08 33.16
C LYS C 376 8.32 -55.00 32.38
N GLU C 377 8.26 -55.40 31.10
CA GLU C 377 9.45 -55.38 30.23
C GLU C 377 9.93 -53.94 29.98
N THR C 378 8.99 -53.02 29.85
CA THR C 378 9.32 -51.61 29.67
C THR C 378 10.11 -51.08 30.86
N PHE C 379 9.63 -51.33 32.08
CA PHE C 379 10.29 -50.80 33.28
C PHE C 379 11.68 -51.37 33.49
N ARG C 380 11.87 -52.64 33.12
CA ARG C 380 13.20 -53.24 33.15
C ARG C 380 14.15 -52.52 32.20
N GLU C 381 13.66 -52.17 31.01
CA GLU C 381 14.47 -51.45 30.04
C GLU C 381 14.88 -50.06 30.53
N TYR C 382 13.97 -49.34 31.18
CA TYR C 382 14.30 -48.04 31.78
C TYR C 382 15.57 -48.08 32.64
N SER C 383 15.71 -49.13 33.45
CA SER C 383 16.87 -49.28 34.33
C SER C 383 18.16 -49.74 33.63
N SER C 384 18.11 -50.11 32.35
CA SER C 384 19.31 -50.56 31.60
C SER C 384 19.53 -49.85 30.27
N TYR C 385 18.83 -48.74 30.05
CA TYR C 385 19.04 -47.92 28.86
C TYR C 385 20.11 -46.91 29.24
N VAL C 386 21.27 -47.05 28.61
CA VAL C 386 22.45 -46.28 28.96
C VAL C 386 23.11 -45.68 27.73
N TRP C 387 23.67 -44.49 27.89
CA TRP C 387 24.43 -43.82 26.85
C TRP C 387 25.67 -44.65 26.48
N ASP C 388 26.04 -44.65 25.20
CA ASP C 388 27.28 -45.27 24.76
C ASP C 388 28.44 -44.43 25.27
N GLU C 389 29.13 -44.95 26.28
CA GLU C 389 30.20 -44.24 27.00
C GLU C 389 31.42 -43.99 26.12
N LYS C 390 31.82 -45.01 25.35
CA LYS C 390 33.00 -44.95 24.47
C LYS C 390 32.80 -43.90 23.38
N ALA C 391 31.63 -43.95 22.74
CA ALA C 391 31.27 -43.01 21.68
C ALA C 391 31.05 -41.59 22.19
N ALA C 392 30.51 -41.43 23.39
CA ALA C 392 30.29 -40.09 23.98
C ALA C 392 31.59 -39.31 24.15
N GLU C 393 32.66 -40.00 24.52
CA GLU C 393 33.99 -39.33 24.63
C GLU C 393 34.80 -39.30 23.32
N ARG C 394 34.20 -39.77 22.22
CA ARG C 394 34.60 -39.38 20.87
C ARG C 394 33.81 -38.14 20.34
N GLY C 395 32.88 -37.62 21.13
CA GLY C 395 31.99 -36.52 20.73
C GLY C 395 30.53 -36.92 20.46
N GLU C 396 30.31 -38.16 20.06
CA GLU C 396 29.01 -38.67 19.59
C GLU C 396 28.10 -39.24 20.70
N ASP C 397 27.03 -38.52 21.04
CA ASP C 397 26.08 -38.94 22.09
C ASP C 397 25.09 -39.95 21.49
N LYS C 398 25.19 -41.21 21.92
CA LYS C 398 24.37 -42.31 21.37
C LYS C 398 23.82 -43.18 22.47
N PRO C 399 22.69 -43.86 22.22
CA PRO C 399 22.27 -44.95 23.13
C PRO C 399 22.93 -46.28 22.77
N VAL C 400 23.19 -47.10 23.78
CA VAL C 400 23.62 -48.49 23.57
C VAL C 400 22.38 -49.26 23.13
N LYS C 401 22.34 -49.68 21.87
CA LYS C 401 21.14 -50.31 21.30
C LYS C 401 20.98 -51.74 21.83
N GLN C 402 20.47 -51.86 23.06
CA GLN C 402 20.33 -53.15 23.71
C GLN C 402 19.37 -53.02 24.90
N ASN C 403 18.35 -53.90 24.93
CA ASN C 403 17.21 -53.75 25.84
C ASN C 403 16.51 -52.40 25.59
N ASP C 404 16.22 -52.12 24.33
CA ASP C 404 15.67 -50.81 23.92
C ASP C 404 14.38 -50.90 23.11
N HIS C 405 13.71 -52.05 23.17
CA HIS C 405 12.64 -52.38 22.22
C HIS C 405 11.29 -51.80 22.61
N GLN C 406 10.96 -51.88 23.90
CA GLN C 406 9.83 -51.13 24.42
C GLN C 406 10.14 -49.63 24.39
N LEU C 407 11.35 -49.25 24.79
CA LEU C 407 11.74 -47.84 24.88
C LEU C 407 11.86 -47.13 23.52
N ASP C 408 12.17 -47.87 22.45
CA ASP C 408 12.18 -47.32 21.09
C ASP C 408 10.75 -47.07 20.61
N ALA C 409 9.87 -48.05 20.84
CA ALA C 409 8.44 -47.90 20.57
C ALA C 409 7.82 -46.71 21.31
N ASP C 410 8.13 -46.61 22.60
CA ASP C 410 7.67 -45.49 23.43
C ASP C 410 8.16 -44.15 22.87
N ARG C 411 9.39 -44.13 22.36
CA ARG C 411 9.95 -42.96 21.69
C ARG C 411 9.20 -42.64 20.40
N TYR C 412 8.98 -43.66 19.56
CA TYR C 412 8.21 -43.49 18.33
C TYR C 412 6.86 -42.82 18.62
N PHE C 413 6.18 -43.26 19.68
CA PHE C 413 4.89 -42.67 20.08
C PHE C 413 5.00 -41.23 20.55
N VAL C 414 5.88 -40.99 21.52
CA VAL C 414 6.03 -39.67 22.14
C VAL C 414 6.49 -38.65 21.10
N ASN C 415 7.51 -39.02 20.32
CA ASN C 415 8.10 -38.14 19.32
C ASN C 415 7.14 -37.83 18.15
N THR C 416 6.28 -38.77 17.79
CA THR C 416 5.34 -38.63 16.67
C THR C 416 4.00 -37.98 17.08
N ILE C 417 3.44 -38.38 18.21
CA ILE C 417 2.09 -37.95 18.61
C ILE C 417 2.12 -36.73 19.54
N LEU C 418 2.89 -36.81 20.62
CA LEU C 418 2.91 -35.75 21.64
C LEU C 418 3.63 -34.49 21.16
N PHE C 419 4.76 -34.68 20.49
CA PHE C 419 5.58 -33.58 19.97
C PHE C 419 5.42 -33.48 18.44
N GLY C 420 5.39 -32.25 17.92
CA GLY C 420 4.99 -31.93 16.54
C GLY C 420 5.04 -33.04 15.51
N PRO D 16 8.05 20.04 -18.47
CA PRO D 16 8.74 21.15 -19.01
C PRO D 16 9.02 20.99 -20.53
N PHE D 17 8.24 20.17 -21.23
CA PHE D 17 8.77 19.51 -22.42
C PHE D 17 9.02 20.47 -23.57
N SER D 18 10.16 20.32 -24.25
CA SER D 18 10.49 21.08 -25.45
C SER D 18 9.67 20.57 -26.64
N LYS D 19 9.79 21.29 -27.76
CA LYS D 19 9.18 20.87 -29.02
C LYS D 19 9.64 19.46 -29.43
N LYS D 20 10.94 19.17 -29.22
CA LYS D 20 11.50 17.88 -29.58
C LYS D 20 11.10 16.75 -28.63
N GLN D 21 11.00 17.07 -27.34
CA GLN D 21 10.55 16.10 -26.34
C GLN D 21 9.11 15.66 -26.62
N LEU D 22 8.25 16.62 -26.97
CA LEU D 22 6.86 16.34 -27.34
C LEU D 22 6.72 15.40 -28.55
N LYS D 23 7.64 15.56 -29.52
CA LYS D 23 7.69 14.65 -30.68
C LYS D 23 7.90 13.17 -30.28
N VAL D 24 8.68 12.94 -29.21
CA VAL D 24 8.94 11.57 -28.70
C VAL D 24 7.69 11.01 -28.01
N LEU D 25 6.97 11.88 -27.31
CA LEU D 25 5.71 11.52 -26.66
C LEU D 25 4.56 11.21 -27.64
N THR D 26 4.59 11.82 -28.84
CA THR D 26 3.46 11.74 -29.78
C THR D 26 3.70 11.04 -31.12
N TRP D 27 4.96 10.78 -31.50
CA TRP D 27 5.24 10.18 -32.82
C TRP D 27 4.42 8.92 -33.14
N TRP D 28 4.19 8.09 -32.13
CA TRP D 28 3.48 6.80 -32.27
C TRP D 28 1.96 6.92 -32.40
N ARG D 29 1.37 7.97 -31.82
CA ARG D 29 -0.09 8.18 -31.88
C ARG D 29 -0.57 8.24 -33.32
N LYS D 30 -1.74 7.66 -33.59
CA LYS D 30 -2.28 7.53 -34.97
C LYS D 30 -2.41 8.88 -35.69
N ALA D 31 -2.74 9.92 -34.91
CA ALA D 31 -2.81 11.31 -35.40
C ALA D 31 -1.50 11.87 -35.98
N SER D 32 -0.36 11.30 -35.59
CA SER D 32 0.96 11.72 -36.10
C SER D 32 1.14 11.34 -37.57
N PRO D 33 1.77 12.23 -38.37
CA PRO D 33 2.23 11.89 -39.72
C PRO D 33 3.23 10.73 -39.79
N VAL D 34 4.10 10.62 -38.77
CA VAL D 34 5.18 9.62 -38.78
C VAL D 34 4.88 8.35 -37.97
N SER D 35 3.60 8.10 -37.66
CA SER D 35 3.18 6.92 -36.89
C SER D 35 3.35 5.59 -37.63
N ASP D 36 3.46 5.64 -38.96
CA ASP D 36 3.73 4.44 -39.76
C ASP D 36 5.11 3.81 -39.49
N LYS D 37 6.07 4.61 -38.99
CA LYS D 37 7.44 4.14 -38.77
C LYS D 37 7.52 3.02 -37.74
N ASP D 38 8.42 2.06 -37.98
CA ASP D 38 8.58 0.86 -37.14
C ASP D 38 9.32 1.09 -35.82
N GLY D 39 9.76 2.32 -35.56
CA GLY D 39 10.45 2.62 -34.32
C GLY D 39 11.11 3.99 -34.33
N ILE D 40 11.86 4.26 -33.26
CA ILE D 40 12.48 5.56 -33.06
C ILE D 40 13.89 5.41 -32.49
N ILE D 41 14.79 6.32 -32.89
CA ILE D 41 16.14 6.41 -32.34
C ILE D 41 16.34 7.82 -31.79
N CYS D 42 16.62 7.93 -30.50
CA CYS D 42 17.00 9.22 -29.92
C CYS D 42 18.45 9.19 -29.48
N ASP D 43 19.33 9.71 -30.35
CA ASP D 43 20.74 9.93 -30.00
C ASP D 43 20.93 11.40 -29.63
N GLY D 44 22.12 11.73 -29.14
CA GLY D 44 22.45 13.10 -28.78
C GLY D 44 23.24 13.27 -27.49
N SER D 45 23.18 14.49 -26.97
CA SER D 45 23.96 14.88 -25.79
C SER D 45 23.41 14.26 -24.52
N ILE D 46 24.23 14.30 -23.46
CA ILE D 46 23.78 13.96 -22.12
C ILE D 46 22.90 15.08 -21.56
N ARG D 47 22.05 14.72 -20.61
CA ARG D 47 21.10 15.62 -19.96
C ARG D 47 20.23 16.46 -20.92
N ALA D 48 19.81 15.81 -22.01
CA ALA D 48 18.88 16.41 -22.95
C ALA D 48 17.43 16.10 -22.59
N GLY D 49 17.21 15.35 -21.50
CA GLY D 49 15.86 14.98 -21.09
C GLY D 49 15.21 13.98 -22.01
N LYS D 50 16.03 13.14 -22.63
CA LYS D 50 15.56 12.19 -23.64
C LYS D 50 15.29 10.80 -23.09
N THR D 51 16.08 10.36 -22.10
CA THR D 51 15.88 9.05 -21.48
C THR D 51 14.52 8.98 -20.78
N ILE D 52 14.14 10.05 -20.09
CA ILE D 52 12.92 10.02 -19.28
C ILE D 52 11.64 10.13 -20.11
N VAL D 53 11.61 11.03 -21.09
CA VAL D 53 10.42 11.19 -21.96
C VAL D 53 10.23 9.99 -22.87
N MET D 54 11.33 9.41 -23.33
CA MET D 54 11.26 8.26 -24.21
C MET D 54 10.86 6.99 -23.47
N SER D 55 11.31 6.85 -22.22
CA SER D 55 10.84 5.77 -21.35
C SER D 55 9.34 5.87 -21.09
N PHE D 56 8.90 7.08 -20.74
CA PHE D 56 7.49 7.35 -20.47
C PHE D 56 6.59 7.15 -21.69
N SER D 57 7.05 7.62 -22.84
CA SER D 57 6.33 7.42 -24.10
C SER D 57 6.19 5.95 -24.49
N TYR D 58 7.23 5.16 -24.23
CA TYR D 58 7.23 3.71 -24.50
C TYR D 58 6.12 3.00 -23.73
N VAL D 59 6.00 3.31 -22.44
CA VAL D 59 4.96 2.72 -21.60
C VAL D 59 3.59 3.21 -22.07
N MET D 60 3.45 4.52 -22.27
CA MET D 60 2.21 5.10 -22.80
C MET D 60 1.77 4.35 -24.06
N TRP D 61 2.66 4.34 -25.05
CA TRP D 61 2.42 3.67 -26.32
C TRP D 61 1.96 2.23 -26.08
N ALA D 62 2.78 1.49 -25.34
CA ALA D 62 2.53 0.06 -25.05
C ALA D 62 1.18 -0.18 -24.39
N MET D 63 0.85 0.63 -23.38
CA MET D 63 -0.44 0.53 -22.68
C MET D 63 -1.60 0.80 -23.62
N ASP D 64 -1.52 1.90 -24.37
CA ASP D 64 -2.54 2.28 -25.34
C ASP D 64 -2.74 1.24 -26.47
N THR D 65 -1.64 0.77 -27.04
CA THR D 65 -1.69 -0.03 -28.26
C THR D 65 -1.99 -1.51 -28.04
N PHE D 66 -1.59 -2.07 -26.90
CA PHE D 66 -1.79 -3.50 -26.64
C PHE D 66 -2.51 -3.78 -25.32
N ASN D 67 -2.87 -5.04 -25.12
CA ASN D 67 -3.40 -5.53 -23.85
C ASN D 67 -2.88 -6.95 -23.60
N GLU D 68 -2.53 -7.22 -22.34
CA GLU D 68 -1.99 -8.52 -21.90
C GLU D 68 -0.83 -9.00 -22.79
N GLN D 69 0.09 -8.07 -23.06
CA GLN D 69 1.22 -8.31 -23.96
C GLN D 69 2.55 -7.99 -23.29
N ASN D 70 3.62 -8.63 -23.77
CA ASN D 70 4.96 -8.50 -23.19
C ASN D 70 5.81 -7.44 -23.87
N PHE D 71 6.60 -6.73 -23.09
CA PHE D 71 7.52 -5.71 -23.58
C PHE D 71 8.88 -5.83 -22.90
N GLY D 72 9.92 -5.42 -23.63
CA GLY D 72 11.29 -5.49 -23.13
C GLY D 72 11.90 -4.11 -22.93
N MET D 73 12.58 -3.95 -21.80
CA MET D 73 13.37 -2.75 -21.52
C MET D 73 14.79 -3.22 -21.20
N ALA D 74 15.79 -2.55 -21.75
CA ALA D 74 17.20 -2.98 -21.61
C ALA D 74 18.14 -1.81 -21.30
N GLY D 75 19.21 -2.15 -20.58
CA GLY D 75 20.33 -1.23 -20.29
C GLY D 75 21.65 -1.99 -20.44
N LYS D 76 22.75 -1.31 -20.18
CA LYS D 76 24.08 -1.93 -20.11
C LYS D 76 24.07 -3.07 -19.09
N THR D 77 23.42 -2.83 -17.95
CA THR D 77 23.11 -3.84 -16.93
C THR D 77 21.71 -3.57 -16.35
N ILE D 78 21.10 -4.58 -15.73
CA ILE D 78 19.75 -4.40 -15.16
C ILE D 78 19.73 -3.33 -14.05
N GLY D 79 20.83 -3.24 -13.29
CA GLY D 79 20.97 -2.22 -12.26
C GLY D 79 21.01 -0.83 -12.84
N ALA D 80 21.88 -0.65 -13.84
CA ALA D 80 22.01 0.62 -14.56
C ALA D 80 20.66 1.09 -15.13
N LEU D 81 19.97 0.14 -15.76
CA LEU D 81 18.63 0.37 -16.31
C LEU D 81 17.64 0.87 -15.26
N ARG D 82 17.70 0.28 -14.06
CA ARG D 82 16.81 0.68 -12.96
C ARG D 82 17.12 2.09 -12.45
N ARG D 83 18.40 2.38 -12.22
CA ARG D 83 18.81 3.68 -11.68
C ARG D 83 18.61 4.83 -12.67
N ASN D 84 18.94 4.58 -13.94
CA ASN D 84 18.74 5.57 -15.00
C ASN D 84 17.26 5.76 -15.35
N VAL D 85 16.58 4.65 -15.65
CA VAL D 85 15.28 4.67 -16.33
C VAL D 85 14.10 4.34 -15.41
N ILE D 86 14.09 3.14 -14.80
CA ILE D 86 12.87 2.60 -14.15
C ILE D 86 12.44 3.44 -12.94
N THR D 87 13.37 3.76 -12.05
CA THR D 87 13.02 4.38 -10.76
C THR D 87 12.33 5.76 -10.88
N PRO D 88 12.83 6.66 -11.77
CA PRO D 88 12.04 7.88 -12.03
C PRO D 88 10.84 7.65 -12.96
N LEU D 89 10.92 6.67 -13.86
CA LEU D 89 9.78 6.28 -14.69
C LEU D 89 8.58 5.84 -13.84
N LYS D 90 8.85 5.03 -12.81
CA LYS D 90 7.80 4.56 -11.90
C LYS D 90 7.13 5.69 -11.12
N ARG D 91 7.92 6.68 -10.69
CA ARG D 91 7.35 7.85 -10.01
C ARG D 91 6.53 8.67 -11.00
N MET D 92 7.05 8.84 -12.21
CA MET D 92 6.36 9.57 -13.28
C MET D 92 5.06 8.87 -13.70
N LEU D 93 5.08 7.55 -13.83
CA LEU D 93 3.89 6.76 -14.18
C LEU D 93 2.81 6.83 -13.09
N LYS D 94 3.22 6.68 -11.83
CA LYS D 94 2.29 6.78 -10.69
C LYS D 94 1.61 8.16 -10.59
N SER D 95 2.36 9.21 -10.92
CA SER D 95 1.81 10.57 -10.97
C SER D 95 0.63 10.67 -11.93
N ARG D 96 0.86 10.25 -13.18
CA ARG D 96 -0.18 10.30 -14.23
C ARG D 96 -1.32 9.28 -14.06
N GLY D 97 -1.24 8.42 -13.04
CA GLY D 97 -2.33 7.50 -12.68
C GLY D 97 -2.21 6.10 -13.24
N TYR D 98 -0.98 5.64 -13.46
CA TYR D 98 -0.72 4.26 -13.87
C TYR D 98 -0.38 3.48 -12.59
N ARG D 99 -1.06 2.34 -12.41
CA ARG D 99 -0.75 1.44 -11.29
C ARG D 99 0.40 0.52 -11.71
N VAL D 100 1.51 0.58 -10.96
CA VAL D 100 2.72 -0.19 -11.24
C VAL D 100 2.99 -1.18 -10.10
N LYS D 101 3.49 -2.36 -10.44
CA LYS D 101 3.88 -3.36 -9.47
C LYS D 101 5.19 -4.01 -9.88
N ASP D 102 6.30 -3.55 -9.29
CA ASP D 102 7.64 -4.05 -9.59
C ASP D 102 7.81 -5.43 -8.96
N HIS D 103 8.15 -6.45 -9.76
CA HIS D 103 8.50 -7.77 -9.24
C HIS D 103 10.02 -7.91 -9.27
N ARG D 104 10.65 -7.44 -8.20
CA ARG D 104 12.10 -7.21 -8.16
C ARG D 104 12.93 -8.40 -8.60
N ALA D 105 12.78 -9.51 -7.90
CA ALA D 105 13.59 -10.71 -8.14
C ALA D 105 13.37 -11.31 -9.52
N ASP D 106 12.15 -11.17 -10.05
CA ASP D 106 11.82 -11.69 -11.39
C ASP D 106 12.27 -10.77 -12.53
N ASN D 107 12.58 -9.51 -12.21
CA ASN D 107 13.03 -8.50 -13.19
C ASN D 107 11.99 -8.24 -14.28
N TYR D 108 10.78 -7.93 -13.86
CA TYR D 108 9.73 -7.43 -14.75
C TYR D 108 8.72 -6.68 -13.90
N LEU D 109 7.92 -5.86 -14.58
CA LEU D 109 6.89 -5.02 -13.98
C LEU D 109 5.56 -5.33 -14.63
N THR D 110 4.48 -5.13 -13.89
CA THR D 110 3.12 -5.12 -14.46
C THR D 110 2.52 -3.74 -14.27
N ILE D 111 2.33 -3.05 -15.39
CA ILE D 111 1.72 -1.73 -15.41
C ILE D 111 0.30 -1.93 -15.91
N THR D 112 -0.65 -1.30 -15.22
CA THR D 112 -2.06 -1.34 -15.59
C THR D 112 -2.58 0.09 -15.74
N PHE D 113 -3.52 0.30 -16.67
CA PHE D 113 -4.05 1.64 -16.96
C PHE D 113 -5.40 1.61 -17.69
N LYS D 114 -6.42 2.18 -17.06
CA LYS D 114 -7.79 2.24 -17.62
C LYS D 114 -8.23 0.89 -18.17
N GLY D 115 -8.27 -0.11 -17.30
CA GLY D 115 -8.69 -1.46 -17.66
C GLY D 115 -7.66 -2.35 -18.38
N LYS D 116 -6.59 -1.76 -18.89
CA LYS D 116 -5.60 -2.49 -19.68
C LYS D 116 -4.40 -2.85 -18.81
N THR D 117 -3.70 -3.93 -19.15
CA THR D 117 -2.57 -4.43 -18.37
C THR D 117 -1.50 -5.03 -19.29
N ASN D 118 -0.23 -4.64 -19.08
CA ASN D 118 0.89 -5.14 -19.86
C ASN D 118 2.10 -5.47 -19.00
N TYR D 119 3.02 -6.24 -19.59
CA TYR D 119 4.15 -6.85 -18.89
C TYR D 119 5.46 -6.32 -19.48
N PHE D 120 6.31 -5.77 -18.59
CA PHE D 120 7.53 -5.06 -18.98
C PHE D 120 8.72 -5.72 -18.33
N TYR D 121 9.50 -6.47 -19.11
CA TYR D 121 10.62 -7.24 -18.61
C TYR D 121 11.93 -6.44 -18.73
N LEU D 122 12.76 -6.51 -17.68
CA LEU D 122 14.01 -5.79 -17.63
C LEU D 122 15.15 -6.71 -18.02
N PHE D 123 15.98 -6.25 -18.96
CA PHE D 123 17.15 -7.01 -19.43
C PHE D 123 18.43 -6.22 -19.23
N GLY D 124 19.56 -6.92 -19.36
CA GLY D 124 20.89 -6.33 -19.33
C GLY D 124 21.66 -6.76 -20.57
N GLY D 125 22.53 -5.88 -21.05
CA GLY D 125 23.38 -6.15 -22.22
C GLY D 125 24.15 -7.46 -22.14
N LYS D 126 25.16 -7.50 -21.26
CA LYS D 126 25.96 -8.72 -21.04
C LYS D 126 25.37 -9.72 -20.02
N ASP D 127 24.28 -9.37 -19.33
CA ASP D 127 23.75 -10.19 -18.22
C ASP D 127 23.52 -11.68 -18.59
N GLU D 128 23.87 -12.57 -17.66
CA GLU D 128 23.82 -14.02 -17.90
C GLU D 128 22.39 -14.53 -17.89
N SER D 129 21.64 -14.17 -16.87
CA SER D 129 20.21 -14.53 -16.75
C SER D 129 19.30 -13.93 -17.83
N SER D 130 19.65 -12.72 -18.30
CA SER D 130 18.94 -12.06 -19.40
C SER D 130 19.05 -12.86 -20.69
N GLN D 131 20.27 -13.28 -21.05
CA GLN D 131 20.50 -14.01 -22.30
C GLN D 131 19.82 -15.39 -22.41
N ASP D 132 19.40 -15.96 -21.28
CA ASP D 132 18.57 -17.19 -21.28
C ASP D 132 17.08 -16.87 -21.52
N LEU D 133 16.61 -15.73 -21.02
CA LEU D 133 15.21 -15.31 -21.18
C LEU D 133 14.92 -14.78 -22.59
N ILE D 134 15.81 -13.94 -23.11
CA ILE D 134 15.67 -13.35 -24.46
C ILE D 134 15.76 -14.38 -25.59
N GLN D 135 16.26 -15.59 -25.31
CA GLN D 135 16.22 -16.67 -26.30
C GLN D 135 14.77 -17.14 -26.60
N GLY D 136 13.87 -17.05 -25.62
CA GLY D 136 12.53 -17.61 -25.69
C GLY D 136 11.32 -16.71 -25.62
N ILE D 137 11.42 -15.54 -25.00
CA ILE D 137 10.25 -14.66 -24.77
C ILE D 137 9.73 -14.05 -26.09
N THR D 138 8.43 -13.74 -26.13
CA THR D 138 7.78 -13.08 -27.27
C THR D 138 7.37 -11.67 -26.84
N LEU D 139 7.68 -10.67 -27.68
CA LEU D 139 7.56 -9.26 -27.31
C LEU D 139 6.78 -8.42 -28.32
N ALA D 140 5.92 -7.53 -27.81
CA ALA D 140 5.21 -6.54 -28.63
C ALA D 140 6.03 -5.26 -28.80
N GLY D 141 7.17 -5.17 -28.12
CA GLY D 141 8.10 -4.07 -28.31
C GLY D 141 9.35 -4.24 -27.50
N MET D 142 10.33 -3.37 -27.76
CA MET D 142 11.62 -3.42 -27.08
C MET D 142 12.15 -2.01 -26.92
N PHE D 143 12.82 -1.77 -25.80
CA PHE D 143 13.37 -0.46 -25.49
C PHE D 143 14.82 -0.63 -25.07
N PHE D 144 15.71 0.12 -25.70
CA PHE D 144 17.11 0.12 -25.31
C PHE D 144 17.56 1.49 -24.83
N ASP D 145 18.17 1.52 -23.65
CA ASP D 145 18.81 2.72 -23.08
C ASP D 145 20.32 2.51 -23.07
N GLU D 146 21.06 3.48 -23.59
CA GLU D 146 22.51 3.36 -23.81
C GLU D 146 22.86 2.20 -24.77
N VAL D 147 22.07 2.06 -25.83
CA VAL D 147 22.27 0.99 -26.82
C VAL D 147 23.68 1.03 -27.43
N ALA D 148 24.27 2.21 -27.50
CA ALA D 148 25.67 2.40 -27.88
C ALA D 148 26.64 1.51 -27.10
N LEU D 149 26.35 1.33 -25.80
CA LEU D 149 27.17 0.50 -24.93
C LEU D 149 26.88 -1.00 -25.04
N MET D 150 25.65 -1.37 -25.42
CA MET D 150 25.25 -2.78 -25.44
C MET D 150 25.95 -3.53 -26.56
N PRO D 151 26.18 -4.84 -26.37
CA PRO D 151 26.77 -5.63 -27.45
C PRO D 151 25.77 -5.85 -28.57
N GLU D 152 26.23 -5.69 -29.83
CA GLU D 152 25.38 -5.77 -31.01
C GLU D 152 24.55 -7.08 -31.05
N SER D 153 25.20 -8.20 -30.76
CA SER D 153 24.56 -9.53 -30.83
C SER D 153 23.33 -9.64 -29.95
N PHE D 154 23.39 -9.08 -28.74
CA PHE D 154 22.22 -9.04 -27.86
C PHE D 154 21.10 -8.17 -28.42
N VAL D 155 21.45 -7.02 -29.00
CA VAL D 155 20.46 -6.09 -29.55
C VAL D 155 19.70 -6.70 -30.74
N ASN D 156 20.43 -7.41 -31.61
CA ASN D 156 19.80 -8.12 -32.74
C ASN D 156 18.94 -9.30 -32.27
N GLN D 157 19.42 -10.06 -31.29
CA GLN D 157 18.64 -11.16 -30.70
C GLN D 157 17.36 -10.69 -29.98
N ALA D 158 17.40 -9.50 -29.39
CA ALA D 158 16.24 -8.89 -28.71
C ALA D 158 15.19 -8.39 -29.70
N THR D 159 15.64 -7.78 -30.79
CA THR D 159 14.73 -7.35 -31.86
C THR D 159 14.04 -8.54 -32.56
N ALA D 160 14.78 -9.65 -32.67
CA ALA D 160 14.23 -10.91 -33.20
C ALA D 160 13.07 -11.48 -32.38
N ARG D 161 13.03 -11.16 -31.09
CA ARG D 161 11.92 -11.56 -30.22
C ARG D 161 10.67 -10.69 -30.35
N CYS D 162 10.77 -9.58 -31.08
CA CYS D 162 9.60 -8.70 -31.31
C CYS D 162 8.74 -9.20 -32.49
N SER D 163 8.11 -10.37 -32.29
CA SER D 163 7.36 -11.08 -33.34
C SER D 163 5.88 -10.71 -33.44
N VAL D 164 5.33 -10.09 -32.40
CA VAL D 164 3.93 -9.66 -32.37
C VAL D 164 3.69 -8.61 -33.45
N ASP D 165 2.49 -8.64 -34.03
CA ASP D 165 2.10 -7.70 -35.07
C ASP D 165 1.95 -6.29 -34.47
N GLY D 166 2.51 -5.29 -35.15
CA GLY D 166 2.50 -3.90 -34.69
C GLY D 166 3.61 -3.51 -33.72
N ALA D 167 4.67 -4.33 -33.66
CA ALA D 167 5.79 -4.09 -32.74
C ALA D 167 6.65 -2.92 -33.18
N LYS D 168 7.21 -2.22 -32.20
CA LYS D 168 8.02 -1.03 -32.45
C LYS D 168 9.31 -1.10 -31.63
N LEU D 169 10.43 -0.69 -32.24
CA LEU D 169 11.73 -0.72 -31.60
C LEU D 169 12.14 0.68 -31.19
N TRP D 170 12.54 0.85 -29.92
CA TRP D 170 12.90 2.16 -29.38
C TRP D 170 14.36 2.14 -28.92
N PHE D 171 15.17 3.03 -29.48
CA PHE D 171 16.59 3.10 -29.18
C PHE D 171 16.95 4.46 -28.60
N ASN D 172 17.67 4.46 -27.49
CA ASN D 172 18.16 5.67 -26.84
C ASN D 172 19.65 5.53 -26.61
N CYS D 173 20.44 6.52 -27.02
CA CYS D 173 21.89 6.48 -26.79
C CYS D 173 22.60 7.84 -26.85
N ASN D 174 23.87 7.82 -26.45
CA ASN D 174 24.80 8.92 -26.60
C ASN D 174 25.91 8.50 -27.57
N PRO D 175 26.54 9.48 -28.26
CA PRO D 175 27.40 9.12 -29.38
C PRO D 175 28.73 8.44 -29.03
N ALA D 176 29.15 7.52 -29.87
CA ALA D 176 30.49 6.94 -29.89
C ALA D 176 31.17 7.34 -31.20
N GLY D 177 32.05 6.48 -31.75
CA GLY D 177 32.70 6.76 -33.04
C GLY D 177 31.76 6.53 -34.21
N PRO D 178 32.00 7.23 -35.35
CA PRO D 178 31.15 7.07 -36.51
C PRO D 178 31.23 5.71 -37.23
N TYR D 179 32.27 4.92 -36.91
CA TYR D 179 32.35 3.52 -37.35
C TYR D 179 31.69 2.53 -36.40
N HIS D 180 31.12 3.01 -35.31
CA HIS D 180 30.53 2.14 -34.25
C HIS D 180 29.27 1.45 -34.84
N TRP D 181 29.10 0.16 -34.52
CA TRP D 181 28.06 -0.65 -35.16
C TRP D 181 26.67 0.02 -35.21
N PHE D 182 26.27 0.66 -34.12
CA PHE D 182 24.96 1.31 -34.04
C PHE D 182 24.83 2.50 -35.00
N LYS D 183 25.91 3.26 -35.19
CA LYS D 183 25.91 4.31 -36.21
C LYS D 183 25.82 3.70 -37.61
N VAL D 184 26.70 2.75 -37.88
CA VAL D 184 26.80 2.10 -39.20
C VAL D 184 25.52 1.35 -39.60
N GLU D 185 24.96 0.57 -38.67
CA GLU D 185 23.87 -0.37 -38.96
C GLU D 185 22.44 0.16 -38.72
N TYR D 186 22.28 1.16 -37.85
CA TYR D 186 20.95 1.68 -37.52
C TYR D 186 20.74 3.13 -37.96
N LEU D 187 21.65 4.03 -37.56
CA LEU D 187 21.51 5.47 -37.87
C LEU D 187 21.79 5.81 -39.35
N ASP D 188 22.79 5.15 -39.94
CA ASP D 188 23.10 5.32 -41.36
C ASP D 188 22.10 4.57 -42.24
N LYS D 189 21.67 3.39 -41.79
CA LYS D 189 20.62 2.60 -42.49
C LYS D 189 19.24 2.90 -41.91
N LEU D 190 18.89 4.18 -41.83
CA LEU D 190 17.69 4.63 -41.10
C LEU D 190 16.40 4.26 -41.85
N ASP D 191 16.36 4.55 -43.15
CA ASP D 191 15.22 4.23 -44.01
C ASP D 191 15.10 2.73 -44.26
N GLU D 192 16.25 2.04 -44.32
CA GLU D 192 16.29 0.59 -44.53
C GLU D 192 15.59 -0.22 -43.42
N LYS D 193 15.61 0.30 -42.19
CA LYS D 193 14.87 -0.30 -41.05
C LYS D 193 13.56 0.44 -40.75
N ASN D 194 13.33 1.57 -41.42
CA ASN D 194 12.08 2.35 -41.34
C ASN D 194 11.89 2.94 -39.96
N LEU D 195 12.88 3.73 -39.53
CA LEU D 195 12.91 4.32 -38.19
C LEU D 195 12.91 5.83 -38.24
N LEU D 196 12.26 6.45 -37.26
CA LEU D 196 12.37 7.88 -37.03
C LEU D 196 13.70 8.11 -36.31
N HIS D 197 14.23 9.32 -36.42
CA HIS D 197 15.44 9.72 -35.69
C HIS D 197 15.27 11.15 -35.19
N LEU D 198 15.46 11.34 -33.88
CA LEU D 198 15.50 12.67 -33.29
C LEU D 198 16.83 12.84 -32.58
N HIS D 199 17.62 13.81 -33.01
CA HIS D 199 18.88 14.14 -32.35
C HIS D 199 18.66 15.22 -31.27
N PHE D 200 19.30 15.04 -30.13
CA PHE D 200 19.03 15.82 -28.91
C PHE D 200 20.27 16.60 -28.42
N THR D 201 20.06 17.87 -28.08
CA THR D 201 21.07 18.74 -27.48
C THR D 201 20.52 19.19 -26.14
N MET D 202 21.38 19.76 -25.29
CA MET D 202 20.93 20.40 -24.03
C MET D 202 19.97 21.58 -24.24
N ASP D 203 20.02 22.13 -25.43
CA ASP D 203 19.14 23.22 -25.80
C ASP D 203 17.75 22.65 -25.72
N ASP D 204 17.58 21.39 -26.11
CA ASP D 204 16.28 20.76 -26.05
C ASP D 204 15.67 20.56 -24.66
N ASN D 205 16.49 20.55 -23.61
CA ASN D 205 15.94 20.44 -22.28
C ASN D 205 15.68 21.84 -21.79
N LEU D 206 14.43 22.09 -21.43
CA LEU D 206 14.03 23.42 -20.92
C LEU D 206 14.24 23.61 -19.42
N SER D 207 14.32 22.51 -18.66
CA SER D 207 14.53 22.59 -17.21
C SER D 207 15.92 23.13 -16.83
N LEU D 208 16.91 22.94 -17.71
CA LEU D 208 18.27 23.44 -17.48
C LEU D 208 18.38 24.93 -17.77
N SER D 209 18.91 25.68 -16.80
CA SER D 209 19.17 27.11 -16.97
C SER D 209 20.45 27.33 -17.77
N LYS D 210 20.62 28.54 -18.32
CA LYS D 210 21.89 28.93 -18.96
C LYS D 210 23.06 28.92 -17.96
N GLN D 211 22.76 29.10 -16.67
CA GLN D 211 23.71 28.88 -15.58
C GLN D 211 24.15 27.41 -15.51
N VAL D 212 23.18 26.50 -15.36
CA VAL D 212 23.46 25.06 -15.23
C VAL D 212 24.05 24.45 -16.51
N LYS D 213 23.65 24.97 -17.67
CA LYS D 213 24.15 24.46 -18.97
C LYS D 213 25.62 24.78 -19.21
N GLU D 214 26.05 26.00 -18.86
CA GLU D 214 27.46 26.38 -18.98
C GLU D 214 28.38 25.67 -17.97
N ARG D 215 27.81 25.15 -16.87
CA ARG D 215 28.54 24.31 -15.91
C ARG D 215 28.91 22.94 -16.52
N TYR D 216 27.97 22.34 -17.26
CA TYR D 216 28.19 21.06 -17.97
C TYR D 216 29.13 21.16 -19.16
N GLN D 217 29.10 22.30 -19.86
CA GLN D 217 29.99 22.55 -21.00
C GLN D 217 31.46 22.68 -20.59
N ARG D 218 31.70 23.18 -19.38
CA ARG D 218 33.04 23.21 -18.78
C ARG D 218 33.60 21.82 -18.49
N MET D 219 32.72 20.87 -18.15
CA MET D 219 33.13 19.49 -17.77
C MET D 219 33.86 18.70 -18.87
N TYR D 220 33.61 19.05 -20.13
CA TYR D 220 34.18 18.30 -21.26
C TYR D 220 34.95 19.20 -22.23
N LYS D 221 36.03 18.66 -22.79
CA LYS D 221 36.77 19.27 -23.89
C LYS D 221 37.19 18.18 -24.90
N GLY D 222 37.40 18.60 -26.14
CA GLY D 222 37.82 17.72 -27.21
C GLY D 222 36.83 16.71 -27.67
N VAL D 223 37.25 15.48 -27.91
CA VAL D 223 36.35 14.42 -28.41
C VAL D 223 35.12 14.24 -27.53
N PHE D 224 35.33 14.18 -26.22
CA PHE D 224 34.23 13.93 -25.26
C PHE D 224 33.24 15.11 -25.22
N TYR D 225 33.74 16.33 -25.49
CA TYR D 225 32.88 17.51 -25.62
C TYR D 225 32.01 17.39 -26.87
N GLN D 226 32.64 17.07 -27.99
CA GLN D 226 31.94 16.90 -29.25
C GLN D 226 30.89 15.80 -29.19
N ARG D 227 31.19 14.72 -28.47
CA ARG D 227 30.25 13.60 -28.32
C ARG D 227 29.10 13.91 -27.35
N TYR D 228 29.43 14.25 -26.11
CA TYR D 228 28.44 14.35 -25.06
C TYR D 228 27.75 15.70 -24.89
N ILE D 229 28.24 16.73 -25.60
CA ILE D 229 27.63 18.07 -25.57
C ILE D 229 27.04 18.45 -26.93
N LEU D 230 27.85 18.34 -27.98
CA LEU D 230 27.38 18.65 -29.33
C LEU D 230 26.55 17.50 -29.92
N GLY D 231 26.67 16.31 -29.34
CA GLY D 231 25.88 15.16 -29.75
C GLY D 231 26.39 14.46 -30.98
N LEU D 232 27.66 14.69 -31.33
CA LEU D 232 28.20 14.30 -32.62
C LEU D 232 28.91 12.95 -32.56
N TRP D 233 28.67 12.09 -33.54
CA TRP D 233 29.43 10.81 -33.63
C TRP D 233 30.79 11.06 -34.26
N VAL D 234 31.70 11.65 -33.47
CA VAL D 234 33.03 12.03 -33.96
C VAL D 234 34.08 10.97 -33.56
N LEU D 235 35.07 10.83 -34.45
CA LEU D 235 36.09 9.80 -34.33
C LEU D 235 37.07 10.11 -33.22
N ALA D 236 37.40 9.11 -32.41
CA ALA D 236 38.45 9.26 -31.41
C ALA D 236 39.82 9.15 -32.10
N GLU D 237 40.60 10.24 -32.02
CA GLU D 237 41.82 10.38 -32.82
C GLU D 237 42.87 11.20 -32.09
N GLY D 238 44.12 10.70 -32.12
CA GLY D 238 45.28 11.43 -31.62
C GLY D 238 45.45 11.33 -30.12
N ILE D 239 45.87 12.44 -29.50
CA ILE D 239 46.13 12.50 -28.07
C ILE D 239 44.82 12.34 -27.32
N ILE D 240 44.82 11.46 -26.31
CA ILE D 240 43.62 11.15 -25.54
C ILE D 240 43.27 12.29 -24.59
N TYR D 241 44.20 12.63 -23.70
CA TYR D 241 44.00 13.70 -22.73
C TYR D 241 44.52 15.04 -23.30
N ASP D 242 43.91 15.49 -24.38
CA ASP D 242 44.28 16.77 -25.01
C ASP D 242 44.04 17.99 -24.10
N MET D 243 43.17 17.84 -23.09
CA MET D 243 42.87 18.90 -22.13
C MET D 243 43.90 19.08 -21.01
N PHE D 244 44.88 18.16 -20.89
CA PHE D 244 45.92 18.33 -19.88
C PHE D 244 46.80 19.54 -20.22
N ASP D 245 47.15 20.29 -19.19
CA ASP D 245 47.67 21.66 -19.36
C ASP D 245 48.57 22.00 -18.16
N GLN D 246 49.87 22.08 -18.41
CA GLN D 246 50.85 22.29 -17.32
C GLN D 246 50.77 23.66 -16.66
N ASP D 247 50.13 24.61 -17.32
CA ASP D 247 49.70 25.85 -16.66
C ASP D 247 48.69 25.53 -15.58
N GLU D 248 47.66 24.79 -15.96
CA GLU D 248 46.48 24.61 -15.12
C GLU D 248 46.64 23.51 -14.06
N HIS D 249 47.16 22.36 -14.46
CA HIS D 249 47.07 21.13 -13.65
C HIS D 249 48.28 20.77 -12.80
N VAL D 250 49.40 21.46 -13.01
CA VAL D 250 50.61 21.22 -12.21
C VAL D 250 50.75 22.30 -11.15
N VAL D 251 51.16 21.86 -9.95
CA VAL D 251 51.31 22.72 -8.77
C VAL D 251 52.65 22.44 -8.07
N PRO D 252 53.13 23.39 -7.24
CA PRO D 252 54.45 23.18 -6.62
C PRO D 252 54.44 22.04 -5.62
N THR D 253 55.58 21.37 -5.49
CA THR D 253 55.70 20.21 -4.62
C THR D 253 56.07 20.69 -3.20
N VAL D 254 55.04 21.19 -2.50
CA VAL D 254 55.17 21.71 -1.13
C VAL D 254 54.17 21.03 -0.21
N PRO D 255 54.59 20.66 1.01
CA PRO D 255 53.69 20.02 1.99
C PRO D 255 52.33 20.72 2.16
N ARG D 256 51.25 19.95 2.17
CA ARG D 256 49.89 20.42 2.44
C ARG D 256 49.26 19.55 3.53
N PRO D 257 48.29 20.09 4.30
CA PRO D 257 47.65 19.32 5.36
C PRO D 257 46.54 18.42 4.81
N TYR D 258 46.94 17.26 4.28
CA TYR D 258 46.03 16.36 3.59
C TYR D 258 45.11 15.62 4.59
N GLU D 259 43.83 15.48 4.22
CA GLU D 259 42.81 14.86 5.07
C GLU D 259 42.87 13.34 5.01
N LYS D 260 42.76 12.81 3.79
CA LYS D 260 42.81 11.37 3.51
C LYS D 260 43.98 11.08 2.59
N TYR D 261 44.26 9.79 2.40
CA TYR D 261 45.24 9.35 1.39
C TYR D 261 44.78 8.06 0.73
N TYR D 262 45.16 7.89 -0.53
CA TYR D 262 45.26 6.56 -1.14
C TYR D 262 46.59 6.40 -1.86
N VAL D 263 46.89 5.15 -2.19
CA VAL D 263 47.92 4.80 -3.16
C VAL D 263 47.19 4.07 -4.29
N SER D 264 47.53 4.41 -5.53
CA SER D 264 47.02 3.73 -6.72
C SER D 264 48.19 3.05 -7.39
N CYS D 265 47.96 1.88 -7.98
CA CYS D 265 49.07 1.04 -8.46
C CYS D 265 48.79 0.25 -9.76
N ASP D 266 49.55 0.55 -10.80
CA ASP D 266 49.64 -0.32 -11.98
C ASP D 266 50.77 -1.30 -11.66
N TYR D 267 50.45 -2.59 -11.54
CA TYR D 267 51.48 -3.61 -11.26
C TYR D 267 52.17 -4.03 -12.55
N GLY D 268 53.45 -4.37 -12.46
CA GLY D 268 54.21 -4.88 -13.61
C GLY D 268 55.61 -5.36 -13.27
N THR D 269 55.85 -6.66 -13.43
CA THR D 269 57.16 -7.25 -13.17
C THR D 269 58.07 -7.04 -14.41
N GLN D 270 57.60 -7.57 -15.54
CA GLN D 270 58.22 -7.36 -16.86
C GLN D 270 58.17 -5.90 -17.32
N ASN D 271 57.05 -5.23 -17.04
CA ASN D 271 56.80 -3.83 -17.43
C ASN D 271 57.12 -2.90 -16.25
N PRO D 272 56.84 -1.59 -16.41
CA PRO D 272 56.90 -0.71 -15.25
C PRO D 272 55.85 -0.99 -14.19
N THR D 273 56.24 -0.89 -12.93
CA THR D 273 55.29 -0.80 -11.82
C THR D 273 55.28 0.66 -11.36
N THR D 274 54.10 1.18 -11.06
CA THR D 274 53.95 2.54 -10.54
C THR D 274 53.07 2.54 -9.31
N PHE D 275 53.42 3.39 -8.35
CA PHE D 275 52.55 3.77 -7.24
C PHE D 275 52.22 5.24 -7.46
N GLY D 276 51.27 5.74 -6.69
CA GLY D 276 50.95 7.17 -6.69
C GLY D 276 50.23 7.58 -5.43
N LEU D 277 50.83 8.45 -4.64
CA LEU D 277 50.23 8.90 -3.38
C LEU D 277 49.23 10.00 -3.71
N TRP D 278 47.95 9.69 -3.58
CA TRP D 278 46.90 10.69 -3.73
C TRP D 278 46.54 11.22 -2.34
N GLY D 279 46.21 12.50 -2.23
CA GLY D 279 45.89 13.13 -0.95
C GLY D 279 44.90 14.27 -1.07
N LEU D 280 43.86 14.26 -0.23
CA LEU D 280 42.78 15.24 -0.32
C LEU D 280 43.11 16.51 0.43
N TYR D 281 42.77 17.66 -0.15
CA TYR D 281 42.96 18.96 0.48
C TYR D 281 42.03 20.00 -0.13
N ASN D 282 40.96 20.33 0.59
CA ASN D 282 39.95 21.31 0.18
C ASN D 282 39.27 20.95 -1.14
N GLY D 283 38.74 19.73 -1.18
CA GLY D 283 37.97 19.23 -2.30
C GLY D 283 38.76 18.78 -3.53
N VAL D 284 40.09 18.83 -3.46
CA VAL D 284 40.93 18.49 -4.59
C VAL D 284 41.88 17.40 -4.15
N TRP D 285 41.98 16.35 -4.96
CA TRP D 285 42.96 15.29 -4.74
C TRP D 285 44.26 15.63 -5.48
N TYR D 286 45.39 15.56 -4.75
CA TYR D 286 46.70 15.87 -5.31
C TYR D 286 47.51 14.59 -5.42
N LYS D 287 48.01 14.29 -6.62
CA LYS D 287 49.02 13.25 -6.78
C LYS D 287 50.33 13.81 -6.20
N VAL D 288 50.60 13.45 -4.94
CA VAL D 288 51.62 14.10 -4.12
C VAL D 288 53.02 13.71 -4.57
N LYS D 289 53.17 12.45 -4.94
CA LYS D 289 54.41 11.97 -5.57
C LYS D 289 54.15 10.71 -6.39
N GLU D 290 55.17 10.27 -7.13
CA GLU D 290 55.07 9.08 -7.96
C GLU D 290 56.24 8.13 -7.72
N TYR D 291 55.94 6.84 -7.85
CA TYR D 291 56.94 5.78 -7.89
C TYR D 291 56.88 5.29 -9.34
N HIS D 292 58.02 4.87 -9.86
CA HIS D 292 58.11 4.40 -11.25
C HIS D 292 59.35 3.52 -11.37
N TYR D 293 59.15 2.19 -11.39
CA TYR D 293 60.25 1.25 -11.52
C TYR D 293 60.14 0.44 -12.81
N ASP D 294 61.14 0.58 -13.68
CA ASP D 294 61.23 -0.17 -14.94
C ASP D 294 62.15 -1.40 -14.81
N GLY D 295 61.64 -2.57 -15.19
CA GLY D 295 62.46 -3.78 -15.26
C GLY D 295 63.55 -3.70 -16.31
N ARG D 296 63.17 -3.31 -17.54
CA ARG D 296 64.08 -3.26 -18.69
C ARG D 296 65.20 -2.23 -18.53
N LYS D 297 64.82 -1.02 -18.16
CA LYS D 297 65.78 0.10 -18.04
C LYS D 297 66.78 -0.15 -16.92
N GLU D 298 66.27 -0.53 -15.76
CA GLU D 298 67.12 -0.82 -14.60
C GLU D 298 67.86 -2.15 -14.73
N ASN D 299 67.39 -3.01 -15.66
CA ASN D 299 68.03 -4.28 -16.01
C ASN D 299 67.93 -5.29 -14.86
N LYS D 300 66.78 -5.26 -14.18
CA LYS D 300 66.56 -6.00 -12.95
C LYS D 300 65.07 -5.94 -12.61
N GLN D 301 64.39 -7.08 -12.68
CA GLN D 301 62.98 -7.18 -12.29
C GLN D 301 62.87 -7.12 -10.77
N LYS D 302 61.65 -6.94 -10.29
CA LYS D 302 61.38 -6.92 -8.85
C LYS D 302 60.29 -7.92 -8.45
N THR D 303 60.48 -8.52 -7.27
CA THR D 303 59.51 -9.44 -6.70
C THR D 303 58.41 -8.67 -5.99
N ASP D 304 57.32 -9.37 -5.69
CA ASP D 304 56.17 -8.79 -4.98
C ASP D 304 56.60 -8.32 -3.59
N GLN D 305 57.53 -9.05 -2.99
CA GLN D 305 58.16 -8.66 -1.73
C GLN D 305 58.81 -7.30 -1.87
N GLU D 306 59.68 -7.16 -2.87
CA GLU D 306 60.41 -5.91 -3.10
C GLU D 306 59.49 -4.74 -3.33
N TYR D 307 58.40 -4.94 -4.07
CA TYR D 307 57.37 -3.90 -4.25
C TYR D 307 56.60 -3.61 -2.96
N TYR D 308 56.31 -4.64 -2.16
CA TYR D 308 55.70 -4.41 -0.84
C TYR D 308 56.61 -3.55 0.03
N GLU D 309 57.89 -3.90 0.08
CA GLU D 309 58.89 -3.11 0.81
C GLU D 309 58.91 -1.66 0.35
N ASP D 310 58.98 -1.45 -0.96
CA ASP D 310 58.97 -0.12 -1.57
C ASP D 310 57.68 0.65 -1.26
N LEU D 311 56.55 -0.05 -1.27
CA LEU D 311 55.26 0.56 -0.94
C LEU D 311 55.23 1.13 0.48
N MET D 312 55.92 0.46 1.41
CA MET D 312 55.99 0.92 2.80
C MET D 312 56.87 2.17 2.93
N LYS D 313 58.04 2.16 2.27
CA LYS D 313 58.91 3.35 2.19
C LYS D 313 58.18 4.52 1.55
N PHE D 314 57.39 4.24 0.51
CA PHE D 314 56.58 5.23 -0.20
C PHE D 314 55.56 5.94 0.70
N ILE D 315 55.05 5.25 1.73
CA ILE D 315 54.05 5.83 2.66
C ILE D 315 54.52 5.93 4.12
N GLU D 316 55.83 5.94 4.36
CA GLU D 316 56.40 6.14 5.71
C GLU D 316 55.85 7.39 6.38
N ASP D 317 55.98 8.51 5.68
CA ASP D 317 55.77 9.83 6.28
C ASP D 317 54.31 10.13 6.62
N ILE D 318 53.36 9.48 5.95
CA ILE D 318 51.93 9.74 6.20
C ILE D 318 51.40 9.05 7.45
N GLU D 319 50.39 9.64 8.05
CA GLU D 319 49.75 9.09 9.24
C GLU D 319 48.81 7.98 8.80
N LYS D 320 48.94 6.80 9.41
CA LYS D 320 48.16 5.64 9.01
C LYS D 320 46.67 5.76 9.28
N HIS D 321 46.25 6.66 10.17
CA HIS D 321 44.82 6.89 10.40
C HIS D 321 44.13 7.65 9.25
N LYS D 322 44.93 8.34 8.42
CA LYS D 322 44.44 9.00 7.21
C LYS D 322 44.59 8.16 5.93
N PHE D 323 45.44 7.14 5.97
CA PHE D 323 45.68 6.23 4.84
C PHE D 323 44.54 5.24 4.69
N LYS D 324 43.80 5.34 3.58
CA LYS D 324 42.57 4.57 3.37
C LYS D 324 42.71 3.34 2.44
N GLY D 325 43.93 3.00 2.03
CA GLY D 325 44.20 1.75 1.27
C GLY D 325 44.90 1.91 -0.08
N VAL D 326 45.31 0.77 -0.64
CA VAL D 326 46.02 0.69 -1.91
C VAL D 326 45.05 0.20 -2.99
N ILE D 327 44.81 1.01 -4.02
CA ILE D 327 43.95 0.62 -5.14
C ILE D 327 44.82 -0.07 -6.19
N VAL D 328 44.47 -1.30 -6.55
CA VAL D 328 45.27 -2.11 -7.47
C VAL D 328 44.37 -2.95 -8.39
N ASP D 329 44.86 -3.22 -9.60
CA ASP D 329 44.15 -4.04 -10.56
C ASP D 329 44.03 -5.48 -10.06
N PRO D 330 42.81 -6.07 -10.12
CA PRO D 330 42.60 -7.47 -9.72
C PRO D 330 43.52 -8.51 -10.36
N SER D 331 44.06 -8.22 -11.55
CA SER D 331 45.03 -9.10 -12.21
C SER D 331 46.28 -9.37 -11.38
N ALA D 332 46.71 -8.38 -10.59
CA ALA D 332 47.89 -8.51 -9.73
C ALA D 332 47.54 -9.15 -8.37
N ALA D 333 47.02 -10.38 -8.42
CA ALA D 333 46.50 -11.06 -7.22
C ALA D 333 47.63 -11.47 -6.29
N SER D 334 48.69 -12.05 -6.87
CA SER D 334 49.92 -12.39 -6.14
C SER D 334 50.44 -11.26 -5.22
N PHE D 335 50.36 -10.03 -5.73
CA PHE D 335 50.68 -8.83 -4.96
C PHE D 335 49.58 -8.54 -3.93
N ILE D 336 48.32 -8.63 -4.34
CA ILE D 336 47.17 -8.37 -3.45
C ILE D 336 47.14 -9.34 -2.25
N ALA D 337 47.49 -10.60 -2.51
CA ALA D 337 47.61 -11.61 -1.45
C ALA D 337 48.60 -11.19 -0.39
N LEU D 338 49.79 -10.79 -0.84
CA LEU D 338 50.87 -10.36 0.05
C LEU D 338 50.48 -9.13 0.85
N LEU D 339 49.97 -8.12 0.16
CA LEU D 339 49.52 -6.88 0.82
C LEU D 339 48.48 -7.14 1.91
N ARG D 340 47.55 -8.07 1.65
CA ARG D 340 46.54 -8.45 2.64
C ARG D 340 47.12 -9.24 3.80
N GLN D 341 48.06 -10.13 3.52
CA GLN D 341 48.83 -10.81 4.57
C GLN D 341 49.53 -9.80 5.48
N LYS D 342 50.04 -8.71 4.92
CA LYS D 342 50.71 -7.67 5.69
C LYS D 342 49.75 -6.61 6.28
N GLY D 343 48.45 -6.92 6.32
CA GLY D 343 47.46 -6.02 6.93
C GLY D 343 47.18 -4.72 6.20
N ILE D 344 47.51 -4.68 4.89
CA ILE D 344 47.28 -3.50 4.06
C ILE D 344 45.90 -3.64 3.43
N LYS D 345 45.09 -2.59 3.51
CA LYS D 345 43.78 -2.56 2.87
C LYS D 345 43.97 -2.44 1.37
N VAL D 346 43.36 -3.37 0.63
CA VAL D 346 43.41 -3.36 -0.83
C VAL D 346 42.02 -3.02 -1.34
N ILE D 347 41.95 -2.17 -2.36
CA ILE D 347 40.70 -1.90 -3.07
C ILE D 347 40.91 -2.35 -4.50
N LYS D 348 40.05 -3.25 -4.97
CA LYS D 348 40.10 -3.71 -6.36
C LYS D 348 39.60 -2.59 -7.27
N ALA D 349 40.41 -2.22 -8.25
CA ALA D 349 40.15 -1.03 -9.07
C ALA D 349 39.03 -1.29 -10.07
N LYS D 350 38.14 -0.29 -10.22
CA LYS D 350 37.15 -0.30 -11.29
C LYS D 350 37.87 -0.06 -12.62
N ASN D 351 38.20 -1.18 -13.28
CA ASN D 351 39.11 -1.16 -14.45
C ASN D 351 38.40 -0.92 -15.80
N ASP D 352 37.33 -0.12 -15.79
CA ASP D 352 36.66 0.24 -17.04
C ASP D 352 37.55 1.23 -17.79
N VAL D 353 38.07 0.78 -18.94
CA VAL D 353 39.09 1.54 -19.70
C VAL D 353 38.48 2.81 -20.28
N LEU D 354 37.49 2.63 -21.14
CA LEU D 354 36.89 3.75 -21.87
C LEU D 354 36.17 4.70 -20.92
N ASP D 355 35.44 4.17 -19.93
CA ASP D 355 34.72 5.03 -18.98
C ASP D 355 35.65 5.69 -17.97
N GLY D 356 36.75 5.01 -17.64
CA GLY D 356 37.78 5.57 -16.77
C GLY D 356 38.48 6.75 -17.46
N ILE D 357 38.95 6.53 -18.69
CA ILE D 357 39.57 7.59 -19.48
C ILE D 357 38.65 8.81 -19.58
N ARG D 358 37.36 8.57 -19.86
CA ARG D 358 36.35 9.62 -19.92
C ARG D 358 36.30 10.44 -18.63
N ASN D 359 36.33 9.74 -17.48
CA ASN D 359 36.25 10.38 -16.17
C ASN D 359 37.54 11.14 -15.78
N VAL D 360 38.71 10.56 -16.09
CA VAL D 360 39.98 11.21 -15.80
C VAL D 360 40.03 12.59 -16.43
N ALA D 361 39.60 12.67 -17.70
CA ALA D 361 39.47 13.92 -18.45
C ALA D 361 38.54 14.91 -17.75
N THR D 362 37.35 14.42 -17.35
CA THR D 362 36.36 15.24 -16.65
C THR D 362 36.87 15.77 -15.31
N ALA D 363 37.67 14.97 -14.62
CA ALA D 363 38.36 15.41 -13.38
C ALA D 363 39.42 16.46 -13.69
N LEU D 364 40.18 16.28 -14.76
CA LEU D 364 41.15 17.29 -15.22
C LEU D 364 40.45 18.60 -15.58
N ASN D 365 39.33 18.50 -16.30
CA ASN D 365 38.56 19.69 -16.73
C ASN D 365 37.90 20.46 -15.58
N LYS D 366 37.29 19.73 -14.64
CA LYS D 366 36.70 20.33 -13.44
C LYS D 366 37.73 20.70 -12.36
N LYS D 367 38.97 20.24 -12.52
CA LYS D 367 40.06 20.36 -11.54
C LYS D 367 39.75 19.65 -10.22
N MET D 368 39.16 18.47 -10.33
CA MET D 368 38.99 17.53 -9.21
C MET D 368 40.34 16.94 -8.80
N ILE D 369 41.29 16.90 -9.74
CA ILE D 369 42.67 16.49 -9.46
C ILE D 369 43.69 17.54 -9.92
N LEU D 370 44.81 17.60 -9.20
CA LEU D 370 45.99 18.37 -9.60
C LEU D 370 47.24 17.55 -9.32
N TYR D 371 48.37 17.94 -9.89
CA TYR D 371 49.60 17.16 -9.81
C TYR D 371 50.76 17.97 -9.26
N ASN D 372 51.52 17.40 -8.32
CA ASN D 372 52.78 17.99 -7.87
C ASN D 372 53.80 17.91 -9.00
N ASP D 373 54.61 18.97 -9.15
CA ASP D 373 55.56 19.07 -10.26
C ASP D 373 56.61 17.94 -10.32
N CYS D 374 56.77 17.21 -9.21
CA CYS D 374 57.62 16.02 -9.16
C CYS D 374 57.09 14.81 -9.93
N CYS D 375 55.82 14.81 -10.34
CA CYS D 375 55.25 13.70 -11.14
C CYS D 375 55.73 13.73 -12.61
N LYS D 376 57.04 13.57 -12.80
CA LYS D 376 57.67 13.76 -14.11
C LYS D 376 57.28 12.71 -15.13
N GLU D 377 57.31 11.45 -14.72
CA GLU D 377 56.93 10.34 -15.60
C GLU D 377 55.47 10.40 -16.02
N THR D 378 54.61 10.80 -15.10
CA THR D 378 53.19 10.96 -15.39
C THR D 378 52.98 12.00 -16.49
N PHE D 379 53.61 13.18 -16.37
CA PHE D 379 53.41 14.26 -17.35
C PHE D 379 53.92 13.88 -18.73
N ARG D 380 55.01 13.12 -18.79
CA ARG D 380 55.50 12.60 -20.06
C ARG D 380 54.47 11.68 -20.73
N GLU D 381 53.82 10.84 -19.92
CA GLU D 381 52.80 9.94 -20.46
C GLU D 381 51.59 10.70 -21.01
N TYR D 382 51.16 11.75 -20.32
CA TYR D 382 50.08 12.60 -20.84
C TYR D 382 50.29 13.02 -22.31
N SER D 383 51.51 13.40 -22.64
CA SER D 383 51.84 13.85 -24.00
C SER D 383 51.99 12.72 -25.05
N SER D 384 51.97 11.46 -24.62
CA SER D 384 52.10 10.31 -25.56
C SER D 384 51.00 9.26 -25.44
N TYR D 385 49.92 9.57 -24.71
CA TYR D 385 48.79 8.65 -24.60
C TYR D 385 47.86 8.99 -25.76
N VAL D 386 47.72 8.03 -26.66
CA VAL D 386 46.99 8.24 -27.92
C VAL D 386 45.99 7.12 -28.19
N TRP D 387 44.85 7.49 -28.79
CA TRP D 387 43.82 6.53 -29.18
C TRP D 387 44.37 5.57 -30.25
N ASP D 388 43.96 4.31 -30.19
CA ASP D 388 44.30 3.32 -31.20
C ASP D 388 43.53 3.68 -32.46
N GLU D 389 44.27 4.16 -33.46
CA GLU D 389 43.71 4.65 -34.70
C GLU D 389 43.05 3.53 -35.54
N LYS D 390 43.72 2.39 -35.63
CA LYS D 390 43.26 1.24 -36.42
C LYS D 390 41.93 0.70 -35.86
N ALA D 391 41.90 0.51 -34.54
CA ALA D 391 40.72 0.02 -33.83
C ALA D 391 39.55 1.01 -33.84
N ALA D 392 39.86 2.32 -33.75
CA ALA D 392 38.82 3.35 -33.78
C ALA D 392 37.99 3.33 -35.07
N GLU D 393 38.63 3.04 -36.20
CA GLU D 393 37.92 2.91 -37.49
C GLU D 393 37.40 1.48 -37.79
N ARG D 394 37.53 0.59 -36.82
CA ARG D 394 36.66 -0.61 -36.71
C ARG D 394 35.42 -0.37 -35.84
N GLY D 395 35.29 0.82 -35.24
CA GLY D 395 34.18 1.14 -34.29
C GLY D 395 34.62 1.25 -32.85
N GLU D 396 35.70 0.56 -32.48
CA GLU D 396 36.15 0.37 -31.09
C GLU D 396 37.11 1.47 -30.62
N ASP D 397 36.66 2.33 -29.71
CA ASP D 397 37.52 3.38 -29.12
C ASP D 397 38.42 2.77 -28.02
N LYS D 398 39.72 2.69 -28.29
CA LYS D 398 40.71 2.09 -27.39
C LYS D 398 41.92 2.99 -27.24
N PRO D 399 42.66 2.87 -26.13
CA PRO D 399 43.99 3.45 -26.03
C PRO D 399 45.07 2.50 -26.57
N VAL D 400 46.14 3.08 -27.10
CA VAL D 400 47.35 2.35 -27.45
C VAL D 400 48.05 2.08 -26.12
N LYS D 401 48.08 0.82 -25.70
CA LYS D 401 48.64 0.44 -24.39
C LYS D 401 50.16 0.54 -24.39
N GLN D 402 50.66 1.77 -24.26
CA GLN D 402 52.11 2.04 -24.28
C GLN D 402 52.40 3.41 -23.69
N ASN D 403 53.32 3.46 -22.72
CA ASN D 403 53.55 4.65 -21.88
C ASN D 403 52.26 5.02 -21.16
N ASP D 404 51.62 4.04 -20.52
CA ASP D 404 50.30 4.21 -19.90
C ASP D 404 50.24 3.80 -18.43
N HIS D 405 51.40 3.69 -17.79
CA HIS D 405 51.51 3.01 -16.49
C HIS D 405 51.17 3.93 -15.33
N GLN D 406 51.65 5.16 -15.36
CA GLN D 406 51.15 6.18 -14.44
C GLN D 406 49.69 6.51 -14.75
N LEU D 407 49.38 6.65 -16.04
CA LEU D 407 48.03 7.05 -16.46
C LEU D 407 46.94 6.00 -16.22
N ASP D 408 47.32 4.72 -16.19
CA ASP D 408 46.38 3.63 -15.83
C ASP D 408 46.10 3.66 -14.34
N ALA D 409 47.16 3.81 -13.54
CA ALA D 409 47.03 3.99 -12.09
C ALA D 409 46.15 5.21 -11.73
N ASP D 410 46.42 6.33 -12.39
CA ASP D 410 45.62 7.55 -12.19
C ASP D 410 44.15 7.32 -12.54
N ARG D 411 43.90 6.52 -13.58
CA ARG D 411 42.54 6.13 -13.96
C ARG D 411 41.90 5.24 -12.90
N TYR D 412 42.64 4.23 -12.43
CA TYR D 412 42.16 3.36 -11.34
C TYR D 412 41.71 4.19 -10.14
N PHE D 413 42.49 5.20 -9.78
CA PHE D 413 42.13 6.09 -8.66
C PHE D 413 40.89 6.93 -8.93
N VAL D 414 40.88 7.66 -10.04
CA VAL D 414 39.80 8.59 -10.38
C VAL D 414 38.49 7.82 -10.55
N ASN D 415 38.55 6.72 -11.30
CA ASN D 415 37.36 5.92 -11.61
C ASN D 415 36.79 5.20 -10.37
N THR D 416 37.65 4.81 -9.43
CA THR D 416 37.24 4.09 -8.21
C THR D 416 36.83 5.00 -7.06
N ILE D 417 37.59 6.08 -6.82
CA ILE D 417 37.38 6.94 -5.65
C ILE D 417 36.49 8.14 -5.95
N LEU D 418 36.84 8.91 -6.99
CA LEU D 418 36.14 10.16 -7.32
C LEU D 418 34.74 9.91 -7.89
N PHE D 419 34.65 8.94 -8.80
CA PHE D 419 33.39 8.58 -9.46
C PHE D 419 32.84 7.26 -8.90
N GLY D 420 31.52 7.16 -8.79
CA GLY D 420 30.80 6.02 -8.18
C GLY D 420 31.58 4.76 -7.84
N PRO E 16 20.61 -0.27 22.21
CA PRO E 16 21.62 -0.55 23.22
C PRO E 16 21.21 0.14 24.54
N PHE E 17 19.99 -0.17 24.93
CA PHE E 17 19.36 0.45 26.11
C PHE E 17 20.15 0.17 27.40
N SER E 18 20.27 1.19 28.24
CA SER E 18 20.89 1.07 29.56
C SER E 18 19.94 0.35 30.52
N LYS E 19 20.46 0.05 31.71
CA LYS E 19 19.66 -0.55 32.78
C LYS E 19 18.44 0.32 33.11
N LYS E 20 18.62 1.63 33.11
CA LYS E 20 17.53 2.57 33.41
C LYS E 20 16.52 2.73 32.29
N GLN E 21 17.01 2.71 31.05
CA GLN E 21 16.12 2.75 29.88
C GLN E 21 15.20 1.52 29.83
N LEU E 22 15.76 0.36 30.13
CA LEU E 22 14.98 -0.89 30.20
C LEU E 22 13.87 -0.86 31.24
N LYS E 23 14.13 -0.19 32.37
CA LYS E 23 13.12 0.01 33.41
C LYS E 23 11.87 0.77 32.88
N VAL E 24 12.10 1.73 31.97
CA VAL E 24 11.00 2.50 31.35
C VAL E 24 10.20 1.62 30.37
N LEU E 25 10.90 0.75 29.67
CA LEU E 25 10.28 -0.21 28.75
C LEU E 25 9.45 -1.30 29.44
N THR E 26 9.81 -1.64 30.69
CA THR E 26 9.21 -2.79 31.39
C THR E 26 8.41 -2.52 32.66
N TRP E 27 8.49 -1.31 33.23
CA TRP E 27 7.79 -1.02 34.50
C TRP E 27 6.29 -1.40 34.50
N TRP E 28 5.63 -1.19 33.36
CA TRP E 28 4.18 -1.43 33.20
C TRP E 28 3.78 -2.91 33.06
N ARG E 29 4.68 -3.73 32.52
CA ARG E 29 4.41 -5.17 32.32
C ARG E 29 4.06 -5.83 33.65
N LYS E 30 3.09 -6.76 33.62
CA LYS E 30 2.55 -7.38 34.85
C LYS E 30 3.62 -8.07 35.70
N ALA E 31 4.63 -8.64 35.02
CA ALA E 31 5.82 -9.24 35.65
C ALA E 31 6.63 -8.29 36.54
N SER E 32 6.55 -6.99 36.29
CA SER E 32 7.26 -5.98 37.10
C SER E 32 6.69 -5.88 38.51
N PRO E 33 7.58 -5.69 39.52
CA PRO E 33 7.16 -5.33 40.88
C PRO E 33 6.39 -4.01 40.98
N VAL E 34 6.74 -3.03 40.15
CA VAL E 34 6.17 -1.68 40.22
C VAL E 34 5.02 -1.42 39.21
N SER E 35 4.46 -2.49 38.64
CA SER E 35 3.35 -2.36 37.67
C SER E 35 2.03 -1.85 38.26
N ASP E 36 1.88 -1.95 39.59
CA ASP E 36 0.70 -1.39 40.26
C ASP E 36 0.61 0.14 40.20
N LYS E 37 1.75 0.82 40.00
CA LYS E 37 1.80 2.28 39.97
C LYS E 37 0.95 2.89 38.84
N ASP E 38 0.31 4.02 39.13
CA ASP E 38 -0.61 4.69 38.19
C ASP E 38 0.08 5.47 37.06
N GLY E 39 1.41 5.50 37.04
CA GLY E 39 2.13 6.20 36.00
C GLY E 39 3.61 6.34 36.30
N ILE E 40 4.29 7.10 35.44
CA ILE E 40 5.74 7.25 35.52
C ILE E 40 6.15 8.69 35.21
N ILE E 41 7.20 9.17 35.88
CA ILE E 41 7.82 10.46 35.62
C ILE E 41 9.29 10.24 35.29
N CYS E 42 9.71 10.64 34.10
CA CYS E 42 11.14 10.64 33.75
C CYS E 42 11.65 12.06 33.60
N ASP E 43 12.26 12.58 34.67
CA ASP E 43 12.98 13.85 34.62
C ASP E 43 14.48 13.58 34.47
N GLY E 44 15.25 14.65 34.26
CA GLY E 44 16.71 14.53 34.13
C GLY E 44 17.34 15.37 33.04
N SER E 45 18.55 14.97 32.67
CA SER E 45 19.36 15.73 31.72
C SER E 45 18.84 15.60 30.30
N ILE E 46 19.33 16.48 29.42
CA ILE E 46 19.11 16.37 27.99
C ILE E 46 19.95 15.24 27.41
N ARG E 47 19.50 14.69 26.28
CA ARG E 47 20.16 13.59 25.58
C ARG E 47 20.49 12.38 26.45
N ALA E 48 19.56 12.06 27.36
CA ALA E 48 19.67 10.87 28.18
C ALA E 48 18.98 9.67 27.52
N GLY E 49 18.39 9.87 26.33
CA GLY E 49 17.70 8.80 25.64
C GLY E 49 16.40 8.40 26.30
N LYS E 50 15.76 9.37 26.96
CA LYS E 50 14.56 9.12 27.74
C LYS E 50 13.28 9.43 26.99
N THR E 51 13.29 10.45 26.13
CA THR E 51 12.13 10.79 25.31
C THR E 51 11.77 9.65 24.37
N ILE E 52 12.78 9.02 23.75
CA ILE E 52 12.50 8.01 22.74
C ILE E 52 12.05 6.67 23.31
N VAL E 53 12.69 6.20 24.37
CA VAL E 53 12.31 4.92 25.01
C VAL E 53 10.98 5.03 25.72
N MET E 54 10.70 6.19 26.31
CA MET E 54 9.44 6.40 27.01
C MET E 54 8.27 6.58 26.06
N SER E 55 8.51 7.20 24.91
CA SER E 55 7.52 7.27 23.83
C SER E 55 7.18 5.87 23.30
N PHE E 56 8.22 5.09 23.03
CA PHE E 56 8.08 3.72 22.52
C PHE E 56 7.39 2.79 23.53
N SER E 57 7.77 2.90 24.80
CA SER E 57 7.12 2.12 25.86
C SER E 57 5.65 2.45 26.04
N TYR E 58 5.28 3.72 25.87
CA TYR E 58 3.88 4.17 25.96
C TYR E 58 3.02 3.50 24.91
N VAL E 59 3.50 3.46 23.67
CA VAL E 59 2.78 2.80 22.57
C VAL E 59 2.72 1.30 22.83
N MET E 60 3.85 0.69 23.18
CA MET E 60 3.91 -0.74 23.52
C MET E 60 2.86 -1.06 24.57
N TRP E 61 2.94 -0.36 25.70
CA TRP E 61 2.00 -0.53 26.81
C TRP E 61 0.57 -0.43 26.31
N ALA E 62 0.26 0.68 25.65
CA ALA E 62 -1.08 0.98 25.13
C ALA E 62 -1.62 -0.10 24.21
N MET E 63 -0.79 -0.55 23.26
CA MET E 63 -1.15 -1.61 22.32
C MET E 63 -1.44 -2.92 23.05
N ASP E 64 -0.53 -3.31 23.93
CA ASP E 64 -0.67 -4.54 24.74
C ASP E 64 -1.90 -4.52 25.67
N THR E 65 -2.11 -3.42 26.36
CA THR E 65 -3.09 -3.36 27.45
C THR E 65 -4.52 -3.09 26.99
N PHE E 66 -4.71 -2.39 25.89
CA PHE E 66 -6.05 -2.04 25.41
C PHE E 66 -6.29 -2.42 23.96
N ASN E 67 -7.56 -2.30 23.54
CA ASN E 67 -7.95 -2.45 22.14
C ASN E 67 -9.06 -1.46 21.80
N GLU E 68 -8.97 -0.86 20.61
CA GLU E 68 -9.92 0.14 20.13
C GLU E 68 -10.16 1.26 21.15
N GLN E 69 -9.07 1.77 21.71
CA GLN E 69 -9.09 2.78 22.78
C GLN E 69 -8.25 4.00 22.42
N ASN E 70 -8.60 5.14 23.00
CA ASN E 70 -7.96 6.43 22.71
C ASN E 70 -6.83 6.75 23.69
N PHE E 71 -5.77 7.36 23.15
CA PHE E 71 -4.62 7.80 23.94
C PHE E 71 -4.19 9.19 23.53
N GLY E 72 -3.60 9.92 24.47
CA GLY E 72 -3.15 11.29 24.25
C GLY E 72 -1.64 11.41 24.34
N MET E 73 -1.07 12.14 23.40
CA MET E 73 0.35 12.51 23.42
C MET E 73 0.41 14.04 23.31
N ALA E 74 1.26 14.66 24.13
CA ALA E 74 1.33 16.13 24.21
C ALA E 74 2.75 16.65 24.23
N GLY E 75 2.92 17.86 23.69
CA GLY E 75 4.16 18.62 23.74
C GLY E 75 3.85 20.09 24.05
N LYS E 76 4.89 20.93 24.09
CA LYS E 76 4.72 22.39 24.21
C LYS E 76 3.84 22.91 23.06
N THR E 77 4.08 22.37 21.86
CA THR E 77 3.23 22.57 20.68
C THR E 77 3.15 21.26 19.89
N ILE E 78 2.14 21.11 19.04
CA ILE E 78 1.98 19.88 18.24
C ILE E 78 3.16 19.67 17.29
N GLY E 79 3.74 20.75 16.79
CA GLY E 79 4.92 20.68 15.92
C GLY E 79 6.13 20.17 16.67
N ALA E 80 6.39 20.77 17.84
CA ALA E 80 7.48 20.36 18.73
C ALA E 80 7.38 18.87 19.08
N LEU E 81 6.17 18.45 19.44
CA LEU E 81 5.86 17.05 19.74
C LEU E 81 6.21 16.12 18.59
N ARG E 82 5.89 16.54 17.36
CA ARG E 82 6.18 15.73 16.17
C ARG E 82 7.68 15.60 15.91
N ARG E 83 8.40 16.72 15.96
CA ARG E 83 9.83 16.75 15.67
C ARG E 83 10.67 16.03 16.74
N ASN E 84 10.31 16.23 18.01
CA ASN E 84 10.98 15.55 19.13
C ASN E 84 10.62 14.08 19.22
N VAL E 85 9.32 13.79 19.24
CA VAL E 85 8.81 12.47 19.64
C VAL E 85 8.28 11.61 18.48
N ILE E 86 7.28 12.10 17.75
CA ILE E 86 6.51 11.25 16.81
C ILE E 86 7.38 10.72 15.66
N THR E 87 8.13 11.60 15.01
CA THR E 87 8.84 11.24 13.76
C THR E 87 9.88 10.12 13.92
N PRO E 88 10.71 10.15 14.99
CA PRO E 88 11.55 8.97 15.26
C PRO E 88 10.79 7.80 15.90
N LEU E 89 9.75 8.08 16.67
CA LEU E 89 8.86 7.04 17.22
C LEU E 89 8.23 6.20 16.10
N LYS E 90 7.76 6.86 15.05
CA LYS E 90 7.15 6.18 13.89
C LYS E 90 8.14 5.28 13.15
N ARG E 91 9.39 5.73 13.02
CA ARG E 91 10.42 4.90 12.39
C ARG E 91 10.77 3.72 13.31
N MET E 92 10.85 3.98 14.61
CA MET E 92 11.12 2.95 15.61
C MET E 92 10.00 1.91 15.67
N LEU E 93 8.75 2.37 15.64
CA LEU E 93 7.57 1.48 15.65
C LEU E 93 7.51 0.59 14.40
N LYS E 94 7.72 1.20 13.22
CA LYS E 94 7.74 0.47 11.96
C LYS E 94 8.82 -0.62 11.91
N SER E 95 9.99 -0.34 12.50
CA SER E 95 11.07 -1.30 12.61
C SER E 95 10.61 -2.57 13.35
N ARG E 96 10.06 -2.39 14.55
CA ARG E 96 9.59 -3.52 15.38
C ARG E 96 8.30 -4.20 14.87
N GLY E 97 7.72 -3.70 13.77
CA GLY E 97 6.60 -4.35 13.09
C GLY E 97 5.22 -3.83 13.48
N TYR E 98 5.13 -2.56 13.88
CA TYR E 98 3.86 -1.90 14.14
C TYR E 98 3.46 -1.16 12.87
N ARG E 99 2.23 -1.36 12.42
CA ARG E 99 1.68 -0.60 11.28
C ARG E 99 1.12 0.71 11.79
N VAL E 100 1.66 1.83 11.28
CA VAL E 100 1.27 3.18 11.71
C VAL E 100 0.64 3.93 10.52
N LYS E 101 -0.36 4.75 10.82
CA LYS E 101 -1.01 5.59 9.80
C LYS E 101 -1.29 6.97 10.37
N ASP E 102 -0.41 7.93 10.05
CA ASP E 102 -0.52 9.30 10.54
C ASP E 102 -1.64 10.02 9.79
N HIS E 103 -2.62 10.57 10.53
CA HIS E 103 -3.66 11.42 9.93
C HIS E 103 -3.31 12.88 10.21
N ARG E 104 -2.47 13.45 9.35
CA ARG E 104 -1.78 14.72 9.62
C ARG E 104 -2.70 15.85 10.07
N ALA E 105 -3.66 16.20 9.22
CA ALA E 105 -4.55 17.33 9.46
C ALA E 105 -5.43 17.14 10.68
N ASP E 106 -5.79 15.89 10.98
CA ASP E 106 -6.63 15.56 12.14
C ASP E 106 -5.85 15.48 13.46
N ASN E 107 -4.52 15.39 13.37
CA ASN E 107 -3.61 15.34 14.53
C ASN E 107 -3.89 14.13 15.43
N TYR E 108 -3.89 12.96 14.82
CA TYR E 108 -3.92 11.70 15.55
C TYR E 108 -3.39 10.61 14.64
N LEU E 109 -3.00 9.48 15.24
CA LEU E 109 -2.43 8.33 14.56
C LEU E 109 -3.26 7.10 14.89
N THR E 110 -3.26 6.13 13.99
CA THR E 110 -3.79 4.78 14.30
C THR E 110 -2.66 3.78 14.17
N ILE E 111 -2.27 3.22 15.31
CA ILE E 111 -1.24 2.18 15.37
C ILE E 111 -1.97 0.86 15.56
N THR E 112 -1.54 -0.14 14.79
CA THR E 112 -2.10 -1.49 14.87
C THR E 112 -0.95 -2.48 15.09
N PHE E 113 -1.22 -3.55 15.84
CA PHE E 113 -0.19 -4.56 16.17
C PHE E 113 -0.78 -5.90 16.63
N LYS E 114 -0.47 -6.96 15.89
CA LYS E 114 -0.94 -8.32 16.20
C LYS E 114 -2.43 -8.35 16.50
N GLY E 115 -3.22 -7.93 15.51
CA GLY E 115 -4.68 -7.92 15.62
C GLY E 115 -5.30 -6.75 16.38
N LYS E 116 -4.51 -6.02 17.17
CA LYS E 116 -5.01 -4.96 18.02
C LYS E 116 -4.82 -3.60 17.36
N THR E 117 -5.67 -2.64 17.70
CA THR E 117 -5.64 -1.29 17.08
C THR E 117 -6.04 -0.22 18.12
N ASN E 118 -5.24 0.85 18.21
CA ASN E 118 -5.50 1.96 19.12
C ASN E 118 -5.26 3.32 18.46
N TYR E 119 -5.79 4.35 19.12
CA TYR E 119 -5.89 5.71 18.58
C TYR E 119 -5.09 6.67 19.47
N PHE E 120 -4.15 7.39 18.85
CA PHE E 120 -3.18 8.23 19.55
C PHE E 120 -3.32 9.66 19.05
N TYR E 121 -3.90 10.52 19.88
CA TYR E 121 -4.17 11.90 19.50
C TYR E 121 -3.04 12.82 19.97
N LEU E 122 -2.65 13.75 19.10
CA LEU E 122 -1.58 14.70 19.38
C LEU E 122 -2.15 16.01 19.87
N PHE E 123 -1.64 16.50 21.00
CA PHE E 123 -2.05 17.77 21.59
C PHE E 123 -0.89 18.72 21.73
N GLY E 124 -1.20 19.98 21.99
CA GLY E 124 -0.22 21.02 22.29
C GLY E 124 -0.61 21.71 23.59
N GLY E 125 0.40 22.16 24.34
CA GLY E 125 0.19 22.87 25.61
C GLY E 125 -0.77 24.05 25.51
N LYS E 126 -0.35 25.11 24.84
CA LYS E 126 -1.19 26.31 24.64
C LYS E 126 -2.13 26.24 23.41
N ASP E 127 -2.02 25.20 22.57
CA ASP E 127 -2.74 25.15 21.27
C ASP E 127 -4.27 25.39 21.41
N GLU E 128 -4.82 26.14 20.46
CA GLU E 128 -6.23 26.56 20.50
C GLU E 128 -7.16 25.41 20.15
N SER E 129 -6.85 24.71 19.06
CA SER E 129 -7.62 23.53 18.63
C SER E 129 -7.54 22.33 19.58
N SER E 130 -6.40 22.19 20.27
CA SER E 130 -6.20 21.15 21.28
C SER E 130 -7.14 21.34 22.45
N GLN E 131 -7.22 22.57 22.98
CA GLN E 131 -8.05 22.86 24.16
C GLN E 131 -9.56 22.69 23.96
N ASP E 132 -10.03 22.64 22.70
CA ASP E 132 -11.43 22.27 22.40
C ASP E 132 -11.66 20.75 22.39
N LEU E 133 -10.64 20.00 21.96
CA LEU E 133 -10.73 18.52 21.90
C LEU E 133 -10.57 17.87 23.28
N ILE E 134 -9.59 18.36 24.06
CA ILE E 134 -9.33 17.82 25.41
C ILE E 134 -10.47 18.10 26.42
N GLN E 135 -11.38 19.02 26.10
CA GLN E 135 -12.58 19.19 26.93
C GLN E 135 -13.52 17.97 26.89
N GLY E 136 -13.55 17.26 25.76
CA GLY E 136 -14.54 16.20 25.49
C GLY E 136 -14.06 14.77 25.28
N ILE E 137 -12.83 14.55 24.83
CA ILE E 137 -12.34 13.20 24.51
C ILE E 137 -12.17 12.33 25.76
N THR E 138 -12.30 11.01 25.58
CA THR E 138 -12.08 10.02 26.66
C THR E 138 -10.81 9.23 26.35
N LEU E 139 -9.94 9.07 27.34
CA LEU E 139 -8.60 8.52 27.13
C LEU E 139 -8.24 7.37 28.07
N ALA E 140 -7.58 6.35 27.52
CA ALA E 140 -7.03 5.23 28.31
C ALA E 140 -5.62 5.54 28.79
N GLY E 141 -5.06 6.67 28.36
CA GLY E 141 -3.77 7.11 28.86
C GLY E 141 -3.39 8.46 28.29
N MET E 142 -2.32 9.03 28.83
CA MET E 142 -1.85 10.35 28.43
C MET E 142 -0.33 10.37 28.54
N PHE E 143 0.30 11.07 27.61
CA PHE E 143 1.76 11.18 27.58
C PHE E 143 2.13 12.64 27.42
N PHE E 144 3.00 13.12 28.29
CA PHE E 144 3.52 14.47 28.17
C PHE E 144 5.02 14.49 27.96
N ASP E 145 5.46 15.21 26.93
CA ASP E 145 6.88 15.46 26.65
C ASP E 145 7.16 16.94 26.88
N GLU E 146 8.20 17.23 27.66
CA GLU E 146 8.50 18.61 28.12
C GLU E 146 7.35 19.17 28.97
N VAL E 147 6.79 18.34 29.84
CA VAL E 147 5.68 18.77 30.72
C VAL E 147 6.06 19.98 31.58
N ALA E 148 7.34 20.11 31.90
CA ALA E 148 7.91 21.29 32.53
C ALA E 148 7.53 22.60 31.82
N LEU E 149 7.48 22.58 30.50
CA LEU E 149 7.10 23.75 29.72
C LEU E 149 5.59 23.97 29.60
N MET E 150 4.80 22.91 29.71
CA MET E 150 3.36 23.01 29.49
C MET E 150 2.68 23.77 30.63
N PRO E 151 1.56 24.46 30.33
CA PRO E 151 0.82 25.12 31.41
C PRO E 151 0.10 24.10 32.29
N GLU E 152 0.19 24.31 33.60
CA GLU E 152 -0.37 23.39 34.60
C GLU E 152 -1.86 23.05 34.32
N SER E 153 -2.65 24.07 34.03
CA SER E 153 -4.09 23.94 33.81
C SER E 153 -4.44 22.94 32.69
N PHE E 154 -3.68 23.00 31.60
CA PHE E 154 -3.85 22.02 30.52
C PHE E 154 -3.49 20.59 30.96
N VAL E 155 -2.42 20.45 31.74
CA VAL E 155 -1.96 19.13 32.20
C VAL E 155 -3.00 18.47 33.14
N ASN E 156 -3.59 19.26 34.03
CA ASN E 156 -4.65 18.77 34.91
C ASN E 156 -5.94 18.43 34.15
N GLN E 157 -6.31 19.28 33.19
CA GLN E 157 -7.48 19.02 32.31
C GLN E 157 -7.31 17.77 31.43
N ALA E 158 -6.08 17.47 31.02
CA ALA E 158 -5.75 16.29 30.22
C ALA E 158 -5.81 15.00 31.03
N THR E 159 -5.30 15.04 32.27
CA THR E 159 -5.39 13.90 33.18
C THR E 159 -6.84 13.59 33.57
N ALA E 160 -7.67 14.64 33.69
CA ALA E 160 -9.11 14.49 33.94
C ALA E 160 -9.86 13.73 32.84
N ARG E 161 -9.34 13.76 31.61
CA ARG E 161 -9.91 12.98 30.50
C ARG E 161 -9.50 11.50 30.50
N CYS E 162 -8.58 11.10 31.37
CA CYS E 162 -8.17 9.69 31.49
C CYS E 162 -9.12 8.90 32.41
N SER E 163 -10.36 8.73 31.94
CA SER E 163 -11.46 8.13 32.73
C SER E 163 -11.58 6.60 32.60
N VAL E 164 -10.98 6.03 31.56
CA VAL E 164 -11.02 4.58 31.32
C VAL E 164 -10.32 3.85 32.47
N ASP E 165 -10.83 2.67 32.79
CA ASP E 165 -10.26 1.84 33.85
C ASP E 165 -8.88 1.30 33.40
N GLY E 166 -7.90 1.40 34.30
CA GLY E 166 -6.52 0.97 34.02
C GLY E 166 -5.64 2.02 33.35
N ALA E 167 -6.06 3.29 33.38
CA ALA E 167 -5.32 4.37 32.73
C ALA E 167 -4.03 4.71 33.47
N LYS E 168 -3.03 5.13 32.71
CA LYS E 168 -1.71 5.44 33.25
C LYS E 168 -1.22 6.78 32.70
N LEU E 169 -0.59 7.58 33.55
CA LEU E 169 -0.10 8.90 33.17
C LEU E 169 1.42 8.86 33.03
N TRP E 170 1.92 9.34 31.90
CA TRP E 170 3.35 9.30 31.60
C TRP E 170 3.87 10.74 31.43
N PHE E 171 4.87 11.11 32.23
CA PHE E 171 5.43 12.45 32.22
C PHE E 171 6.92 12.39 31.89
N ASN E 172 7.35 13.23 30.93
CA ASN E 172 8.75 13.35 30.55
C ASN E 172 9.14 14.82 30.57
N CYS E 173 10.23 15.15 31.24
CA CYS E 173 10.70 16.55 31.29
C CYS E 173 12.18 16.74 31.64
N ASN E 174 12.64 17.98 31.47
CA ASN E 174 13.94 18.44 31.92
C ASN E 174 13.73 19.48 33.03
N PRO E 175 14.72 19.64 33.93
CA PRO E 175 14.45 20.41 35.15
C PRO E 175 14.30 21.92 34.96
N ALA E 176 13.43 22.51 35.76
CA ALA E 176 13.31 23.97 35.95
C ALA E 176 13.68 24.29 37.41
N GLY E 177 13.06 25.32 38.01
CA GLY E 177 13.31 25.66 39.42
C GLY E 177 12.60 24.70 40.36
N PRO E 178 13.13 24.51 41.59
CA PRO E 178 12.51 23.61 42.54
C PRO E 178 11.15 24.06 43.11
N TYR E 179 10.79 25.34 42.91
CA TYR E 179 9.44 25.82 43.20
C TYR E 179 8.47 25.69 42.02
N HIS E 180 8.92 25.13 40.91
CA HIS E 180 8.11 25.04 39.68
C HIS E 180 6.95 24.02 39.93
N TRP E 181 5.75 24.36 39.43
CA TRP E 181 4.56 23.58 39.75
C TRP E 181 4.73 22.06 39.61
N PHE E 182 5.40 21.62 38.54
CA PHE E 182 5.59 20.18 38.30
C PHE E 182 6.49 19.52 39.36
N LYS E 183 7.51 20.24 39.84
CA LYS E 183 8.31 19.73 40.97
C LYS E 183 7.47 19.66 42.23
N VAL E 184 6.83 20.78 42.56
CA VAL E 184 6.02 20.91 43.78
C VAL E 184 4.83 19.93 43.85
N GLU E 185 4.10 19.80 42.74
CA GLU E 185 2.82 19.07 42.72
C GLU E 185 2.89 17.61 42.27
N TYR E 186 3.92 17.23 41.51
CA TYR E 186 4.04 15.85 41.01
C TYR E 186 5.25 15.10 41.56
N LEU E 187 6.45 15.69 41.44
CA LEU E 187 7.69 15.02 41.91
C LEU E 187 7.83 14.97 43.44
N ASP E 188 7.44 16.03 44.12
CA ASP E 188 7.44 16.07 45.58
C ASP E 188 6.27 15.28 46.16
N LYS E 189 5.11 15.34 45.51
CA LYS E 189 3.92 14.56 45.89
C LYS E 189 3.85 13.24 45.11
N LEU E 190 4.95 12.49 45.11
CA LEU E 190 5.10 11.32 44.23
C LEU E 190 4.21 10.16 44.67
N ASP E 191 4.25 9.84 45.97
CA ASP E 191 3.42 8.77 46.54
C ASP E 191 1.94 9.15 46.59
N GLU E 192 1.66 10.44 46.78
CA GLU E 192 0.29 10.95 46.81
C GLU E 192 -0.49 10.74 45.50
N LYS E 193 0.21 10.74 44.36
CA LYS E 193 -0.38 10.41 43.05
C LYS E 193 -0.06 8.98 42.59
N ASN E 194 0.80 8.28 43.33
CA ASN E 194 1.15 6.88 43.13
C ASN E 194 1.90 6.68 41.80
N LEU E 195 3.01 7.38 41.68
CA LEU E 195 3.81 7.39 40.44
C LEU E 195 5.21 6.87 40.68
N LEU E 196 5.74 6.18 39.69
CA LEU E 196 7.16 5.83 39.64
C LEU E 196 7.92 7.08 39.23
N HIS E 197 9.20 7.15 39.59
CA HIS E 197 10.09 8.23 39.16
C HIS E 197 11.46 7.66 38.80
N LEU E 198 11.93 7.93 37.59
CA LEU E 198 13.28 7.60 37.18
C LEU E 198 13.99 8.88 36.76
N HIS E 199 15.07 9.22 37.44
CA HIS E 199 15.90 10.37 37.07
C HIS E 199 17.01 9.95 36.11
N PHE E 200 17.26 10.76 35.08
CA PHE E 200 18.12 10.40 33.96
C PHE E 200 19.33 11.34 33.80
N THR E 201 20.50 10.75 33.57
CA THR E 201 21.74 11.46 33.27
C THR E 201 22.21 10.97 31.91
N MET E 202 23.15 11.69 31.31
CA MET E 202 23.82 11.23 30.07
C MET E 202 24.58 9.90 30.24
N ASP E 203 24.91 9.53 31.48
CA ASP E 203 25.43 8.18 31.80
C ASP E 203 24.49 7.06 31.39
N ASP E 204 23.18 7.30 31.47
CA ASP E 204 22.16 6.31 31.10
C ASP E 204 21.86 6.23 29.58
N ASN E 205 22.64 6.95 28.76
CA ASN E 205 22.54 6.89 27.31
C ASN E 205 23.82 6.25 26.78
N LEU E 206 23.75 4.96 26.49
CA LEU E 206 24.93 4.18 26.08
C LEU E 206 25.45 4.54 24.68
N SER E 207 24.59 5.10 23.84
CA SER E 207 24.97 5.49 22.48
C SER E 207 25.98 6.65 22.44
N LEU E 208 25.97 7.50 23.46
CA LEU E 208 26.90 8.63 23.55
C LEU E 208 28.28 8.17 24.03
N SER E 209 29.31 8.56 23.26
CA SER E 209 30.70 8.28 23.63
C SER E 209 31.18 9.29 24.69
N LYS E 210 32.26 8.93 25.39
CA LYS E 210 32.94 9.89 26.29
C LYS E 210 33.46 11.12 25.53
N GLN E 211 33.75 10.95 24.23
CA GLN E 211 34.04 12.07 23.33
C GLN E 211 32.83 13.00 23.18
N VAL E 212 31.70 12.44 22.76
CA VAL E 212 30.46 13.21 22.52
C VAL E 212 29.88 13.81 23.81
N LYS E 213 30.03 13.09 24.94
CA LYS E 213 29.51 13.54 26.23
C LYS E 213 30.25 14.78 26.78
N GLU E 214 31.58 14.79 26.66
CA GLU E 214 32.38 15.94 27.07
C GLU E 214 32.18 17.19 26.18
N ARG E 215 31.70 16.99 24.94
CA ARG E 215 31.33 18.10 24.05
C ARG E 215 30.07 18.83 24.55
N TYR E 216 29.08 18.08 25.04
CA TYR E 216 27.84 18.64 25.62
C TYR E 216 28.04 19.31 26.97
N GLN E 217 28.98 18.79 27.78
CA GLN E 217 29.30 19.39 29.08
C GLN E 217 29.97 20.76 28.97
N ARG E 218 30.71 20.97 27.89
CA ARG E 218 31.30 22.28 27.56
C ARG E 218 30.23 23.33 27.22
N MET E 219 29.12 22.90 26.61
CA MET E 219 28.06 23.83 26.16
C MET E 219 27.37 24.65 27.26
N TYR E 220 27.37 24.12 28.49
CA TYR E 220 26.64 24.75 29.61
C TYR E 220 27.55 25.01 30.81
N LYS E 221 27.29 26.12 31.49
CA LYS E 221 27.88 26.43 32.79
C LYS E 221 26.81 27.05 33.70
N GLY E 222 27.03 26.94 35.01
CA GLY E 222 26.15 27.52 36.00
C GLY E 222 24.83 26.83 36.14
N VAL E 223 23.76 27.61 36.30
CA VAL E 223 22.41 27.06 36.49
C VAL E 223 22.01 26.10 35.38
N PHE E 224 22.25 26.49 34.13
CA PHE E 224 21.84 25.68 32.97
C PHE E 224 22.64 24.37 32.89
N TYR E 225 23.88 24.39 33.38
CA TYR E 225 24.69 23.17 33.49
C TYR E 225 24.08 22.23 34.53
N GLN E 226 23.78 22.77 35.71
CA GLN E 226 23.18 22.00 36.79
C GLN E 226 21.83 21.41 36.40
N ARG E 227 21.05 22.15 35.62
CA ARG E 227 19.73 21.67 35.16
C ARG E 227 19.83 20.63 34.04
N TYR E 228 20.47 20.99 32.94
CA TYR E 228 20.43 20.17 31.73
C TYR E 228 21.51 19.08 31.63
N ILE E 229 22.50 19.11 32.53
CA ILE E 229 23.55 18.07 32.55
C ILE E 229 23.49 17.22 33.81
N LEU E 230 23.45 17.86 34.96
CA LEU E 230 23.35 17.15 36.24
C LEU E 230 21.92 16.69 36.52
N GLY E 231 20.95 17.28 35.82
CA GLY E 231 19.55 16.89 35.95
C GLY E 231 18.85 17.44 37.16
N LEU E 232 19.40 18.49 37.75
CA LEU E 232 18.99 18.95 39.08
C LEU E 232 17.96 20.08 38.97
N TRP E 233 16.91 20.02 39.77
CA TRP E 233 15.94 21.13 39.86
C TRP E 233 16.50 22.25 40.76
N VAL E 234 17.47 23.00 40.22
CA VAL E 234 18.17 24.04 40.99
C VAL E 234 17.57 25.42 40.67
N LEU E 235 17.60 26.27 41.70
CA LEU E 235 16.98 27.58 41.65
C LEU E 235 17.79 28.54 40.79
N ALA E 236 17.10 29.31 39.94
CA ALA E 236 17.74 30.37 39.19
C ALA E 236 17.98 31.58 40.10
N GLU E 237 19.24 31.95 40.30
CA GLU E 237 19.64 32.91 41.33
C GLU E 237 20.86 33.72 40.92
N GLY E 238 20.78 35.03 41.13
CA GLY E 238 21.92 35.94 40.97
C GLY E 238 22.13 36.37 39.52
N ILE E 239 23.41 36.47 39.15
CA ILE E 239 23.79 36.91 37.80
C ILE E 239 23.38 35.85 36.81
N ILE E 240 22.74 36.29 35.71
CA ILE E 240 22.21 35.38 34.70
C ILE E 240 23.35 34.80 33.85
N TYR E 241 24.12 35.69 33.20
CA TYR E 241 25.24 35.27 32.36
C TYR E 241 26.55 35.24 33.18
N ASP E 242 26.58 34.35 34.17
CA ASP E 242 27.79 34.19 35.00
C ASP E 242 29.02 33.68 34.22
N MET E 243 28.79 33.07 33.06
CA MET E 243 29.86 32.58 32.18
C MET E 243 30.54 33.65 31.31
N PHE E 244 30.00 34.87 31.27
CA PHE E 244 30.65 35.96 30.53
C PHE E 244 31.98 36.32 31.18
N ASP E 245 32.99 36.56 30.36
CA ASP E 245 34.39 36.59 30.79
C ASP E 245 35.20 37.50 29.85
N GLN E 246 35.61 38.66 30.35
CA GLN E 246 36.28 39.67 29.53
C GLN E 246 37.68 39.25 29.03
N ASP E 247 38.25 38.25 29.67
CA ASP E 247 39.41 37.54 29.10
C ASP E 247 39.03 36.86 27.81
N GLU E 248 37.95 36.08 27.87
CA GLU E 248 37.59 35.16 26.80
C GLU E 248 36.78 35.80 25.68
N HIS E 249 35.79 36.61 26.02
CA HIS E 249 34.75 37.03 25.06
C HIS E 249 34.95 38.41 24.42
N VAL E 250 35.89 39.20 24.93
CA VAL E 250 36.18 40.52 24.36
C VAL E 250 37.42 40.46 23.48
N VAL E 251 37.34 41.15 22.34
CA VAL E 251 38.40 41.18 21.33
C VAL E 251 38.67 42.62 20.87
N PRO E 252 39.86 42.88 20.28
CA PRO E 252 40.18 44.27 19.90
C PRO E 252 39.29 44.78 18.78
N THR E 253 39.04 46.09 18.79
CA THR E 253 38.15 46.71 17.81
C THR E 253 38.96 47.08 16.57
N VAL E 254 39.25 46.08 15.75
CA VAL E 254 40.02 46.22 14.51
C VAL E 254 39.24 45.63 13.33
N PRO E 255 39.25 46.31 12.17
CA PRO E 255 38.55 45.82 10.97
C PRO E 255 38.82 44.35 10.63
N ARG E 256 37.77 43.60 10.32
CA ARG E 256 37.85 42.21 9.86
C ARG E 256 37.03 42.06 8.57
N PRO E 257 37.38 41.09 7.71
CA PRO E 257 36.65 40.88 6.46
C PRO E 257 35.38 40.06 6.67
N TYR E 258 34.32 40.74 7.12
CA TYR E 258 33.08 40.09 7.50
C TYR E 258 32.29 39.62 6.26
N GLU E 259 31.71 38.42 6.36
CA GLU E 259 30.96 37.78 5.26
C GLU E 259 29.55 38.33 5.13
N LYS E 260 28.80 38.23 6.23
CA LYS E 260 27.41 38.71 6.32
C LYS E 260 27.32 39.76 7.42
N TYR E 261 26.17 40.42 7.50
CA TYR E 261 25.87 41.33 8.60
C TYR E 261 24.41 41.25 9.00
N TYR E 262 24.15 41.48 10.28
CA TYR E 262 22.82 41.91 10.73
C TYR E 262 22.94 43.12 11.67
N VAL E 263 21.80 43.76 11.89
CA VAL E 263 21.62 44.70 12.99
C VAL E 263 20.51 44.11 13.86
N SER E 264 20.71 44.14 15.16
CA SER E 264 19.71 43.72 16.15
C SER E 264 19.30 44.94 16.94
N CYS E 265 18.03 45.04 17.34
CA CYS E 265 17.49 46.27 17.91
C CYS E 265 16.44 46.09 19.01
N ASP E 266 16.77 46.55 20.21
CA ASP E 266 15.77 46.78 21.27
C ASP E 266 15.25 48.19 21.05
N TYR E 267 13.97 48.34 20.72
CA TYR E 267 13.38 49.67 20.52
C TYR E 267 12.97 50.27 21.86
N GLY E 268 13.06 51.60 21.97
CA GLY E 268 12.60 52.31 23.17
C GLY E 268 12.64 53.82 23.04
N THR E 269 11.47 54.46 23.10
CA THR E 269 11.37 55.92 23.02
C THR E 269 11.62 56.52 24.42
N GLN E 270 10.79 56.10 25.36
CA GLN E 270 10.93 56.42 26.79
C GLN E 270 12.21 55.82 27.42
N ASN E 271 12.53 54.60 27.01
CA ASN E 271 13.69 53.85 27.51
C ASN E 271 14.88 54.00 26.54
N PRO E 272 15.99 53.29 26.80
CA PRO E 272 17.04 53.20 25.79
C PRO E 272 16.63 52.47 24.53
N THR E 273 17.07 52.97 23.38
CA THR E 273 17.07 52.22 22.13
C THR E 273 18.51 51.79 21.86
N THR E 274 18.69 50.55 21.41
CA THR E 274 20.01 50.04 21.04
C THR E 274 19.96 49.39 19.67
N PHE E 275 21.04 49.58 18.91
CA PHE E 275 21.33 48.79 17.71
C PHE E 275 22.56 47.98 18.03
N GLY E 276 22.89 47.02 17.18
CA GLY E 276 24.12 46.26 17.30
C GLY E 276 24.51 45.62 15.99
N LEU E 277 25.65 46.00 15.43
CA LEU E 277 26.11 45.47 14.16
C LEU E 277 26.79 44.13 14.41
N TRP E 278 26.13 43.05 14.01
CA TRP E 278 26.72 41.73 14.08
C TRP E 278 27.35 41.43 12.72
N GLY E 279 28.48 40.70 12.72
CA GLY E 279 29.21 40.37 11.49
C GLY E 279 29.95 39.06 11.56
N LEU E 280 29.77 38.21 10.55
CA LEU E 280 30.35 36.87 10.55
C LEU E 280 31.78 36.87 10.04
N TYR E 281 32.64 36.09 10.69
CA TYR E 281 34.02 35.94 10.26
C TYR E 281 34.63 34.64 10.81
N ASN E 282 34.74 33.64 9.95
CA ASN E 282 35.28 32.31 10.27
C ASN E 282 34.48 31.61 11.38
N GLY E 283 33.18 31.50 11.16
CA GLY E 283 32.28 30.79 12.05
C GLY E 283 31.88 31.49 13.34
N VAL E 284 32.34 32.73 13.52
CA VAL E 284 32.07 33.47 14.75
C VAL E 284 31.42 34.77 14.37
N TRP E 285 30.31 35.10 15.05
CA TRP E 285 29.66 36.39 14.89
C TRP E 285 30.24 37.39 15.90
N TYR E 286 30.64 38.56 15.41
CA TYR E 286 31.23 39.62 16.22
C TYR E 286 30.26 40.77 16.33
N LYS E 287 29.90 41.17 17.55
CA LYS E 287 29.21 42.44 17.77
C LYS E 287 30.24 43.56 17.52
N VAL E 288 30.21 44.10 16.30
CA VAL E 288 31.28 44.95 15.78
C VAL E 288 31.25 46.32 16.44
N LYS E 289 30.04 46.84 16.67
CA LYS E 289 29.86 48.06 17.45
C LYS E 289 28.46 48.12 18.05
N GLU E 290 28.23 49.10 18.91
CA GLU E 290 26.94 49.29 19.56
C GLU E 290 26.45 50.72 19.42
N TYR E 291 25.13 50.85 19.32
CA TYR E 291 24.42 52.12 19.44
C TYR E 291 23.68 52.03 20.76
N HIS E 292 23.54 53.17 21.44
CA HIS E 292 22.88 53.21 22.75
C HIS E 292 22.42 54.65 23.00
N TYR E 293 21.12 54.89 22.81
CA TYR E 293 20.54 56.21 23.02
C TYR E 293 19.52 56.20 24.16
N ASP E 294 19.80 56.97 25.21
CA ASP E 294 18.90 57.12 26.35
C ASP E 294 18.06 58.40 26.25
N GLY E 295 16.74 58.27 26.38
CA GLY E 295 15.85 59.43 26.45
C GLY E 295 16.07 60.28 27.69
N ARG E 296 16.09 59.62 28.86
CA ARG E 296 16.21 60.30 30.17
C ARG E 296 17.54 61.02 30.35
N LYS E 297 18.64 60.32 30.08
CA LYS E 297 19.98 60.85 30.29
C LYS E 297 20.27 62.02 29.35
N GLU E 298 19.98 61.84 28.06
CA GLU E 298 20.19 62.88 27.05
C GLU E 298 19.14 64.00 27.17
N ASN E 299 18.03 63.72 27.86
CA ASN E 299 16.98 64.69 28.16
C ASN E 299 16.21 65.10 26.90
N LYS E 300 16.01 64.11 26.02
CA LYS E 300 15.48 64.33 24.68
C LYS E 300 15.12 62.95 24.10
N GLN E 301 13.83 62.69 23.91
CA GLN E 301 13.38 61.46 23.26
C GLN E 301 13.65 61.53 21.77
N LYS E 302 13.53 60.40 21.09
CA LYS E 302 13.73 60.35 19.64
C LYS E 302 12.53 59.72 18.92
N THR E 303 12.24 60.27 17.74
CA THR E 303 11.18 59.75 16.88
C THR E 303 11.69 58.55 16.08
N ASP E 304 10.75 57.83 15.49
CA ASP E 304 11.07 56.66 14.66
C ASP E 304 11.89 57.10 13.44
N GLN E 305 11.59 58.30 12.96
CA GLN E 305 12.37 58.92 11.88
C GLN E 305 13.82 59.07 12.31
N GLU E 306 14.04 59.69 13.46
CA GLU E 306 15.39 59.92 13.98
C GLU E 306 16.17 58.63 14.17
N TYR E 307 15.51 57.57 14.66
CA TYR E 307 16.14 56.26 14.77
C TYR E 307 16.41 55.62 13.41
N TYR E 308 15.50 55.80 12.44
CA TYR E 308 15.75 55.34 11.06
C TYR E 308 17.00 56.02 10.50
N GLU E 309 17.06 57.34 10.64
CA GLU E 309 18.23 58.12 10.21
C GLU E 309 19.53 57.59 10.84
N ASP E 310 19.50 57.41 12.17
CA ASP E 310 20.64 56.87 12.92
C ASP E 310 21.03 55.46 12.47
N LEU E 311 20.03 54.64 12.17
CA LEU E 311 20.26 53.28 11.69
C LEU E 311 21.03 53.26 10.37
N MET E 312 20.78 54.24 9.51
CA MET E 312 21.48 54.35 8.22
C MET E 312 22.93 54.77 8.42
N LYS E 313 23.16 55.77 9.27
CA LYS E 313 24.53 56.19 9.67
C LYS E 313 25.30 55.02 10.29
N PHE E 314 24.61 54.25 11.13
CA PHE E 314 25.17 53.07 11.78
C PHE E 314 25.68 52.00 10.79
N ILE E 315 25.06 51.89 9.62
CA ILE E 315 25.46 50.90 8.60
C ILE E 315 25.97 51.50 7.27
N GLU E 316 26.41 52.76 7.29
CA GLU E 316 27.01 53.41 6.11
C GLU E 316 28.13 52.58 5.50
N ASP E 317 29.10 52.22 6.34
CA ASP E 317 30.36 51.68 5.89
C ASP E 317 30.26 50.26 5.30
N ILE E 318 29.24 49.50 5.69
CA ILE E 318 29.09 48.11 5.22
C ILE E 318 28.50 48.03 3.81
N GLU E 319 28.85 46.96 3.10
CA GLU E 319 28.36 46.73 1.74
C GLU E 319 26.96 46.15 1.86
N LYS E 320 26.00 46.74 1.15
CA LYS E 320 24.61 46.34 1.25
C LYS E 320 24.31 44.91 0.73
N HIS E 321 25.18 44.36 -0.11
CA HIS E 321 25.00 42.98 -0.56
C HIS E 321 25.32 41.93 0.53
N LYS E 322 26.06 42.35 1.57
CA LYS E 322 26.33 41.51 2.74
C LYS E 322 25.37 41.76 3.91
N PHE E 323 24.66 42.90 3.90
CA PHE E 323 23.69 43.25 4.94
C PHE E 323 22.39 42.50 4.75
N LYS E 324 22.06 41.63 5.70
CA LYS E 324 20.92 40.70 5.59
C LYS E 324 19.66 41.10 6.37
N GLY E 325 19.62 42.31 6.95
CA GLY E 325 18.40 42.86 7.58
C GLY E 325 18.52 43.27 9.06
N VAL E 326 17.49 43.97 9.53
CA VAL E 326 17.42 44.47 10.90
C VAL E 326 16.46 43.59 11.71
N ILE E 327 16.96 42.95 12.77
CA ILE E 327 16.13 42.12 13.65
C ILE E 327 15.57 43.00 14.76
N VAL E 328 14.25 43.04 14.88
CA VAL E 328 13.57 43.93 15.83
C VAL E 328 12.34 43.23 16.45
N ASP E 329 12.02 43.61 17.69
CA ASP E 329 10.87 43.07 18.38
C ASP E 329 9.58 43.51 17.71
N PRO E 330 8.65 42.56 17.46
CA PRO E 330 7.34 42.89 16.86
C PRO E 330 6.53 44.01 17.54
N SER E 331 6.76 44.23 18.84
CA SER E 331 6.12 45.33 19.57
C SER E 331 6.40 46.71 18.96
N ALA E 332 7.59 46.90 18.40
CA ALA E 332 7.98 48.17 17.76
C ALA E 332 7.49 48.26 16.30
N ALA E 333 6.18 48.17 16.10
CA ALA E 333 5.60 48.08 14.75
C ALA E 333 5.72 49.41 14.00
N SER E 334 5.41 50.49 14.70
CA SER E 334 5.58 51.87 14.17
C SER E 334 6.95 52.10 13.52
N PHE E 335 7.99 51.55 14.15
CA PHE E 335 9.36 51.56 13.61
C PHE E 335 9.47 50.59 12.42
N ILE E 336 8.93 49.38 12.58
CA ILE E 336 8.98 48.35 11.52
C ILE E 336 8.28 48.80 10.24
N ALA E 337 7.16 49.51 10.39
CA ALA E 337 6.44 50.10 9.26
C ALA E 337 7.32 51.04 8.48
N LEU E 338 7.98 51.95 9.19
CA LEU E 338 8.87 52.94 8.57
C LEU E 338 10.04 52.27 7.87
N LEU E 339 10.71 51.37 8.57
CA LEU E 339 11.85 50.63 8.00
C LEU E 339 11.48 49.90 6.69
N ARG E 340 10.29 49.31 6.66
CA ARG E 340 9.80 48.62 5.48
C ARG E 340 9.44 49.58 4.35
N GLN E 341 8.84 50.72 4.69
CA GLN E 341 8.62 51.81 3.73
C GLN E 341 9.94 52.25 3.09
N LYS E 342 11.01 52.29 3.87
CA LYS E 342 12.33 52.68 3.37
C LYS E 342 13.12 51.52 2.74
N GLY E 343 12.45 50.40 2.43
CA GLY E 343 13.09 49.28 1.74
C GLY E 343 14.10 48.49 2.58
N ILE E 344 14.01 48.59 3.90
CA ILE E 344 14.90 47.87 4.81
C ILE E 344 14.25 46.54 5.15
N LYS E 345 15.01 45.45 5.05
CA LYS E 345 14.52 44.14 5.43
C LYS E 345 14.42 44.08 6.95
N VAL E 346 13.24 43.72 7.45
CA VAL E 346 13.01 43.54 8.87
C VAL E 346 12.81 42.07 9.14
N ILE E 347 13.41 41.57 10.21
CA ILE E 347 13.18 40.23 10.70
C ILE E 347 12.56 40.36 12.08
N LYS E 348 11.36 39.79 12.26
CA LYS E 348 10.70 39.79 13.57
C LYS E 348 11.43 38.83 14.48
N ALA E 349 11.83 39.33 15.64
CA ALA E 349 12.73 38.58 16.54
C ALA E 349 11.98 37.47 17.26
N LYS E 350 12.61 36.30 17.35
CA LYS E 350 12.11 35.21 18.22
C LYS E 350 12.32 35.64 19.68
N ASN E 351 11.25 36.22 20.25
CA ASN E 351 11.32 36.88 21.56
C ASN E 351 11.10 35.95 22.76
N ASP E 352 11.51 34.69 22.65
CA ASP E 352 11.42 33.76 23.77
C ASP E 352 12.49 34.16 24.80
N VAL E 353 12.03 34.63 25.96
CA VAL E 353 12.91 35.21 26.99
C VAL E 353 13.80 34.13 27.59
N LEU E 354 13.18 33.15 28.21
CA LEU E 354 13.89 32.09 28.93
C LEU E 354 14.74 31.25 27.98
N ASP E 355 14.20 30.89 26.81
CA ASP E 355 14.96 30.07 25.85
C ASP E 355 16.04 30.87 25.13
N GLY E 356 15.80 32.17 24.95
CA GLY E 356 16.80 33.06 24.38
C GLY E 356 17.99 33.22 25.32
N ILE E 357 17.71 33.55 26.58
CA ILE E 357 18.75 33.65 27.61
C ILE E 357 19.58 32.38 27.67
N ARG E 358 18.92 31.22 27.66
CA ARG E 358 19.58 29.92 27.64
C ARG E 358 20.56 29.78 26.47
N ASN E 359 20.12 30.22 25.28
CA ASN E 359 20.93 30.13 24.06
C ASN E 359 22.11 31.12 24.03
N VAL E 360 21.87 32.36 24.50
CA VAL E 360 22.93 33.38 24.55
C VAL E 360 24.12 32.86 25.36
N ALA E 361 23.81 32.25 26.50
CA ALA E 361 24.81 31.58 27.35
C ALA E 361 25.56 30.49 26.62
N THR E 362 24.82 29.61 25.93
CA THR E 362 25.41 28.51 25.15
C THR E 362 26.32 29.04 24.02
N ALA E 363 25.94 30.16 23.41
CA ALA E 363 26.80 30.84 22.41
C ALA E 363 28.06 31.42 23.06
N LEU E 364 27.91 32.01 24.24
CA LEU E 364 29.07 32.51 25.01
C LEU E 364 30.01 31.36 25.39
N ASN E 365 29.44 30.24 25.85
CA ASN E 365 30.22 29.05 26.25
C ASN E 365 30.94 28.36 25.10
N LYS E 366 30.27 28.20 23.97
CA LYS E 366 30.89 27.63 22.77
C LYS E 366 31.74 28.63 21.98
N LYS E 367 31.65 29.91 22.33
CA LYS E 367 32.28 31.03 21.60
C LYS E 367 31.77 31.18 20.16
N MET E 368 30.46 31.00 20.01
CA MET E 368 29.75 31.32 18.77
C MET E 368 29.67 32.82 18.56
N ILE E 369 29.76 33.59 19.64
CA ILE E 369 29.84 35.05 19.58
C ILE E 369 31.06 35.60 20.34
N LEU E 370 31.58 36.73 19.87
CA LEU E 370 32.59 37.53 20.58
C LEU E 370 32.24 39.00 20.44
N TYR E 371 32.85 39.84 21.26
CA TYR E 371 32.51 41.26 21.31
C TYR E 371 33.72 42.17 21.10
N ASN E 372 33.56 43.19 20.27
CA ASN E 372 34.59 44.23 20.14
C ASN E 372 34.62 45.07 21.43
N ASP E 373 35.82 45.45 21.85
CA ASP E 373 36.01 46.14 23.14
C ASP E 373 35.26 47.48 23.26
N CYS E 374 34.83 48.02 22.11
CA CYS E 374 33.99 49.22 22.07
C CYS E 374 32.55 49.02 22.56
N CYS E 375 32.09 47.77 22.74
CA CYS E 375 30.74 47.49 23.27
C CYS E 375 30.66 47.74 24.80
N LYS E 376 30.87 49.00 25.20
CA LYS E 376 30.96 49.39 26.61
C LYS E 376 29.70 49.14 27.40
N GLU E 377 28.60 49.63 26.86
CA GLU E 377 27.28 49.52 27.51
C GLU E 377 26.83 48.08 27.65
N THR E 378 27.13 47.27 26.63
CA THR E 378 26.80 45.85 26.67
C THR E 378 27.50 45.15 27.83
N PHE E 379 28.82 45.38 27.97
CA PHE E 379 29.59 44.70 29.03
C PHE E 379 29.15 45.09 30.42
N ARG E 380 28.75 46.34 30.59
CA ARG E 380 28.19 46.79 31.86
C ARG E 380 26.90 46.04 32.19
N GLU E 381 26.06 45.83 31.19
CA GLU E 381 24.81 45.09 31.39
C GLU E 381 25.05 43.64 31.79
N TYR E 382 26.04 42.99 31.17
CA TYR E 382 26.40 41.63 31.56
C TYR E 382 26.60 41.47 33.09
N SER E 383 27.27 42.43 33.70
CA SER E 383 27.53 42.39 35.14
C SER E 383 26.33 42.75 36.04
N SER E 384 25.22 43.21 35.48
CA SER E 384 24.01 43.58 36.26
C SER E 384 22.72 42.92 35.78
N TYR E 385 22.82 41.91 34.91
CA TYR E 385 21.65 41.17 34.47
C TYR E 385 21.47 40.02 35.45
N VAL E 386 20.38 40.07 36.19
CA VAL E 386 20.12 39.16 37.30
C VAL E 386 18.72 38.56 37.23
N TRP E 387 18.60 37.30 37.65
CA TRP E 387 17.31 36.62 37.71
C TRP E 387 16.40 37.31 38.74
N ASP E 388 15.10 37.35 38.45
CA ASP E 388 14.11 37.87 39.37
C ASP E 388 13.98 36.85 40.49
N GLU E 389 14.48 37.23 41.66
CA GLU E 389 14.56 36.36 42.84
C GLU E 389 13.16 36.02 43.40
N LYS E 390 12.29 37.03 43.48
CA LYS E 390 10.93 36.86 44.02
C LYS E 390 10.11 35.91 43.15
N ALA E 391 10.15 36.12 41.84
CA ALA E 391 9.44 35.29 40.86
C ALA E 391 10.00 33.87 40.76
N ALA E 392 11.32 33.72 40.90
CA ALA E 392 11.95 32.40 40.84
C ALA E 392 11.43 31.45 41.95
N GLU E 393 11.18 32.00 43.14
CA GLU E 393 10.61 31.22 44.25
C GLU E 393 9.07 31.17 44.27
N ARG E 394 8.44 31.72 43.24
CA ARG E 394 7.07 31.35 42.83
C ARG E 394 7.04 30.23 41.79
N GLY E 395 8.21 29.77 41.32
CA GLY E 395 8.33 28.76 40.23
C GLY E 395 8.81 29.33 38.90
N GLU E 396 8.58 30.63 38.67
CA GLU E 396 8.78 31.29 37.38
C GLU E 396 10.20 31.88 37.23
N ASP E 397 11.02 31.29 36.35
CA ASP E 397 12.37 31.81 36.06
C ASP E 397 12.30 33.02 35.10
N LYS E 398 12.60 34.21 35.60
CA LYS E 398 12.50 35.47 34.84
C LYS E 398 13.75 36.32 35.03
N PRO E 399 14.07 37.20 34.07
CA PRO E 399 15.05 38.24 34.30
C PRO E 399 14.41 39.50 34.92
N VAL E 400 15.19 40.23 35.71
CA VAL E 400 14.82 41.55 36.19
C VAL E 400 15.01 42.49 35.00
N LYS E 401 13.90 43.00 34.45
CA LYS E 401 13.95 43.84 33.25
C LYS E 401 14.52 45.22 33.56
N GLN E 402 15.84 45.29 33.68
CA GLN E 402 16.53 46.55 34.01
C GLN E 402 18.00 46.46 33.65
N ASN E 403 18.50 47.43 32.89
CA ASN E 403 19.83 47.38 32.26
C ASN E 403 19.92 46.13 31.36
N ASP E 404 18.93 45.96 30.50
CA ASP E 404 18.79 44.76 29.67
C ASP E 404 18.65 45.04 28.17
N HIS E 405 19.02 46.25 27.75
CA HIS E 405 18.65 46.77 26.43
C HIS E 405 19.60 46.31 25.35
N GLN E 406 20.91 46.34 25.63
CA GLN E 406 21.87 45.68 24.76
C GLN E 406 21.68 44.16 24.82
N LEU E 407 21.49 43.64 26.03
CA LEU E 407 21.38 42.18 26.23
C LEU E 407 20.10 41.55 25.65
N ASP E 408 19.02 42.33 25.55
CA ASP E 408 17.79 41.86 24.89
C ASP E 408 18.01 41.80 23.38
N ALA E 409 18.61 42.85 22.82
CA ALA E 409 19.00 42.89 21.41
C ALA E 409 19.94 41.71 21.04
N ASP E 410 20.95 41.49 21.87
CA ASP E 410 21.87 40.38 21.69
C ASP E 410 21.15 39.03 21.71
N ARG E 411 20.14 38.91 22.57
CA ARG E 411 19.29 37.73 22.64
C ARG E 411 18.46 37.57 21.36
N TYR E 412 17.82 38.67 20.92
CA TYR E 412 17.05 38.66 19.68
C TYR E 412 17.90 38.14 18.52
N PHE E 413 19.16 38.57 18.43
CA PHE E 413 20.08 38.11 17.39
C PHE E 413 20.44 36.63 17.52
N VAL E 414 20.92 36.23 18.68
CA VAL E 414 21.39 34.87 18.92
C VAL E 414 20.25 33.87 18.74
N ASN E 415 19.10 34.18 19.34
CA ASN E 415 17.93 33.30 19.32
C ASN E 415 17.30 33.19 17.91
N THR E 416 17.37 34.25 17.11
CA THR E 416 16.79 34.28 15.76
C THR E 416 17.73 33.77 14.67
N ILE E 417 19.01 34.15 14.72
CA ILE E 417 19.95 33.84 13.64
C ILE E 417 20.76 32.56 13.91
N LEU E 418 21.39 32.48 15.08
CA LEU E 418 22.29 31.37 15.41
C LEU E 418 21.54 30.07 15.67
N PHE E 419 20.44 30.17 16.42
CA PHE E 419 19.60 29.01 16.77
C PHE E 419 18.30 29.04 15.96
N GLY E 420 17.81 27.85 15.59
CA GLY E 420 16.53 27.67 14.87
C GLY E 420 15.51 28.78 14.99
N PRO F 16 3.01 18.21 -18.85
CA PRO F 16 3.73 18.45 -20.07
C PRO F 16 3.91 19.96 -20.32
N PHE F 17 4.33 20.63 -19.27
CA PHE F 17 4.21 22.09 -19.17
C PHE F 17 5.04 22.83 -20.23
N SER F 18 4.44 23.86 -20.82
CA SER F 18 5.14 24.75 -21.75
C SER F 18 6.08 25.68 -21.00
N LYS F 19 6.86 26.45 -21.76
CA LYS F 19 7.74 27.48 -21.21
C LYS F 19 6.95 28.49 -20.35
N LYS F 20 5.75 28.85 -20.82
CA LYS F 20 4.90 29.81 -20.11
C LYS F 20 4.23 29.22 -18.88
N GLN F 21 3.83 27.96 -18.95
CA GLN F 21 3.24 27.26 -17.80
C GLN F 21 4.26 27.14 -16.66
N LEU F 22 5.51 26.82 -17.01
CA LEU F 22 6.60 26.76 -16.02
C LEU F 22 6.87 28.08 -15.32
N LYS F 23 6.72 29.19 -16.04
CA LYS F 23 6.82 30.53 -15.46
C LYS F 23 5.80 30.75 -14.32
N VAL F 24 4.60 30.19 -14.45
CA VAL F 24 3.55 30.29 -13.41
C VAL F 24 3.91 29.44 -12.19
N LEU F 25 4.52 28.29 -12.44
CA LEU F 25 4.99 27.39 -11.37
C LEU F 25 6.19 27.95 -10.59
N THR F 26 7.01 28.80 -11.21
CA THR F 26 8.29 29.25 -10.63
C THR F 26 8.44 30.75 -10.33
N TRP F 27 7.55 31.61 -10.84
CA TRP F 27 7.72 33.07 -10.65
C TRP F 27 7.93 33.49 -9.19
N TRP F 28 7.25 32.81 -8.27
CA TRP F 28 7.28 33.12 -6.82
C TRP F 28 8.55 32.66 -6.09
N ARG F 29 9.19 31.60 -6.57
CA ARG F 29 10.41 31.06 -5.95
C ARG F 29 11.49 32.14 -5.89
N LYS F 30 12.24 32.16 -4.79
CA LYS F 30 13.24 33.23 -4.52
C LYS F 30 14.29 33.36 -5.63
N ALA F 31 14.65 32.20 -6.24
CA ALA F 31 15.54 32.12 -7.40
C ALA F 31 15.08 32.90 -8.64
N SER F 32 13.77 33.15 -8.77
CA SER F 32 13.22 33.92 -9.89
C SER F 32 13.61 35.39 -9.83
N PRO F 33 13.90 36.01 -10.99
CA PRO F 33 14.05 37.46 -11.11
C PRO F 33 12.80 38.27 -10.71
N VAL F 34 11.62 37.73 -11.00
CA VAL F 34 10.35 38.44 -10.78
C VAL F 34 9.62 38.05 -9.47
N SER F 35 10.33 37.42 -8.54
CA SER F 35 9.75 37.03 -7.24
C SER F 35 9.39 38.19 -6.32
N ASP F 36 9.98 39.37 -6.56
CA ASP F 36 9.63 40.58 -5.81
C ASP F 36 8.19 41.07 -6.05
N LYS F 37 7.59 40.69 -7.19
CA LYS F 37 6.23 41.14 -7.54
C LYS F 37 5.17 40.65 -6.56
N ASP F 38 4.19 41.52 -6.29
CA ASP F 38 3.13 41.24 -5.29
C ASP F 38 2.04 40.27 -5.75
N GLY F 39 2.13 39.77 -6.98
CA GLY F 39 1.15 38.82 -7.48
C GLY F 39 1.28 38.57 -8.96
N ILE F 40 0.31 37.82 -9.49
CA ILE F 40 0.33 37.40 -10.88
C ILE F 40 -1.09 37.44 -11.47
N ILE F 41 -1.18 37.80 -12.75
CA ILE F 41 -2.43 37.76 -13.51
C ILE F 41 -2.21 36.87 -14.73
N CYS F 42 -2.99 35.80 -14.85
CA CYS F 42 -2.99 34.99 -16.07
C CYS F 42 -4.32 35.12 -16.78
N ASP F 43 -4.36 36.01 -17.78
CA ASP F 43 -5.49 36.11 -18.70
C ASP F 43 -5.16 35.36 -20.00
N GLY F 44 -6.15 35.23 -20.88
CA GLY F 44 -5.95 34.58 -22.17
C GLY F 44 -7.06 33.64 -22.62
N SER F 45 -6.72 32.78 -23.56
CA SER F 45 -7.66 31.87 -24.18
C SER F 45 -8.10 30.76 -23.25
N ILE F 46 -9.18 30.09 -23.63
CA ILE F 46 -9.58 28.85 -22.97
C ILE F 46 -8.69 27.70 -23.39
N ARG F 47 -8.64 26.68 -22.54
CA ARG F 47 -7.83 25.46 -22.77
C ARG F 47 -6.36 25.75 -23.05
N ALA F 48 -5.82 26.78 -22.37
CA ALA F 48 -4.41 27.08 -22.41
C ALA F 48 -3.66 26.34 -21.29
N GLY F 49 -4.35 25.56 -20.48
CA GLY F 49 -3.75 24.84 -19.37
C GLY F 49 -3.32 25.76 -18.23
N LYS F 50 -4.03 26.88 -18.06
CA LYS F 50 -3.60 27.90 -17.11
C LYS F 50 -4.29 27.81 -15.74
N THR F 51 -5.55 27.40 -15.71
CA THR F 51 -6.28 27.25 -14.44
C THR F 51 -5.63 26.20 -13.54
N ILE F 52 -5.21 25.09 -14.13
CA ILE F 52 -4.70 23.97 -13.33
C ILE F 52 -3.27 24.19 -12.80
N VAL F 53 -2.38 24.73 -13.64
CA VAL F 53 -1.00 25.02 -13.21
C VAL F 53 -0.94 26.16 -12.21
N MET F 54 -1.80 27.16 -12.40
CA MET F 54 -1.85 28.30 -11.51
C MET F 54 -2.46 27.96 -10.15
N SER F 55 -3.46 27.08 -10.15
CA SER F 55 -4.01 26.53 -8.90
C SER F 55 -2.96 25.75 -8.11
N PHE F 56 -2.26 24.86 -8.82
CA PHE F 56 -1.21 24.04 -8.25
C PHE F 56 -0.03 24.86 -7.72
N SER F 57 0.39 25.86 -8.49
CA SER F 57 1.47 26.77 -8.06
C SER F 57 1.11 27.58 -6.81
N TYR F 58 -0.16 27.98 -6.70
CA TYR F 58 -0.66 28.72 -5.54
C TYR F 58 -0.51 27.91 -4.25
N VAL F 59 -0.90 26.64 -4.31
CA VAL F 59 -0.79 25.75 -3.15
C VAL F 59 0.70 25.50 -2.85
N MET F 60 1.48 25.17 -3.88
CA MET F 60 2.93 25.00 -3.73
C MET F 60 3.54 26.19 -3.02
N TRP F 61 3.34 27.37 -3.61
CA TRP F 61 3.83 28.63 -3.04
C TRP F 61 3.44 28.76 -1.58
N ALA F 62 2.12 28.66 -1.33
CA ALA F 62 1.55 28.81 0.02
C ALA F 62 2.16 27.85 1.03
N MET F 63 2.27 26.57 0.65
CA MET F 63 2.85 25.55 1.52
C MET F 63 4.32 25.85 1.83
N ASP F 64 5.09 26.16 0.80
CA ASP F 64 6.51 26.51 0.93
C ASP F 64 6.76 27.77 1.78
N THR F 65 5.99 28.81 1.51
CA THR F 65 6.28 30.14 2.05
C THR F 65 5.75 30.36 3.46
N PHE F 66 4.65 29.71 3.84
CA PHE F 66 4.05 29.91 5.16
C PHE F 66 3.83 28.61 5.93
N ASN F 67 3.46 28.76 7.19
CA ASN F 67 3.02 27.65 8.04
C ASN F 67 1.89 28.11 8.96
N GLU F 68 0.89 27.24 9.14
CA GLU F 68 -0.29 27.50 9.96
C GLU F 68 -0.94 28.85 9.61
N GLN F 69 -1.11 29.09 8.32
CA GLN F 69 -1.63 30.36 7.78
C GLN F 69 -2.83 30.13 6.86
N ASN F 70 -3.68 31.15 6.76
CA ASN F 70 -4.92 31.07 5.98
C ASN F 70 -4.77 31.59 4.57
N PHE F 71 -5.45 30.93 3.63
CA PHE F 71 -5.47 31.33 2.22
C PHE F 71 -6.87 31.27 1.65
N GLY F 72 -7.13 32.10 0.65
CA GLY F 72 -8.43 32.18 0.01
C GLY F 72 -8.38 31.73 -1.43
N MET F 73 -9.37 30.94 -1.82
CA MET F 73 -9.60 30.55 -3.21
C MET F 73 -11.03 30.93 -3.57
N ALA F 74 -11.22 31.54 -4.74
CA ALA F 74 -12.53 32.06 -5.15
C ALA F 74 -12.89 31.72 -6.59
N GLY F 75 -14.19 31.59 -6.82
CA GLY F 75 -14.78 31.41 -8.16
C GLY F 75 -16.03 32.27 -8.28
N LYS F 76 -16.71 32.18 -9.43
CA LYS F 76 -18.02 32.82 -9.63
C LYS F 76 -19.01 32.35 -8.55
N THR F 77 -18.96 31.05 -8.24
CA THR F 77 -19.66 30.42 -7.12
C THR F 77 -18.76 29.33 -6.52
N ILE F 78 -19.03 28.92 -5.29
CA ILE F 78 -18.22 27.88 -4.62
C ILE F 78 -18.28 26.54 -5.38
N GLY F 79 -19.44 26.25 -5.97
CA GLY F 79 -19.62 25.04 -6.77
C GLY F 79 -18.77 25.07 -8.02
N ALA F 80 -18.86 26.18 -8.75
CA ALA F 80 -18.05 26.41 -9.96
C ALA F 80 -16.56 26.26 -9.67
N LEU F 81 -16.13 26.89 -8.58
CA LEU F 81 -14.74 26.81 -8.11
C LEU F 81 -14.29 25.38 -7.86
N ARG F 82 -15.17 24.56 -7.27
CA ARG F 82 -14.86 23.15 -6.99
C ARG F 82 -14.73 22.32 -8.27
N ARG F 83 -15.69 22.47 -9.17
CA ARG F 83 -15.71 21.68 -10.41
C ARG F 83 -14.58 22.07 -11.38
N ASN F 84 -14.31 23.37 -11.50
CA ASN F 84 -13.21 23.86 -12.33
C ASN F 84 -11.84 23.59 -11.72
N VAL F 85 -11.66 24.00 -10.47
CA VAL F 85 -10.33 24.12 -9.85
C VAL F 85 -10.02 23.02 -8.82
N ILE F 86 -10.83 22.93 -7.75
CA ILE F 86 -10.47 22.12 -6.57
C ILE F 86 -10.35 20.62 -6.89
N THR F 87 -11.36 20.06 -7.56
CA THR F 87 -11.44 18.61 -7.74
C THR F 87 -10.26 17.99 -8.52
N PRO F 88 -9.81 18.61 -9.64
CA PRO F 88 -8.56 18.14 -10.25
C PRO F 88 -7.30 18.60 -9.49
N LEU F 89 -7.35 19.76 -8.83
CA LEU F 89 -6.25 20.22 -7.97
C LEU F 89 -5.96 19.22 -6.85
N LYS F 90 -7.01 18.71 -6.22
CA LYS F 90 -6.87 17.71 -5.13
C LYS F 90 -6.26 16.40 -5.62
N ARG F 91 -6.62 15.96 -6.82
CA ARG F 91 -6.02 14.75 -7.39
C ARG F 91 -4.55 15.02 -7.75
N MET F 92 -4.29 16.19 -8.30
CA MET F 92 -2.92 16.62 -8.65
C MET F 92 -2.04 16.76 -7.41
N LEU F 93 -2.57 17.35 -6.35
CA LEU F 93 -1.84 17.52 -5.08
C LEU F 93 -1.53 16.17 -4.42
N LYS F 94 -2.52 15.27 -4.37
CA LYS F 94 -2.33 13.92 -3.82
C LYS F 94 -1.26 13.11 -4.56
N SER F 95 -1.21 13.28 -5.88
CA SER F 95 -0.19 12.64 -6.71
C SER F 95 1.22 13.04 -6.26
N ARG F 96 1.49 14.34 -6.18
CA ARG F 96 2.80 14.86 -5.78
C ARG F 96 3.13 14.68 -4.28
N GLY F 97 2.20 14.13 -3.50
CA GLY F 97 2.45 13.75 -2.10
C GLY F 97 2.03 14.79 -1.07
N TYR F 98 1.00 15.58 -1.40
CA TYR F 98 0.39 16.51 -0.44
C TYR F 98 -0.82 15.81 0.17
N ARG F 99 -0.90 15.80 1.50
CA ARG F 99 -2.07 15.25 2.21
C ARG F 99 -3.13 16.34 2.29
N VAL F 100 -4.32 16.05 1.73
CA VAL F 100 -5.44 16.99 1.67
C VAL F 100 -6.62 16.46 2.48
N LYS F 101 -7.35 17.36 3.15
CA LYS F 101 -8.52 16.98 3.94
C LYS F 101 -9.62 18.04 3.74
N ASP F 102 -10.56 17.71 2.85
CA ASP F 102 -11.65 18.61 2.49
C ASP F 102 -12.68 18.66 3.62
N HIS F 103 -12.98 19.85 4.14
CA HIS F 103 -14.07 20.02 5.12
C HIS F 103 -15.29 20.61 4.39
N ARG F 104 -16.07 19.71 3.80
CA ARG F 104 -17.07 20.05 2.78
C ARG F 104 -18.01 21.19 3.19
N ALA F 105 -18.75 20.96 4.27
CA ALA F 105 -19.79 21.89 4.72
C ALA F 105 -19.21 23.23 5.17
N ASP F 106 -17.99 23.21 5.69
CA ASP F 106 -17.31 24.42 6.16
C ASP F 106 -16.65 25.23 5.03
N ASN F 107 -16.48 24.61 3.86
CA ASN F 107 -15.90 25.24 2.66
C ASN F 107 -14.49 25.74 2.89
N TYR F 108 -13.64 24.83 3.36
CA TYR F 108 -12.20 25.06 3.43
C TYR F 108 -11.51 23.71 3.47
N LEU F 109 -10.22 23.73 3.17
CA LEU F 109 -9.37 22.54 3.11
C LEU F 109 -8.17 22.75 4.03
N THR F 110 -7.61 21.66 4.54
CA THR F 110 -6.30 21.69 5.18
C THR F 110 -5.34 20.82 4.37
N ILE F 111 -4.36 21.48 3.76
CA ILE F 111 -3.31 20.80 3.01
C ILE F 111 -2.07 20.80 3.90
N THR F 112 -1.41 19.65 3.97
CA THR F 112 -0.18 19.49 4.74
C THR F 112 0.91 18.93 3.82
N PHE F 113 2.17 19.33 4.06
CA PHE F 113 3.29 18.93 3.19
C PHE F 113 4.65 19.11 3.87
N LYS F 114 5.38 18.00 4.03
CA LYS F 114 6.71 17.99 4.65
C LYS F 114 6.73 18.78 5.96
N GLY F 115 5.90 18.35 6.90
CA GLY F 115 5.81 18.98 8.22
C GLY F 115 4.99 20.26 8.32
N LYS F 116 4.68 20.89 7.20
CA LYS F 116 3.98 22.18 7.16
C LYS F 116 2.50 21.96 6.91
N THR F 117 1.67 22.89 7.39
CA THR F 117 0.20 22.81 7.27
C THR F 117 -0.42 24.18 7.08
N ASN F 118 -1.30 24.30 6.09
CA ASN F 118 -2.00 25.57 5.80
C ASN F 118 -3.48 25.36 5.52
N TYR F 119 -4.22 26.46 5.58
CA TYR F 119 -5.68 26.48 5.55
C TYR F 119 -6.16 27.26 4.32
N PHE F 120 -6.99 26.60 3.50
CA PHE F 120 -7.42 27.11 2.21
C PHE F 120 -8.94 27.20 2.18
N TYR F 121 -9.46 28.42 2.27
CA TYR F 121 -10.90 28.65 2.34
C TYR F 121 -11.47 28.93 0.94
N LEU F 122 -12.63 28.34 0.66
CA LEU F 122 -13.29 28.48 -0.62
C LEU F 122 -14.36 29.54 -0.52
N PHE F 123 -14.34 30.50 -1.46
CA PHE F 123 -15.32 31.59 -1.52
C PHE F 123 -16.05 31.59 -2.86
N ASP F 127 -22.58 42.17 -3.94
CA ASP F 127 -23.36 41.98 -5.14
C ASP F 127 -23.45 40.50 -5.46
N GLU F 128 -23.19 40.12 -6.70
CA GLU F 128 -23.24 38.72 -7.06
C GLU F 128 -22.10 38.12 -6.30
N SER F 129 -22.33 37.00 -5.63
CA SER F 129 -21.32 36.34 -4.80
C SER F 129 -20.71 37.32 -3.82
N SER F 130 -21.56 37.97 -3.02
CA SER F 130 -21.25 39.01 -2.00
C SER F 130 -19.93 39.06 -1.24
N GLN F 131 -19.54 40.28 -0.84
CA GLN F 131 -18.25 40.49 -0.22
C GLN F 131 -18.45 40.46 1.28
N ASP F 132 -19.69 40.22 1.70
CA ASP F 132 -20.04 40.16 3.09
C ASP F 132 -19.50 38.93 3.82
N LEU F 133 -19.36 37.79 3.12
CA LEU F 133 -18.81 36.57 3.74
C LEU F 133 -17.29 36.61 3.95
N ILE F 134 -16.57 37.08 2.95
CA ILE F 134 -15.09 37.23 3.00
C ILE F 134 -14.59 38.24 4.04
N GLN F 135 -15.47 39.11 4.56
CA GLN F 135 -15.10 40.05 5.60
C GLN F 135 -14.91 39.31 6.93
N GLY F 136 -13.81 39.66 7.60
CA GLY F 136 -13.45 39.13 8.95
C GLY F 136 -12.14 38.30 9.02
N ILE F 137 -12.00 37.38 8.08
CA ILE F 137 -10.84 36.48 8.02
C ILE F 137 -9.53 37.22 7.67
N THR F 138 -8.40 36.68 8.12
CA THR F 138 -7.06 37.19 7.78
C THR F 138 -6.35 36.19 6.88
N LEU F 139 -5.74 36.68 5.79
CA LEU F 139 -5.22 35.81 4.73
C LEU F 139 -3.76 36.12 4.35
N ALA F 140 -2.98 35.07 4.13
CA ALA F 140 -1.62 35.17 3.61
C ALA F 140 -1.60 35.17 2.09
N GLY F 141 -2.75 34.96 1.46
CA GLY F 141 -2.87 35.05 0.01
C GLY F 141 -4.30 34.85 -0.44
N MET F 142 -4.53 35.12 -1.72
CA MET F 142 -5.85 35.01 -2.31
C MET F 142 -5.71 34.56 -3.76
N PHE F 143 -6.67 33.73 -4.19
CA PHE F 143 -6.66 33.19 -5.55
C PHE F 143 -8.03 33.39 -6.16
N PHE F 144 -8.06 34.00 -7.34
CA PHE F 144 -9.31 34.15 -8.08
C PHE F 144 -9.28 33.40 -9.41
N ASP F 145 -10.30 32.57 -9.64
CA ASP F 145 -10.52 31.88 -10.91
C ASP F 145 -11.76 32.48 -11.56
N GLU F 146 -11.65 32.87 -12.83
CA GLU F 146 -12.71 33.61 -13.54
C GLU F 146 -13.00 34.95 -12.85
N VAL F 147 -11.94 35.65 -12.44
CA VAL F 147 -12.10 36.97 -11.78
C VAL F 147 -12.87 37.97 -12.65
N ALA F 148 -12.76 37.80 -13.98
CA ALA F 148 -13.58 38.51 -14.96
C ALA F 148 -15.08 38.48 -14.64
N LEU F 149 -15.56 37.34 -14.16
CA LEU F 149 -16.98 37.18 -13.79
C LEU F 149 -17.33 37.73 -12.41
N MET F 150 -16.38 37.78 -11.49
CA MET F 150 -16.66 38.17 -10.11
C MET F 150 -16.98 39.65 -10.00
N PRO F 151 -17.81 40.03 -9.01
CA PRO F 151 -18.08 41.45 -8.79
C PRO F 151 -16.88 42.14 -8.19
N GLU F 152 -16.55 43.33 -8.69
CA GLU F 152 -15.37 44.10 -8.27
C GLU F 152 -15.31 44.28 -6.77
N SER F 153 -16.43 44.66 -6.15
CA SER F 153 -16.49 44.96 -4.72
C SER F 153 -16.04 43.78 -3.86
N PHE F 154 -16.44 42.56 -4.22
CA PHE F 154 -15.96 41.37 -3.52
C PHE F 154 -14.45 41.15 -3.69
N VAL F 155 -13.93 41.38 -4.90
CA VAL F 155 -12.50 41.19 -5.19
C VAL F 155 -11.63 42.17 -4.39
N ASN F 156 -12.06 43.42 -4.29
CA ASN F 156 -11.35 44.43 -3.49
C ASN F 156 -11.43 44.14 -2.00
N GLN F 157 -12.61 43.72 -1.52
CA GLN F 157 -12.79 43.31 -0.11
C GLN F 157 -11.95 42.08 0.27
N ALA F 158 -11.75 41.17 -0.67
CA ALA F 158 -10.92 39.97 -0.47
C ALA F 158 -9.44 40.28 -0.42
N THR F 159 -8.97 41.16 -1.30
CA THR F 159 -7.58 41.63 -1.27
C THR F 159 -7.26 42.42 0.01
N ALA F 160 -8.24 43.15 0.52
CA ALA F 160 -8.12 43.86 1.81
C ALA F 160 -7.89 42.94 3.01
N ARG F 161 -8.35 41.69 2.91
CA ARG F 161 -8.10 40.69 3.94
C ARG F 161 -6.71 40.05 3.88
N CYS F 162 -5.94 40.32 2.82
CA CYS F 162 -4.56 39.81 2.71
C CYS F 162 -3.55 40.71 3.46
N SER F 163 -3.68 40.72 4.79
CA SER F 163 -2.91 41.63 5.68
C SER F 163 -1.57 41.06 6.16
N VAL F 164 -1.39 39.74 6.05
CA VAL F 164 -0.16 39.07 6.46
C VAL F 164 1.01 39.56 5.62
N ASP F 165 2.18 39.65 6.24
CA ASP F 165 3.41 40.06 5.56
C ASP F 165 3.83 38.98 4.53
N GLY F 166 4.17 39.42 3.32
CA GLY F 166 4.55 38.53 2.23
C GLY F 166 3.40 37.97 1.41
N ALA F 167 2.21 38.56 1.52
CA ALA F 167 1.01 38.09 0.82
C ALA F 167 1.07 38.37 -0.67
N LYS F 168 0.48 37.48 -1.45
CA LYS F 168 0.51 37.57 -2.91
C LYS F 168 -0.90 37.33 -3.47
N LEU F 169 -1.27 38.11 -4.49
CA LEU F 169 -2.58 38.02 -5.11
C LEU F 169 -2.47 37.33 -6.46
N TRP F 170 -3.30 36.30 -6.67
CA TRP F 170 -3.26 35.50 -7.90
C TRP F 170 -4.60 35.61 -8.63
N PHE F 171 -4.54 36.07 -9.88
CA PHE F 171 -5.74 36.28 -10.68
C PHE F 171 -5.69 35.44 -11.94
N ASN F 172 -6.77 34.71 -12.20
CA ASN F 172 -6.90 33.89 -13.41
C ASN F 172 -8.21 34.25 -14.09
N CYS F 173 -8.18 34.54 -15.39
CA CYS F 173 -9.41 34.82 -16.13
C CYS F 173 -9.31 34.63 -17.64
N ASN F 174 -10.47 34.69 -18.29
CA ASN F 174 -10.61 34.76 -19.74
C ASN F 174 -11.21 36.12 -20.08
N PRO F 175 -10.92 36.65 -21.29
CA PRO F 175 -11.20 38.07 -21.54
C PRO F 175 -12.69 38.42 -21.63
N ALA F 176 -13.01 39.62 -21.14
CA ALA F 176 -14.31 40.27 -21.29
C ALA F 176 -14.09 41.51 -22.18
N GLY F 177 -14.90 42.56 -21.99
CA GLY F 177 -14.75 43.81 -22.74
C GLY F 177 -13.57 44.64 -22.25
N PRO F 178 -13.02 45.50 -23.11
CA PRO F 178 -11.86 46.32 -22.70
C PRO F 178 -12.17 47.46 -21.73
N TYR F 179 -13.46 47.77 -21.53
CA TYR F 179 -13.90 48.67 -20.46
C TYR F 179 -14.18 47.93 -19.14
N HIS F 180 -13.97 46.61 -19.10
CA HIS F 180 -14.27 45.80 -17.93
C HIS F 180 -13.38 46.17 -16.78
N TRP F 181 -13.95 46.29 -15.58
CA TRP F 181 -13.18 46.82 -14.42
C TRP F 181 -11.82 46.13 -14.25
N PHE F 182 -11.76 44.82 -14.43
CA PHE F 182 -10.51 44.07 -14.27
C PHE F 182 -9.45 44.44 -15.32
N LYS F 183 -9.86 44.72 -16.55
CA LYS F 183 -8.95 45.25 -17.57
C LYS F 183 -8.47 46.64 -17.18
N VAL F 184 -9.43 47.53 -16.89
CA VAL F 184 -9.16 48.93 -16.56
C VAL F 184 -8.31 49.12 -15.31
N GLU F 185 -8.63 48.38 -14.24
CA GLU F 185 -8.05 48.60 -12.90
C GLU F 185 -6.87 47.70 -12.54
N TYR F 186 -6.73 46.54 -13.18
CA TYR F 186 -5.64 45.60 -12.85
C TYR F 186 -4.65 45.40 -14.00
N LEU F 187 -5.14 45.08 -15.19
CA LEU F 187 -4.27 44.81 -16.36
C LEU F 187 -3.64 46.08 -16.95
N ASP F 188 -4.42 47.16 -17.01
CA ASP F 188 -3.90 48.45 -17.49
C ASP F 188 -3.04 49.12 -16.42
N LYS F 189 -3.43 48.99 -15.15
CA LYS F 189 -2.64 49.51 -14.02
C LYS F 189 -1.72 48.44 -13.43
N LEU F 190 -0.94 47.80 -14.30
CA LEU F 190 -0.18 46.60 -13.92
C LEU F 190 1.00 46.92 -12.98
N ASP F 191 1.78 47.93 -13.34
CA ASP F 191 2.91 48.37 -12.52
C ASP F 191 2.46 49.09 -11.24
N GLU F 192 1.32 49.78 -11.32
CA GLU F 192 0.73 50.47 -10.16
C GLU F 192 0.37 49.54 -8.99
N LYS F 193 0.00 48.30 -9.29
CA LYS F 193 -0.27 47.27 -8.27
C LYS F 193 0.90 46.28 -8.12
N ASN F 194 1.90 46.39 -9.00
CA ASN F 194 3.15 45.62 -8.94
C ASN F 194 2.90 44.13 -9.18
N LEU F 195 2.29 43.83 -10.32
CA LEU F 195 1.89 42.47 -10.66
C LEU F 195 2.58 41.99 -11.92
N LEU F 196 2.89 40.69 -11.96
CA LEU F 196 3.34 40.03 -13.17
C LEU F 196 2.08 39.77 -14.02
N HIS F 197 2.27 39.65 -15.33
CA HIS F 197 1.18 39.31 -16.24
C HIS F 197 1.69 38.32 -17.29
N LEU F 198 1.01 37.18 -17.40
CA LEU F 198 1.28 36.24 -18.47
C LEU F 198 0.00 36.04 -19.25
N HIS F 199 0.03 36.37 -20.54
CA HIS F 199 -1.11 36.13 -21.44
C HIS F 199 -0.95 34.76 -22.10
N PHE F 200 -2.07 34.04 -22.19
CA PHE F 200 -2.08 32.62 -22.56
C PHE F 200 -2.88 32.36 -23.85
N THR F 201 -2.28 31.58 -24.76
CA THR F 201 -2.92 31.11 -25.98
C THR F 201 -2.91 29.60 -25.90
N MET F 202 -3.69 28.95 -26.77
CA MET F 202 -3.63 27.48 -26.92
C MET F 202 -2.26 26.96 -27.37
N ASP F 203 -1.43 27.81 -27.96
CA ASP F 203 -0.01 27.50 -28.23
C ASP F 203 0.77 27.11 -26.97
N ASP F 204 0.42 27.71 -25.82
CA ASP F 204 1.08 27.43 -24.55
C ASP F 204 0.54 26.19 -23.81
N ASN F 205 -0.32 25.41 -24.46
CA ASN F 205 -0.78 24.12 -23.96
C ASN F 205 -0.21 23.04 -24.87
N LEU F 206 0.88 22.41 -24.42
CA LEU F 206 1.61 21.44 -25.24
C LEU F 206 0.87 20.13 -25.48
N SER F 207 -0.11 19.80 -24.63
CA SER F 207 -0.93 18.59 -24.80
C SER F 207 -1.81 18.60 -26.05
N LEU F 208 -2.21 19.80 -26.50
CA LEU F 208 -3.03 19.96 -27.71
C LEU F 208 -2.16 19.85 -28.97
N SER F 209 -2.52 18.97 -29.89
CA SER F 209 -1.88 18.84 -31.21
C SER F 209 -2.37 19.94 -32.14
N LYS F 210 -1.63 20.20 -33.23
CA LYS F 210 -2.10 21.09 -34.31
C LYS F 210 -3.40 20.58 -34.96
N GLN F 211 -3.61 19.26 -34.91
CA GLN F 211 -4.91 18.66 -35.26
C GLN F 211 -6.03 19.12 -34.31
N VAL F 212 -5.83 18.89 -33.02
CA VAL F 212 -6.83 19.26 -31.98
C VAL F 212 -7.02 20.77 -31.85
N LYS F 213 -5.98 21.56 -32.08
CA LYS F 213 -6.03 23.04 -32.01
C LYS F 213 -6.88 23.66 -33.12
N GLU F 214 -6.75 23.15 -34.34
CA GLU F 214 -7.58 23.62 -35.47
C GLU F 214 -9.07 23.21 -35.34
N ARG F 215 -9.35 22.17 -34.55
CA ARG F 215 -10.72 21.77 -34.21
C ARG F 215 -11.41 22.80 -33.28
N TYR F 216 -10.66 23.31 -32.30
CA TYR F 216 -11.13 24.36 -31.37
C TYR F 216 -11.27 25.73 -32.02
N GLN F 217 -10.45 26.06 -33.01
CA GLN F 217 -10.56 27.32 -33.76
C GLN F 217 -11.83 27.40 -34.61
N ARG F 218 -12.29 26.25 -35.09
CA ARG F 218 -13.59 26.13 -35.78
C ARG F 218 -14.78 26.40 -34.84
N MET F 219 -14.65 26.03 -33.58
CA MET F 219 -15.73 26.17 -32.55
C MET F 219 -16.19 27.60 -32.27
N TYR F 220 -15.34 28.60 -32.53
CA TYR F 220 -15.66 30.00 -32.27
C TYR F 220 -15.54 30.89 -33.50
N LYS F 221 -16.44 31.87 -33.60
CA LYS F 221 -16.35 32.94 -34.60
C LYS F 221 -16.77 34.26 -33.98
N GLY F 222 -16.28 35.37 -34.54
CA GLY F 222 -16.66 36.70 -34.09
C GLY F 222 -16.06 37.09 -32.76
N VAL F 223 -16.84 37.78 -31.93
CA VAL F 223 -16.37 38.27 -30.63
C VAL F 223 -15.83 37.12 -29.76
N PHE F 224 -16.56 36.00 -29.70
CA PHE F 224 -16.15 34.86 -28.87
C PHE F 224 -14.88 34.20 -29.36
N TYR F 225 -14.62 34.26 -30.66
CA TYR F 225 -13.33 33.80 -31.23
C TYR F 225 -12.21 34.68 -30.75
N GLN F 226 -12.40 35.99 -30.91
CA GLN F 226 -11.38 36.96 -30.51
C GLN F 226 -11.07 36.89 -29.01
N ARG F 227 -12.10 36.64 -28.20
CA ARG F 227 -11.92 36.55 -26.75
C ARG F 227 -11.30 35.22 -26.30
N TYR F 228 -11.93 34.11 -26.65
CA TYR F 228 -11.58 32.82 -26.07
C TYR F 228 -10.55 32.04 -26.91
N ILE F 229 -10.13 32.53 -28.07
CA ILE F 229 -9.06 31.91 -28.84
C ILE F 229 -7.83 32.81 -28.96
N LEU F 230 -8.06 34.04 -29.41
CA LEU F 230 -6.98 35.02 -29.55
C LEU F 230 -6.59 35.63 -28.20
N GLY F 231 -7.47 35.51 -27.20
CA GLY F 231 -7.21 35.96 -25.84
C GLY F 231 -7.38 37.46 -25.67
N LEU F 232 -8.11 38.10 -26.58
CA LEU F 232 -8.15 39.55 -26.66
C LEU F 232 -9.35 40.13 -25.93
N TRP F 233 -9.13 41.22 -25.20
CA TRP F 233 -10.20 41.95 -24.53
C TRP F 233 -10.94 42.86 -25.54
N VAL F 234 -11.76 42.25 -26.39
CA VAL F 234 -12.50 42.97 -27.46
C VAL F 234 -13.94 43.27 -27.06
N LEU F 235 -14.47 44.39 -27.54
CA LEU F 235 -15.79 44.89 -27.11
C LEU F 235 -16.93 44.06 -27.73
N ALA F 236 -17.91 43.72 -26.90
CA ALA F 236 -19.13 43.05 -27.37
C ALA F 236 -20.04 44.09 -27.98
N GLU F 237 -20.33 43.94 -29.28
CA GLU F 237 -20.99 44.98 -30.07
C GLU F 237 -21.88 44.40 -31.16
N GLY F 238 -23.11 44.92 -31.23
CA GLY F 238 -24.03 44.61 -32.32
C GLY F 238 -24.78 43.30 -32.15
N ILE F 239 -24.93 42.56 -33.25
CA ILE F 239 -25.63 41.28 -33.25
C ILE F 239 -24.84 40.28 -32.43
N ILE F 240 -25.54 39.56 -31.55
CA ILE F 240 -24.92 38.59 -30.64
C ILE F 240 -24.51 37.32 -31.39
N TYR F 241 -25.48 36.68 -32.03
CA TYR F 241 -25.23 35.46 -32.81
C TYR F 241 -24.95 35.81 -34.28
N ASP F 242 -23.85 36.53 -34.51
CA ASP F 242 -23.43 36.90 -35.86
C ASP F 242 -23.08 35.69 -36.75
N MET F 243 -22.78 34.54 -36.14
CA MET F 243 -22.46 33.30 -36.85
C MET F 243 -23.68 32.53 -37.38
N PHE F 244 -24.90 32.92 -36.98
CA PHE F 244 -26.10 32.25 -37.49
C PHE F 244 -26.25 32.54 -38.99
N ASP F 245 -26.64 31.51 -39.74
CA ASP F 245 -26.49 31.49 -41.20
C ASP F 245 -27.55 30.56 -41.80
N GLN F 246 -28.55 31.15 -42.45
CA GLN F 246 -29.69 30.38 -42.98
C GLN F 246 -29.34 29.42 -44.11
N ASP F 247 -28.18 29.62 -44.74
CA ASP F 247 -27.58 28.60 -45.60
C ASP F 247 -27.24 27.36 -44.77
N GLU F 248 -26.52 27.59 -43.68
CA GLU F 248 -25.90 26.51 -42.92
C GLU F 248 -26.83 25.84 -41.91
N HIS F 249 -27.58 26.65 -41.15
CA HIS F 249 -28.27 26.15 -39.95
C HIS F 249 -29.74 25.80 -40.11
N VAL F 250 -30.36 26.16 -41.24
CA VAL F 250 -31.76 25.84 -41.48
C VAL F 250 -31.88 24.64 -42.41
N VAL F 251 -32.83 23.76 -42.09
CA VAL F 251 -33.06 22.51 -42.82
C VAL F 251 -34.56 22.33 -43.10
N PRO F 252 -34.91 21.48 -44.10
CA PRO F 252 -36.34 21.34 -44.43
C PRO F 252 -37.13 20.68 -43.32
N THR F 253 -38.40 21.05 -43.22
CA THR F 253 -39.27 20.52 -42.17
C THR F 253 -39.91 19.23 -42.67
N VAL F 254 -39.12 18.16 -42.61
CA VAL F 254 -39.53 16.80 -43.02
C VAL F 254 -39.25 15.81 -41.89
N PRO F 255 -40.20 14.89 -41.61
CA PRO F 255 -40.02 13.89 -40.54
C PRO F 255 -38.68 13.17 -40.55
N ARG F 256 -38.06 13.03 -39.38
CA ARG F 256 -36.83 12.27 -39.18
C ARG F 256 -37.02 11.28 -38.02
N PRO F 257 -36.27 10.16 -38.02
CA PRO F 257 -36.39 9.16 -36.95
C PRO F 257 -35.60 9.57 -35.71
N TYR F 258 -36.20 10.43 -34.91
CA TYR F 258 -35.51 11.01 -33.75
C TYR F 258 -35.38 9.99 -32.61
N GLU F 259 -34.21 9.99 -31.96
CA GLU F 259 -33.88 9.03 -30.88
C GLU F 259 -34.49 9.47 -29.55
N LYS F 260 -34.15 10.69 -29.13
CA LYS F 260 -34.63 11.29 -27.89
C LYS F 260 -35.40 12.56 -28.21
N TYR F 261 -36.05 13.13 -27.19
CA TYR F 261 -36.67 14.45 -27.31
C TYR F 261 -36.54 15.23 -26.02
N TYR F 262 -36.47 16.55 -26.14
CA TYR F 262 -36.83 17.46 -25.05
C TYR F 262 -37.77 18.55 -25.55
N VAL F 263 -38.39 19.23 -24.58
CA VAL F 263 -39.05 20.51 -24.80
C VAL F 263 -38.30 21.52 -23.94
N SER F 264 -38.02 22.70 -24.51
CA SER F 264 -37.42 23.81 -23.78
C SER F 264 -38.43 24.94 -23.74
N CYS F 265 -38.46 25.70 -22.65
CA CYS F 265 -39.52 26.66 -22.42
C CYS F 265 -39.12 27.96 -21.71
N ASP F 266 -39.27 29.09 -22.41
CA ASP F 266 -39.25 30.41 -21.79
C ASP F 266 -40.69 30.67 -21.36
N TYR F 267 -40.93 30.78 -20.05
CA TYR F 267 -42.28 31.05 -19.54
C TYR F 267 -42.56 32.55 -19.58
N GLY F 268 -43.82 32.92 -19.83
CA GLY F 268 -44.22 34.32 -19.80
C GLY F 268 -45.72 34.53 -19.92
N THR F 269 -46.33 35.07 -18.87
CA THR F 269 -47.77 35.35 -18.87
C THR F 269 -48.04 36.70 -19.56
N GLN F 270 -47.43 37.74 -19.01
CA GLN F 270 -47.42 39.09 -19.60
C GLN F 270 -46.67 39.16 -20.94
N ASN F 271 -45.56 38.42 -21.03
CA ASN F 271 -44.71 38.37 -22.22
C ASN F 271 -45.06 37.15 -23.08
N PRO F 272 -44.29 36.91 -24.16
CA PRO F 272 -44.43 35.64 -24.86
C PRO F 272 -44.00 34.43 -24.04
N THR F 273 -44.75 33.34 -24.18
CA THR F 273 -44.30 32.00 -23.76
C THR F 273 -43.92 31.24 -25.02
N THR F 274 -42.82 30.49 -24.95
CA THR F 274 -42.39 29.65 -26.06
C THR F 274 -42.08 28.24 -25.57
N PHE F 275 -42.41 27.26 -26.40
CA PHE F 275 -41.92 25.89 -26.26
C PHE F 275 -41.01 25.64 -27.46
N GLY F 276 -40.28 24.54 -27.43
CA GLY F 276 -39.48 24.13 -28.57
C GLY F 276 -39.14 22.65 -28.51
N LEU F 277 -39.61 21.88 -29.49
CA LEU F 277 -39.38 20.43 -29.51
C LEU F 277 -38.00 20.20 -30.09
N TRP F 278 -37.07 19.78 -29.24
CA TRP F 278 -35.74 19.37 -29.69
C TRP F 278 -35.75 17.86 -29.89
N GLY F 279 -35.01 17.37 -30.88
CA GLY F 279 -34.97 15.94 -31.19
C GLY F 279 -33.65 15.48 -31.79
N LEU F 280 -33.08 14.42 -31.25
CA LEU F 280 -31.75 13.95 -31.66
C LEU F 280 -31.82 13.05 -32.89
N TYR F 281 -30.87 13.22 -33.80
CA TYR F 281 -30.78 12.40 -34.99
C TYR F 281 -29.36 12.45 -35.58
N ASN F 282 -28.60 11.39 -35.35
CA ASN F 282 -27.21 11.25 -35.81
C ASN F 282 -26.29 12.35 -35.29
N GLY F 283 -26.29 12.51 -33.98
CA GLY F 283 -25.42 13.46 -33.29
C GLY F 283 -25.81 14.92 -33.34
N VAL F 284 -26.95 15.23 -33.95
CA VAL F 284 -27.38 16.61 -34.13
C VAL F 284 -28.77 16.74 -33.52
N TRP F 285 -28.97 17.77 -32.71
CA TRP F 285 -30.28 18.09 -32.17
C TRP F 285 -30.99 19.07 -33.11
N TYR F 286 -32.23 18.75 -33.48
CA TYR F 286 -33.04 19.57 -34.38
C TYR F 286 -34.17 20.21 -33.61
N LYS F 287 -34.27 21.54 -33.66
CA LYS F 287 -35.48 22.23 -33.18
C LYS F 287 -36.58 21.93 -34.21
N VAL F 288 -37.40 20.92 -33.89
CA VAL F 288 -38.33 20.31 -34.86
C VAL F 288 -39.50 21.23 -35.15
N LYS F 289 -39.99 21.92 -34.12
CA LYS F 289 -40.99 22.96 -34.30
C LYS F 289 -40.97 23.93 -33.11
N GLU F 290 -41.75 25.00 -33.21
CA GLU F 290 -41.82 26.03 -32.18
C GLU F 290 -43.25 26.37 -31.82
N TYR F 291 -43.44 26.72 -30.55
CA TYR F 291 -44.67 27.30 -30.02
C TYR F 291 -44.30 28.73 -29.68
N HIS F 292 -45.25 29.65 -29.83
CA HIS F 292 -45.00 31.07 -29.58
C HIS F 292 -46.34 31.76 -29.33
N TYR F 293 -46.65 32.02 -28.07
CA TYR F 293 -47.92 32.66 -27.68
C TYR F 293 -47.67 34.02 -27.03
N ASP F 294 -48.18 35.08 -27.66
CA ASP F 294 -48.08 36.45 -27.13
C ASP F 294 -49.36 36.88 -26.40
N GLY F 295 -49.21 37.35 -25.17
CA GLY F 295 -50.33 37.94 -24.42
C GLY F 295 -50.87 39.21 -25.06
N ARG F 296 -49.97 40.14 -25.37
CA ARG F 296 -50.33 41.47 -25.91
C ARG F 296 -50.98 41.40 -27.28
N LYS F 297 -50.35 40.66 -28.19
CA LYS F 297 -50.81 40.57 -29.59
C LYS F 297 -52.16 39.87 -29.67
N GLU F 298 -52.27 38.72 -29.01
CA GLU F 298 -53.52 37.95 -28.99
C GLU F 298 -54.59 38.60 -28.10
N ASN F 299 -54.17 39.53 -27.23
CA ASN F 299 -55.05 40.34 -26.39
C ASN F 299 -55.74 39.48 -25.31
N LYS F 300 -54.99 38.50 -24.80
CA LYS F 300 -55.50 37.46 -23.92
C LYS F 300 -54.31 36.72 -23.31
N GLN F 301 -54.11 36.88 -22.00
CA GLN F 301 -53.06 36.14 -21.29
C GLN F 301 -53.49 34.68 -21.12
N LYS F 302 -52.53 33.84 -20.72
CA LYS F 302 -52.82 32.43 -20.49
C LYS F 302 -52.38 31.98 -19.10
N THR F 303 -53.18 31.10 -18.51
CA THR F 303 -52.89 30.50 -17.21
C THR F 303 -51.93 29.34 -17.38
N ASP F 304 -51.37 28.89 -16.26
CA ASP F 304 -50.43 27.75 -16.24
C ASP F 304 -51.13 26.49 -16.70
N GLN F 305 -52.42 26.39 -16.39
CA GLN F 305 -53.27 25.31 -16.88
C GLN F 305 -53.29 25.32 -18.40
N GLU F 306 -53.62 26.47 -18.97
CA GLU F 306 -53.70 26.60 -20.43
C GLU F 306 -52.39 26.27 -21.14
N TYR F 307 -51.27 26.68 -20.55
CA TYR F 307 -49.95 26.31 -21.07
C TYR F 307 -49.64 24.82 -20.90
N TYR F 308 -50.06 24.22 -19.77
CA TYR F 308 -49.93 22.77 -19.59
C TYR F 308 -50.71 22.03 -20.67
N GLU F 309 -51.96 22.44 -20.89
CA GLU F 309 -52.79 21.87 -21.95
C GLU F 309 -52.10 21.95 -23.32
N ASP F 310 -51.62 23.15 -23.66
CA ASP F 310 -50.90 23.40 -24.91
C ASP F 310 -49.63 22.56 -25.02
N LEU F 311 -48.92 22.40 -23.91
CA LEU F 311 -47.70 21.58 -23.89
C LEU F 311 -47.98 20.12 -24.25
N MET F 312 -49.14 19.61 -23.86
CA MET F 312 -49.54 18.24 -24.17
C MET F 312 -49.87 18.08 -25.66
N LYS F 313 -50.64 19.04 -26.21
CA LYS F 313 -50.91 19.08 -27.67
C LYS F 313 -49.62 19.19 -28.46
N PHE F 314 -48.69 20.00 -27.97
CA PHE F 314 -47.37 20.20 -28.58
C PHE F 314 -46.56 18.89 -28.70
N ILE F 315 -46.74 17.95 -27.77
CA ILE F 315 -46.00 16.67 -27.78
C ILE F 315 -46.89 15.41 -27.94
N GLU F 316 -48.10 15.58 -28.48
CA GLU F 316 -48.99 14.44 -28.80
C GLU F 316 -48.29 13.37 -29.62
N ASP F 317 -47.73 13.80 -30.73
CA ASP F 317 -47.27 12.90 -31.79
C ASP F 317 -46.03 12.06 -31.40
N ILE F 318 -45.22 12.56 -30.45
CA ILE F 318 -43.98 11.86 -30.07
C ILE F 318 -44.25 10.71 -29.09
N GLU F 319 -43.38 9.71 -29.13
CA GLU F 319 -43.48 8.55 -28.26
C GLU F 319 -42.92 8.94 -26.91
N LYS F 320 -43.68 8.68 -25.85
CA LYS F 320 -43.30 9.10 -24.50
C LYS F 320 -42.07 8.37 -23.95
N HIS F 321 -41.70 7.22 -24.51
CA HIS F 321 -40.47 6.54 -24.07
C HIS F 321 -39.20 7.23 -24.58
N LYS F 322 -39.33 8.07 -25.61
CA LYS F 322 -38.22 8.90 -26.12
C LYS F 322 -38.21 10.33 -25.54
N PHE F 323 -39.33 10.77 -24.97
CA PHE F 323 -39.45 12.11 -24.38
C PHE F 323 -38.79 12.14 -23.01
N LYS F 324 -37.73 12.94 -22.89
CA LYS F 324 -36.89 12.97 -21.68
C LYS F 324 -37.13 14.16 -20.73
N GLY F 325 -38.17 14.97 -20.97
CA GLY F 325 -38.59 16.04 -20.05
C GLY F 325 -38.64 17.45 -20.61
N VAL F 326 -39.24 18.35 -19.82
CA VAL F 326 -39.42 19.76 -20.18
C VAL F 326 -38.40 20.60 -19.41
N ILE F 327 -37.53 21.30 -20.13
CA ILE F 327 -36.55 22.20 -19.52
C ILE F 327 -37.17 23.58 -19.36
N VAL F 328 -37.19 24.10 -18.14
CA VAL F 328 -37.87 25.37 -17.85
C VAL F 328 -37.09 26.16 -16.79
N ASP F 329 -37.18 27.49 -16.87
CA ASP F 329 -36.52 28.38 -15.94
C ASP F 329 -37.12 28.22 -14.55
N PRO F 330 -36.27 28.08 -13.50
CA PRO F 330 -36.72 27.98 -12.10
C PRO F 330 -37.68 29.08 -11.62
N SER F 331 -37.62 30.26 -12.23
CA SER F 331 -38.56 31.35 -11.91
C SER F 331 -40.03 30.99 -12.12
N ALA F 332 -40.31 30.15 -13.12
CA ALA F 332 -41.69 29.69 -13.40
C ALA F 332 -42.05 28.47 -12.55
N ALA F 333 -42.04 28.64 -11.23
CA ALA F 333 -42.25 27.54 -10.27
C ALA F 333 -43.70 27.08 -10.29
N SER F 334 -44.62 28.05 -10.27
CA SER F 334 -46.06 27.81 -10.42
C SER F 334 -46.40 26.86 -11.59
N PHE F 335 -45.69 27.00 -12.70
CA PHE F 335 -45.80 26.11 -13.85
C PHE F 335 -45.14 24.77 -13.55
N ILE F 336 -43.93 24.80 -12.97
CA ILE F 336 -43.17 23.59 -12.63
C ILE F 336 -43.94 22.69 -11.63
N ALA F 337 -44.61 23.32 -10.68
CA ALA F 337 -45.46 22.61 -9.71
C ALA F 337 -46.55 21.81 -10.42
N LEU F 338 -47.25 22.49 -11.33
CA LEU F 338 -48.34 21.88 -12.09
C LEU F 338 -47.83 20.73 -12.95
N LEU F 339 -46.78 20.99 -13.72
CA LEU F 339 -46.17 19.96 -14.58
C LEU F 339 -45.78 18.71 -13.81
N ARG F 340 -45.23 18.90 -12.61
CA ARG F 340 -44.84 17.77 -11.75
C ARG F 340 -46.05 17.03 -11.18
N GLN F 341 -47.09 17.78 -10.79
CA GLN F 341 -48.36 17.17 -10.41
C GLN F 341 -48.92 16.30 -11.52
N LYS F 342 -48.76 16.73 -12.77
CA LYS F 342 -49.25 15.96 -13.92
C LYS F 342 -48.24 14.90 -14.42
N GLY F 343 -47.24 14.55 -13.60
CA GLY F 343 -46.29 13.49 -13.93
C GLY F 343 -45.31 13.80 -15.06
N ILE F 344 -45.11 15.09 -15.34
CA ILE F 344 -44.18 15.52 -16.39
C ILE F 344 -42.82 15.74 -15.74
N LYS F 345 -41.77 15.18 -16.33
CA LYS F 345 -40.40 15.41 -15.85
C LYS F 345 -40.00 16.84 -16.18
N VAL F 346 -39.56 17.57 -15.17
CA VAL F 346 -39.08 18.93 -15.33
C VAL F 346 -37.58 18.93 -15.08
N ILE F 347 -36.84 19.66 -15.91
CA ILE F 347 -35.42 19.91 -15.68
C ILE F 347 -35.26 21.41 -15.48
N LYS F 348 -34.72 21.82 -14.34
CA LYS F 348 -34.44 23.23 -14.08
C LYS F 348 -33.26 23.67 -14.95
N ALA F 349 -33.47 24.73 -15.72
CA ALA F 349 -32.53 25.17 -16.74
C ALA F 349 -31.31 25.83 -16.12
N LYS F 350 -30.13 25.49 -16.64
CA LYS F 350 -28.89 26.21 -16.31
C LYS F 350 -28.96 27.61 -16.94
N ASN F 351 -29.44 28.57 -16.15
CA ASN F 351 -29.80 29.90 -16.64
C ASN F 351 -28.64 30.90 -16.68
N ASP F 352 -27.42 30.43 -16.91
CA ASP F 352 -26.26 31.33 -17.04
C ASP F 352 -26.39 32.05 -18.38
N VAL F 353 -26.60 33.37 -18.32
CA VAL F 353 -26.91 34.18 -19.51
C VAL F 353 -25.69 34.25 -20.42
N LEU F 354 -24.61 34.81 -19.89
CA LEU F 354 -23.41 35.06 -20.68
C LEU F 354 -22.77 33.75 -21.15
N ASP F 355 -22.70 32.75 -20.28
CA ASP F 355 -22.09 31.46 -20.63
C ASP F 355 -22.99 30.62 -21.52
N GLY F 356 -24.30 30.78 -21.38
CA GLY F 356 -25.27 30.13 -22.26
C GLY F 356 -25.18 30.68 -23.67
N ILE F 357 -25.22 32.01 -23.80
CA ILE F 357 -25.06 32.68 -25.10
C ILE F 357 -23.78 32.21 -25.79
N ARG F 358 -22.69 32.17 -25.03
CA ARG F 358 -21.40 31.69 -25.54
C ARG F 358 -21.49 30.26 -26.11
N ASN F 359 -22.20 29.38 -25.39
CA ASN F 359 -22.39 27.98 -25.80
C ASN F 359 -23.32 27.79 -27.00
N VAL F 360 -24.41 28.55 -27.04
CA VAL F 360 -25.36 28.50 -28.17
C VAL F 360 -24.61 28.76 -29.48
N ALA F 361 -23.76 29.79 -29.46
CA ALA F 361 -22.88 30.12 -30.58
C ALA F 361 -21.96 28.97 -30.97
N THR F 362 -21.31 28.38 -29.97
CA THR F 362 -20.42 27.23 -30.17
C THR F 362 -21.15 26.02 -30.77
N ALA F 363 -22.39 25.81 -30.36
CA ALA F 363 -23.24 24.76 -30.95
C ALA F 363 -23.61 25.09 -32.40
N LEU F 364 -23.92 26.37 -32.67
CA LEU F 364 -24.17 26.83 -34.04
C LEU F 364 -22.93 26.64 -34.93
N ASN F 365 -21.75 27.00 -34.40
CA ASN F 365 -20.49 26.90 -35.14
C ASN F 365 -20.05 25.45 -35.42
N LYS F 366 -20.17 24.58 -34.42
CA LYS F 366 -19.86 23.15 -34.59
C LYS F 366 -20.99 22.36 -35.28
N LYS F 367 -22.15 22.99 -35.45
CA LYS F 367 -23.37 22.35 -35.96
C LYS F 367 -23.89 21.21 -35.08
N MET F 368 -23.80 21.43 -33.77
CA MET F 368 -24.44 20.56 -32.77
C MET F 368 -25.96 20.71 -32.81
N ILE F 369 -26.44 21.85 -33.29
CA ILE F 369 -27.85 22.10 -33.52
C ILE F 369 -28.15 22.58 -34.95
N LEU F 370 -29.35 22.22 -35.43
CA LEU F 370 -29.91 22.75 -36.67
C LEU F 370 -31.38 23.04 -36.47
N TYR F 371 -31.98 23.81 -37.37
CA TYR F 371 -33.37 24.28 -37.20
C TYR F 371 -34.24 23.92 -38.39
N ASN F 372 -35.45 23.40 -38.12
CA ASN F 372 -36.45 23.21 -39.18
C ASN F 372 -36.94 24.58 -39.65
N ASP F 373 -37.17 24.71 -40.95
CA ASP F 373 -37.52 26.00 -41.56
C ASP F 373 -38.83 26.61 -41.02
N CYS F 374 -39.65 25.79 -40.37
CA CYS F 374 -40.85 26.27 -39.67
C CYS F 374 -40.59 27.09 -38.41
N CYS F 375 -39.37 27.11 -37.89
CA CYS F 375 -39.02 27.95 -36.71
C CYS F 375 -38.90 29.44 -37.08
N LYS F 376 -40.01 30.03 -37.52
CA LYS F 376 -40.02 31.38 -38.09
C LYS F 376 -39.72 32.46 -37.07
N GLU F 377 -40.36 32.38 -35.91
CA GLU F 377 -40.17 33.35 -34.83
C GLU F 377 -38.73 33.32 -34.29
N THR F 378 -38.17 32.11 -34.19
CA THR F 378 -36.79 31.94 -33.75
C THR F 378 -35.82 32.66 -34.69
N PHE F 379 -35.96 32.45 -35.99
CA PHE F 379 -35.02 33.05 -36.97
C PHE F 379 -35.10 34.57 -36.99
N ARG F 380 -36.29 35.11 -36.78
CA ARG F 380 -36.47 36.56 -36.66
C ARG F 380 -35.71 37.09 -35.46
N GLU F 381 -35.75 36.36 -34.34
CA GLU F 381 -35.03 36.77 -33.14
C GLU F 381 -33.52 36.76 -33.34
N TYR F 382 -32.99 35.76 -34.04
CA TYR F 382 -31.56 35.73 -34.36
C TYR F 382 -31.06 37.05 -34.98
N SER F 383 -31.83 37.61 -35.88
CA SER F 383 -31.47 38.87 -36.55
C SER F 383 -31.64 40.14 -35.72
N SER F 384 -32.25 40.05 -34.52
CA SER F 384 -32.47 41.21 -33.65
C SER F 384 -31.98 41.03 -32.21
N TYR F 385 -31.19 39.98 -31.96
CA TYR F 385 -30.60 39.76 -30.64
C TYR F 385 -29.28 40.49 -30.66
N VAL F 386 -29.19 41.54 -29.85
CA VAL F 386 -28.05 42.45 -29.86
C VAL F 386 -27.53 42.70 -28.45
N TRP F 387 -26.22 42.87 -28.34
CA TRP F 387 -25.58 43.23 -27.09
C TRP F 387 -26.05 44.62 -26.64
N ASP F 388 -26.19 44.79 -25.32
CA ASP F 388 -26.47 46.12 -24.76
C ASP F 388 -25.21 46.98 -24.95
N GLU F 389 -25.29 47.92 -25.88
CA GLU F 389 -24.16 48.76 -26.28
C GLU F 389 -23.73 49.73 -25.18
N LYS F 390 -24.70 50.35 -24.51
CA LYS F 390 -24.43 51.32 -23.44
C LYS F 390 -23.73 50.64 -22.26
N ALA F 391 -24.27 49.50 -21.84
CA ALA F 391 -23.71 48.72 -20.74
C ALA F 391 -22.36 48.10 -21.07
N ALA F 392 -22.15 47.68 -22.31
CA ALA F 392 -20.86 47.09 -22.73
C ALA F 392 -19.69 48.07 -22.55
N GLU F 393 -19.92 49.35 -22.81
CA GLU F 393 -18.87 50.38 -22.59
C GLU F 393 -18.86 50.97 -21.17
N ARG F 394 -19.68 50.42 -20.28
CA ARG F 394 -19.46 50.50 -18.83
C ARG F 394 -18.65 49.29 -18.29
N GLY F 395 -18.31 48.33 -19.15
CA GLY F 395 -17.64 47.09 -18.76
C GLY F 395 -18.49 45.82 -18.82
N GLU F 396 -19.81 45.99 -18.66
CA GLU F 396 -20.77 44.90 -18.48
C GLU F 396 -21.38 44.37 -19.81
N ASP F 397 -21.00 43.16 -20.21
CA ASP F 397 -21.53 42.53 -21.42
C ASP F 397 -22.90 41.90 -21.12
N LYS F 398 -23.94 42.47 -21.72
CA LYS F 398 -25.33 42.02 -21.51
C LYS F 398 -26.04 41.89 -22.84
N PRO F 399 -27.07 41.03 -22.91
CA PRO F 399 -28.01 41.10 -24.04
C PRO F 399 -29.14 42.10 -23.77
N VAL F 400 -29.62 42.75 -24.82
CA VAL F 400 -30.83 43.57 -24.74
C VAL F 400 -32.02 42.62 -24.66
N LYS F 401 -32.67 42.55 -23.50
CA LYS F 401 -33.71 41.55 -23.27
C LYS F 401 -34.99 41.93 -24.03
N GLN F 402 -35.00 41.64 -25.33
CA GLN F 402 -36.14 42.00 -26.18
C GLN F 402 -36.09 41.22 -27.49
N ASN F 403 -37.19 40.55 -27.84
CA ASN F 403 -37.23 39.55 -28.90
C ASN F 403 -36.20 38.43 -28.60
N ASP F 404 -36.27 37.90 -27.38
CA ASP F 404 -35.28 36.91 -26.89
C ASP F 404 -35.92 35.62 -26.35
N HIS F 405 -37.18 35.38 -26.71
CA HIS F 405 -37.99 34.37 -26.02
C HIS F 405 -37.78 32.97 -26.57
N GLN F 406 -37.70 32.84 -27.89
CA GLN F 406 -37.24 31.60 -28.50
C GLN F 406 -35.75 31.40 -28.19
N LEU F 407 -34.96 32.46 -28.31
CA LEU F 407 -33.50 32.37 -28.11
C LEU F 407 -33.07 32.09 -26.66
N ASP F 408 -33.88 32.48 -25.68
CA ASP F 408 -33.63 32.15 -24.26
C ASP F 408 -33.93 30.66 -24.03
N ALA F 409 -35.06 30.18 -24.55
CA ALA F 409 -35.40 28.76 -24.52
C ALA F 409 -34.33 27.89 -25.19
N ASP F 410 -33.88 28.31 -26.37
CA ASP F 410 -32.80 27.61 -27.09
C ASP F 410 -31.52 27.56 -26.27
N ARG F 411 -31.25 28.64 -25.53
CA ARG F 411 -30.11 28.70 -24.62
C ARG F 411 -30.29 27.74 -23.45
N TYR F 412 -31.47 27.75 -22.84
CA TYR F 412 -31.78 26.82 -21.74
C TYR F 412 -31.51 25.39 -22.17
N PHE F 413 -31.91 25.02 -23.38
CA PHE F 413 -31.67 23.67 -23.92
C PHE F 413 -30.19 23.36 -24.15
N VAL F 414 -29.52 24.23 -24.90
CA VAL F 414 -28.11 24.02 -25.28
C VAL F 414 -27.23 23.98 -24.04
N ASN F 415 -27.43 24.96 -23.15
CA ASN F 415 -26.62 25.10 -21.93
C ASN F 415 -26.85 23.96 -20.93
N THR F 416 -28.07 23.42 -20.88
CA THR F 416 -28.43 22.34 -19.94
C THR F 416 -28.15 20.93 -20.48
N ILE F 417 -28.47 20.67 -21.74
CA ILE F 417 -28.39 19.32 -22.32
C ILE F 417 -27.05 19.06 -23.04
N LEU F 418 -26.69 19.94 -23.96
CA LEU F 418 -25.48 19.76 -24.79
C LEU F 418 -24.19 19.96 -24.00
N PHE F 419 -24.16 21.00 -23.18
CA PHE F 419 -23.00 21.34 -22.36
C PHE F 419 -23.24 20.96 -20.89
N GLY F 420 -22.21 20.46 -20.22
CA GLY F 420 -22.32 19.76 -18.92
C GLY F 420 -23.64 19.80 -18.16
#